data_2X1C
#
_entry.id   2X1C
#
_cell.length_a   231.225
_cell.length_b   68.233
_cell.length_c   151.277
_cell.angle_alpha   90.00
_cell.angle_beta   129.57
_cell.angle_gamma   90.00
#
_symmetry.space_group_name_H-M   'C 1 2 1'
#
loop_
_entity.id
_entity.type
_entity.pdbx_description
1 polymer ACYL-COENZYME
2 non-polymer 'SULFATE ION'
3 non-polymer GLYCEROL
4 non-polymer 'CHLORIDE ION'
5 water water
#
_entity_poly.entity_id   1
_entity_poly.type   'polypeptide(L)'
_entity_poly.pdbx_seq_one_letter_code
;MLHILCQGTPFEIGYEHGSAAKAVIARSIDFAVDLIRGKTKKTDEELKQVLSQLGRVIEERWPKYYEEIRGIAKGAERDV
SEIVMLNTRTEFAYGLKAARDGATTAYCQLPNGALQGQNWDFFSATKENLIRLTIRQAGLPTIKFITEAGIIGKVGFNSA
GVAVNYNALHLQGLRPTGVPSHIALRIALESTSPSQAYDRIVEQGGMAASAFIMVGNGHEAFGLEFSPTSIRKQVLDANG
RMVHTNHCLLQHGKNEKELDPLPDSWNRHQRMEFLLDGFDGTKQAFAQLWADEDNYPFSICRAYEEGKSRGATLFNIIYD
HARREATVRLGRPTNPDEMFVMRFDEEDERSALNARL
;
_entity_poly.pdbx_strand_id   A,B,C,D
#
# COMPACT_ATOMS: atom_id res chain seq x y z
N MET A 1 -16.14 -37.82 10.86
CA MET A 1 -15.24 -37.14 11.83
C MET A 1 -16.08 -36.43 12.89
N LEU A 2 -15.69 -36.63 14.14
CA LEU A 2 -16.33 -35.95 15.26
C LEU A 2 -16.21 -34.43 15.07
N HIS A 3 -17.34 -33.75 15.15
CA HIS A 3 -17.40 -32.29 15.04
C HIS A 3 -17.97 -31.73 16.33
N ILE A 4 -17.17 -30.94 17.04
CA ILE A 4 -17.60 -30.38 18.32
C ILE A 4 -17.78 -28.87 18.22
N LEU A 5 -18.97 -28.39 18.56
CA LEU A 5 -19.22 -26.94 18.67
C LEU A 5 -18.94 -26.46 20.10
N CYS A 6 -17.97 -25.54 20.21
CA CYS A 6 -17.55 -24.99 21.49
C CYS A 6 -17.85 -23.51 21.57
N GLN A 7 -18.45 -23.09 22.67
CA GLN A 7 -18.77 -21.67 22.88
C GLN A 7 -18.82 -21.29 24.35
N GLY A 8 -18.67 -20.00 24.62
CA GLY A 8 -18.76 -19.49 25.99
C GLY A 8 -17.40 -18.96 26.43
N THR A 9 -17.09 -19.17 27.72
CA THR A 9 -15.81 -18.76 28.29
C THR A 9 -14.70 -19.71 27.82
N PRO A 10 -13.42 -19.30 27.96
CA PRO A 10 -12.35 -20.23 27.57
C PRO A 10 -12.46 -21.59 28.27
N PHE A 11 -12.78 -21.59 29.56
CA PHE A 11 -12.95 -22.87 30.28
C PHE A 11 -14.10 -23.71 29.70
N GLU A 12 -15.24 -23.06 29.42
CA GLU A 12 -16.42 -23.76 28.88
C GLU A 12 -16.12 -24.34 27.48
N ILE A 13 -15.35 -23.60 26.69
CA ILE A 13 -14.91 -24.04 25.36
C ILE A 13 -14.05 -25.29 25.50
N GLY A 14 -13.09 -25.24 26.42
CA GLY A 14 -12.19 -26.37 26.64
C GLY A 14 -12.95 -27.59 27.18
N TYR A 15 -13.87 -27.35 28.10
CA TYR A 15 -14.66 -28.42 28.71
C TYR A 15 -15.52 -29.16 27.68
N GLU A 16 -16.12 -28.43 26.74
CA GLU A 16 -16.92 -29.06 25.69
C GLU A 16 -16.07 -29.96 24.81
N HIS A 17 -14.91 -29.46 24.41
CA HIS A 17 -13.89 -30.20 23.66
C HIS A 17 -13.49 -31.47 24.41
N GLY A 18 -13.07 -31.32 25.66
CA GLY A 18 -12.60 -32.46 26.45
C GLY A 18 -13.67 -33.52 26.69
N SER A 19 -14.90 -33.07 26.98
CA SER A 19 -16.02 -33.96 27.26
C SER A 19 -16.46 -34.75 26.05
N ALA A 20 -16.71 -34.03 24.95
CA ALA A 20 -17.16 -34.66 23.72
C ALA A 20 -16.12 -35.57 23.07
N ALA A 21 -14.84 -35.24 23.24
CA ALA A 21 -13.76 -36.02 22.65
C ALA A 21 -13.00 -36.87 23.66
N LYS A 22 -13.63 -37.14 24.82
CA LYS A 22 -12.97 -37.81 25.94
C LYS A 22 -12.20 -39.07 25.56
N ALA A 23 -12.88 -39.97 24.86
CA ALA A 23 -12.26 -41.23 24.46
C ALA A 23 -11.14 -41.02 23.46
N VAL A 24 -11.30 -40.04 22.56
CA VAL A 24 -10.30 -39.75 21.54
C VAL A 24 -9.04 -39.14 22.17
N ILE A 25 -9.24 -38.25 23.14
CA ILE A 25 -8.12 -37.62 23.84
C ILE A 25 -7.29 -38.68 24.60
N ALA A 26 -7.96 -39.66 25.19
CA ALA A 26 -7.26 -40.76 25.86
C ALA A 26 -6.32 -41.46 24.88
N ARG A 27 -6.79 -41.69 23.66
CA ARG A 27 -5.97 -42.29 22.59
C ARG A 27 -4.83 -41.39 22.14
N SER A 28 -5.10 -40.08 22.03
CA SER A 28 -4.06 -39.10 21.68
C SER A 28 -2.92 -39.13 22.69
N ILE A 29 -3.28 -39.16 23.98
CA ILE A 29 -2.28 -39.17 25.03
C ILE A 29 -1.45 -40.45 24.97
N ASP A 30 -2.13 -41.60 24.92
CA ASP A 30 -1.44 -42.88 24.90
C ASP A 30 -0.48 -42.97 23.72
N PHE A 31 -0.90 -42.44 22.57
CA PHE A 31 -0.04 -42.44 21.40
C PHE A 31 1.18 -41.54 21.57
N ALA A 32 0.95 -40.32 22.06
CA ALA A 32 2.04 -39.37 22.30
C ALA A 32 3.05 -39.93 23.31
N VAL A 33 2.55 -40.55 24.38
CA VAL A 33 3.41 -41.14 25.40
C VAL A 33 4.23 -42.31 24.83
N ASP A 34 3.60 -43.12 23.99
CA ASP A 34 4.28 -44.24 23.32
C ASP A 34 5.40 -43.74 22.41
N LEU A 35 5.12 -42.66 21.70
CA LEU A 35 6.07 -42.03 20.78
C LEU A 35 7.35 -41.59 21.49
N ILE A 36 7.19 -41.04 22.70
CA ILE A 36 8.29 -40.45 23.46
C ILE A 36 9.05 -41.50 24.29
N ARG A 37 8.30 -42.30 25.04
CA ARG A 37 8.88 -43.37 25.88
C ARG A 37 9.78 -44.32 25.11
N GLY A 38 9.50 -44.48 23.82
CA GLY A 38 10.32 -45.32 22.95
C GLY A 38 11.64 -44.70 22.53
N LYS A 39 11.91 -43.45 22.96
CA LYS A 39 13.10 -42.73 22.49
C LYS A 39 13.95 -41.98 23.54
N THR A 40 13.49 -41.91 24.78
CA THR A 40 14.18 -41.10 25.79
C THR A 40 14.82 -41.83 26.98
N LYS A 41 15.90 -41.24 27.48
CA LYS A 41 16.67 -41.74 28.61
C LYS A 41 16.03 -41.34 29.96
N LYS A 42 15.19 -40.30 29.92
CA LYS A 42 14.59 -39.68 31.10
C LYS A 42 13.44 -40.50 31.69
N THR A 43 13.23 -40.35 33.00
CA THR A 43 12.09 -40.97 33.68
C THR A 43 10.79 -40.16 33.48
N ASP A 44 9.66 -40.80 33.72
CA ASP A 44 8.35 -40.13 33.67
C ASP A 44 8.26 -38.97 34.66
N GLU A 45 8.83 -39.16 35.85
CA GLU A 45 8.84 -38.13 36.88
C GLU A 45 9.56 -36.86 36.41
N GLU A 46 10.69 -37.04 35.73
CA GLU A 46 11.42 -35.91 35.18
C GLU A 46 10.63 -35.23 34.06
N LEU A 47 10.03 -36.04 33.19
CA LEU A 47 9.25 -35.49 32.07
C LEU A 47 8.03 -34.73 32.54
N LYS A 48 7.38 -35.22 33.60
CA LYS A 48 6.25 -34.53 34.21
C LYS A 48 6.66 -33.14 34.69
N GLN A 49 7.86 -33.05 35.27
CA GLN A 49 8.40 -31.77 35.69
C GLN A 49 8.64 -30.81 34.52
N VAL A 50 9.12 -31.34 33.40
CA VAL A 50 9.27 -30.52 32.19
C VAL A 50 7.90 -29.97 31.75
N LEU A 51 6.87 -30.83 31.81
CA LEU A 51 5.51 -30.43 31.42
C LEU A 51 4.94 -29.38 32.38
N SER A 52 5.30 -29.50 33.66
CA SER A 52 4.90 -28.50 34.65
C SER A 52 5.48 -27.13 34.29
N GLN A 53 6.76 -27.10 33.89
CA GLN A 53 7.38 -25.85 33.46
C GLN A 53 6.74 -25.27 32.20
N LEU A 54 6.45 -26.11 31.21
CA LEU A 54 5.79 -25.65 29.98
C LEU A 54 4.38 -25.11 30.27
N GLY A 55 3.67 -25.78 31.18
CA GLY A 55 2.34 -25.34 31.59
C GLY A 55 2.35 -23.99 32.28
N ARG A 56 3.37 -23.75 33.11
CA ARG A 56 3.51 -22.47 33.81
C ARG A 56 3.78 -21.30 32.85
N VAL A 57 4.55 -21.56 31.79
CA VAL A 57 4.77 -20.58 30.72
C VAL A 57 3.44 -20.19 30.06
N ILE A 58 2.63 -21.18 29.69
CA ILE A 58 1.34 -20.91 29.04
C ILE A 58 0.42 -20.16 30.02
N GLU A 59 0.40 -20.61 31.26
CA GLU A 59 -0.43 -19.97 32.30
C GLU A 59 -0.10 -18.49 32.45
N GLU A 60 1.19 -18.17 32.48
CA GLU A 60 1.60 -16.77 32.64
C GLU A 60 1.40 -15.94 31.37
N ARG A 61 1.79 -16.51 30.24
CA ARG A 61 1.84 -15.75 28.99
C ARG A 61 0.51 -15.66 28.24
N TRP A 62 -0.25 -16.74 28.21
CA TRP A 62 -1.52 -16.80 27.46
C TRP A 62 -2.61 -17.39 28.36
N PRO A 63 -3.03 -16.63 29.40
CA PRO A 63 -3.95 -17.18 30.40
C PRO A 63 -5.28 -17.68 29.82
N LYS A 64 -5.75 -17.08 28.74
CA LYS A 64 -7.01 -17.52 28.14
C LYS A 64 -6.86 -18.90 27.52
N TYR A 65 -5.71 -19.15 26.90
CA TYR A 65 -5.43 -20.46 26.33
C TYR A 65 -5.22 -21.50 27.42
N TYR A 66 -4.58 -21.09 28.51
CA TYR A 66 -4.38 -22.00 29.65
C TYR A 66 -5.71 -22.40 30.29
N GLU A 67 -6.62 -21.45 30.40
CA GLU A 67 -7.95 -21.75 30.93
C GLU A 67 -8.69 -22.76 30.04
N GLU A 68 -8.55 -22.61 28.73
CA GLU A 68 -9.13 -23.55 27.79
C GLU A 68 -8.50 -24.94 27.97
N ILE A 69 -7.17 -24.96 28.14
CA ILE A 69 -6.44 -26.21 28.41
C ILE A 69 -6.90 -26.89 29.70
N ARG A 70 -7.08 -26.10 30.76
CA ARG A 70 -7.65 -26.62 32.02
C ARG A 70 -9.03 -27.22 31.80
N GLY A 71 -9.82 -26.56 30.94
CA GLY A 71 -11.17 -27.00 30.64
C GLY A 71 -11.16 -28.34 29.91
N ILE A 72 -10.26 -28.47 28.94
CA ILE A 72 -10.07 -29.73 28.22
C ILE A 72 -9.73 -30.84 29.22
N ALA A 73 -8.78 -30.57 30.10
CA ALA A 73 -8.35 -31.54 31.12
C ALA A 73 -9.52 -32.01 31.99
N LYS A 74 -10.34 -31.07 32.47
CA LYS A 74 -11.49 -31.42 33.31
C LYS A 74 -12.52 -32.25 32.52
N GLY A 75 -12.85 -31.82 31.31
CA GLY A 75 -13.85 -32.53 30.51
C GLY A 75 -13.42 -33.94 30.13
N ALA A 76 -12.13 -34.07 29.78
CA ALA A 76 -11.56 -35.36 29.40
C ALA A 76 -11.12 -36.24 30.57
N GLU A 77 -11.25 -35.70 31.79
CA GLU A 77 -10.81 -36.37 33.04
C GLU A 77 -9.34 -36.79 32.99
N ARG A 78 -8.49 -35.86 32.56
CA ARG A 78 -7.05 -36.05 32.46
C ARG A 78 -6.33 -34.99 33.28
N ASP A 79 -5.04 -35.21 33.53
CA ASP A 79 -4.23 -34.18 34.20
C ASP A 79 -3.94 -33.03 33.25
N VAL A 80 -3.86 -31.81 33.78
CA VAL A 80 -3.52 -30.64 32.95
C VAL A 80 -2.20 -30.87 32.20
N SER A 81 -1.24 -31.53 32.85
CA SER A 81 0.06 -31.80 32.21
C SER A 81 -0.06 -32.62 30.93
N GLU A 82 -1.01 -33.55 30.90
CA GLU A 82 -1.23 -34.39 29.73
C GLU A 82 -1.74 -33.58 28.56
N ILE A 83 -2.62 -32.61 28.85
CA ILE A 83 -3.13 -31.73 27.80
C ILE A 83 -2.06 -30.73 27.33
N VAL A 84 -1.28 -30.21 28.28
CA VAL A 84 -0.10 -29.39 27.92
C VAL A 84 0.83 -30.18 26.96
N MET A 85 1.11 -31.44 27.30
CA MET A 85 1.95 -32.29 26.43
C MET A 85 1.44 -32.36 24.99
N LEU A 86 0.13 -32.57 24.83
CA LEU A 86 -0.46 -32.62 23.48
C LEU A 86 -0.23 -31.30 22.74
N ASN A 87 -0.36 -30.18 23.46
CA ASN A 87 -0.27 -28.88 22.84
C ASN A 87 1.16 -28.36 22.61
N THR A 88 2.15 -29.06 23.16
CA THR A 88 3.56 -28.67 23.05
C THR A 88 4.42 -29.81 22.52
N ARG A 89 3.82 -30.72 21.75
CA ARG A 89 4.54 -31.92 21.30
C ARG A 89 5.89 -31.59 20.67
N THR A 90 5.91 -30.60 19.77
CA THR A 90 7.14 -30.17 19.07
C THR A 90 8.24 -29.81 20.07
N GLU A 91 7.86 -28.96 21.03
CA GLU A 91 8.75 -28.48 22.07
C GLU A 91 9.13 -29.55 23.10
N PHE A 92 8.15 -30.33 23.53
CA PHE A 92 8.35 -31.36 24.56
C PHE A 92 9.21 -32.50 24.01
N ALA A 93 8.96 -32.87 22.76
CA ALA A 93 9.66 -33.97 22.11
C ALA A 93 10.84 -33.49 21.28
N TYR A 94 11.42 -32.35 21.68
CA TYR A 94 12.51 -31.75 20.92
C TYR A 94 13.73 -32.67 20.88
N GLY A 95 14.14 -33.03 19.66
CA GLY A 95 15.32 -33.85 19.43
C GLY A 95 15.04 -35.33 19.21
N LEU A 96 13.82 -35.63 18.73
CA LEU A 96 13.43 -37.02 18.43
C LEU A 96 13.00 -37.16 16.97
N LYS A 97 13.95 -37.51 16.11
CA LYS A 97 13.78 -37.46 14.65
C LYS A 97 12.77 -38.46 14.08
N ALA A 98 12.55 -39.56 14.79
CA ALA A 98 11.53 -40.54 14.41
C ALA A 98 10.09 -40.02 14.65
N ALA A 99 9.96 -39.07 15.58
CA ALA A 99 8.66 -38.50 15.92
C ALA A 99 8.14 -37.38 14.98
N ARG A 100 8.64 -37.29 13.74
CA ARG A 100 8.34 -36.12 12.88
C ARG A 100 7.16 -36.28 11.92
N ASP A 101 6.28 -35.28 11.88
CA ASP A 101 5.26 -35.19 10.82
C ASP A 101 5.82 -34.51 9.57
N GLY A 102 5.03 -34.53 8.49
CA GLY A 102 5.43 -33.89 7.25
C GLY A 102 4.23 -33.19 6.65
N ALA A 103 4.47 -32.46 5.57
CA ALA A 103 3.40 -31.73 4.89
C ALA A 103 3.84 -31.19 3.55
N THR A 104 2.87 -31.01 2.66
CA THR A 104 3.07 -30.26 1.41
C THR A 104 1.97 -29.19 1.38
N THR A 105 2.34 -27.93 1.14
CA THR A 105 1.39 -26.82 1.24
C THR A 105 1.57 -25.90 0.04
N ALA A 106 0.47 -25.33 -0.45
CA ALA A 106 0.52 -24.42 -1.58
C ALA A 106 -0.55 -23.33 -1.51
N TYR A 107 -0.21 -22.17 -2.05
CA TYR A 107 -1.15 -21.07 -2.28
C TYR A 107 -1.00 -20.61 -3.71
N CYS A 108 -2.12 -20.38 -4.41
CA CYS A 108 -2.10 -19.82 -5.76
C CYS A 108 -3.07 -18.67 -5.87
N GLN A 109 -2.56 -17.49 -6.22
CA GLN A 109 -3.43 -16.35 -6.51
C GLN A 109 -4.03 -16.56 -7.90
N LEU A 110 -5.33 -16.32 -8.04
CA LEU A 110 -6.03 -16.57 -9.29
C LEU A 110 -7.11 -15.53 -9.50
N PRO A 111 -7.42 -15.21 -10.77
CA PRO A 111 -8.33 -14.11 -11.09
C PRO A 111 -9.77 -14.36 -10.66
N ASN A 112 -10.16 -15.61 -10.43
CA ASN A 112 -11.49 -15.92 -9.91
C ASN A 112 -11.51 -16.35 -8.45
N GLY A 113 -10.44 -16.06 -7.72
CA GLY A 113 -10.35 -16.46 -6.33
C GLY A 113 -9.16 -17.36 -6.05
N ALA A 114 -8.39 -17.00 -5.03
CA ALA A 114 -7.21 -17.77 -4.66
C ALA A 114 -7.58 -19.13 -4.10
N LEU A 115 -6.68 -20.09 -4.29
CA LEU A 115 -6.80 -21.44 -3.72
C LEU A 115 -5.60 -21.73 -2.83
N GLN A 116 -5.84 -22.39 -1.70
CA GLN A 116 -4.78 -22.69 -0.73
C GLN A 116 -5.08 -24.07 -0.16
N GLY A 117 -4.04 -24.85 0.12
CA GLY A 117 -4.27 -26.16 0.69
C GLY A 117 -3.03 -26.85 1.19
N GLN A 118 -3.22 -28.00 1.82
CA GLN A 118 -2.10 -28.86 2.21
C GLN A 118 -2.56 -30.29 2.40
N ASN A 119 -1.59 -31.19 2.32
CA ASN A 119 -1.67 -32.52 2.88
C ASN A 119 -0.88 -32.47 4.17
N TRP A 120 -1.36 -33.20 5.17
CA TRP A 120 -0.64 -33.38 6.43
C TRP A 120 -0.35 -34.86 6.61
N ASP A 121 0.92 -35.19 6.85
CA ASP A 121 1.40 -36.59 6.83
C ASP A 121 1.97 -36.98 8.19
N PHE A 122 1.55 -38.14 8.71
CA PHE A 122 2.05 -38.64 10.01
C PHE A 122 1.69 -40.13 10.13
N PHE A 123 1.86 -40.70 11.32
CA PHE A 123 1.57 -42.13 11.55
C PHE A 123 0.07 -42.38 11.41
N SER A 124 -0.31 -43.48 10.76
CA SER A 124 -1.74 -43.76 10.52
C SER A 124 -2.56 -43.89 11.81
N ALA A 125 -1.90 -44.29 12.90
CA ALA A 125 -2.59 -44.41 14.19
C ALA A 125 -3.20 -43.09 14.68
N THR A 126 -2.69 -41.96 14.21
CA THR A 126 -3.26 -40.66 14.62
C THR A 126 -4.49 -40.25 13.80
N LYS A 127 -4.69 -40.87 12.63
CA LYS A 127 -5.83 -40.52 11.77
C LYS A 127 -7.17 -40.62 12.50
N GLU A 128 -7.36 -41.69 13.29
CA GLU A 128 -8.60 -41.91 14.05
C GLU A 128 -8.77 -40.93 15.21
N ASN A 129 -7.71 -40.18 15.50
CA ASN A 129 -7.74 -39.16 16.54
C ASN A 129 -7.98 -37.74 16.03
N LEU A 130 -8.09 -37.60 14.71
CA LEU A 130 -8.40 -36.31 14.10
C LEU A 130 -9.85 -35.99 14.34
N ILE A 131 -10.11 -34.76 14.82
CA ILE A 131 -11.47 -34.27 15.05
C ILE A 131 -11.56 -32.88 14.46
N ARG A 132 -12.76 -32.31 14.41
CA ARG A 132 -12.83 -30.90 14.07
C ARG A 132 -13.65 -30.12 15.07
N LEU A 133 -13.25 -28.87 15.26
CA LEU A 133 -13.90 -28.01 16.22
C LEU A 133 -14.43 -26.79 15.51
N THR A 134 -15.59 -26.34 15.95
CA THR A 134 -16.06 -24.99 15.66
C THR A 134 -16.03 -24.22 16.98
N ILE A 135 -15.23 -23.18 17.04
CA ILE A 135 -15.11 -22.40 18.26
C ILE A 135 -15.67 -21.00 18.06
N ARG A 136 -16.68 -20.66 18.86
CA ARG A 136 -17.28 -19.33 18.85
C ARG A 136 -16.85 -18.58 20.10
N GLN A 137 -16.25 -17.40 19.89
CA GLN A 137 -15.89 -16.52 21.00
C GLN A 137 -16.40 -15.11 20.68
N ALA A 138 -17.23 -14.54 21.56
CA ALA A 138 -17.84 -13.23 21.29
C ALA A 138 -16.78 -12.18 20.92
N GLY A 139 -16.97 -11.55 19.76
CA GLY A 139 -16.09 -10.47 19.33
C GLY A 139 -14.82 -10.91 18.61
N LEU A 140 -14.65 -12.23 18.48
CA LEU A 140 -13.53 -12.80 17.72
C LEU A 140 -14.08 -13.59 16.52
N PRO A 141 -13.28 -13.73 15.44
CA PRO A 141 -13.76 -14.60 14.35
C PRO A 141 -14.10 -16.00 14.86
N THR A 142 -15.17 -16.57 14.33
CA THR A 142 -15.46 -17.98 14.60
C THR A 142 -14.45 -18.85 13.83
N ILE A 143 -13.97 -19.91 14.48
CA ILE A 143 -12.90 -20.74 13.91
C ILE A 143 -13.41 -22.16 13.63
N LYS A 144 -13.01 -22.71 12.49
CA LYS A 144 -13.26 -24.11 12.18
C LYS A 144 -11.93 -24.72 11.78
N PHE A 145 -11.49 -25.73 12.53
CA PHE A 145 -10.19 -26.32 12.26
C PHE A 145 -10.15 -27.83 12.54
N ILE A 146 -9.21 -28.50 11.89
CA ILE A 146 -8.97 -29.93 12.04
C ILE A 146 -7.79 -30.03 12.99
N THR A 147 -7.89 -30.92 13.98
CA THR A 147 -6.85 -31.11 14.96
C THR A 147 -6.83 -32.55 15.48
N GLU A 148 -5.70 -32.99 16.02
CA GLU A 148 -5.71 -34.19 16.87
C GLU A 148 -6.40 -33.79 18.17
N ALA A 149 -7.26 -34.66 18.68
CA ALA A 149 -8.10 -34.29 19.82
C ALA A 149 -7.26 -33.85 21.02
N GLY A 150 -7.66 -32.74 21.64
CA GLY A 150 -6.99 -32.20 22.81
C GLY A 150 -6.13 -30.97 22.55
N ILE A 151 -5.90 -30.68 21.26
CA ILE A 151 -5.04 -29.59 20.82
C ILE A 151 -5.88 -28.35 20.47
N ILE A 152 -5.45 -27.17 20.92
CA ILE A 152 -6.25 -25.93 20.80
C ILE A 152 -6.04 -25.12 19.50
N GLY A 153 -5.11 -25.53 18.66
CA GLY A 153 -4.82 -24.79 17.43
C GLY A 153 -4.09 -25.69 16.46
N LYS A 154 -4.60 -25.78 15.24
CA LYS A 154 -3.91 -26.58 14.22
C LYS A 154 -4.16 -26.01 12.83
N VAL A 155 -4.93 -26.70 12.00
CA VAL A 155 -5.07 -26.35 10.58
C VAL A 155 -6.52 -26.04 10.26
N GLY A 156 -6.80 -24.82 9.80
CA GLY A 156 -8.19 -24.47 9.50
C GLY A 156 -8.35 -23.02 9.14
N PHE A 157 -9.57 -22.51 9.27
CA PHE A 157 -9.87 -21.15 8.82
C PHE A 157 -10.90 -20.48 9.72
N ASN A 158 -11.10 -19.20 9.50
CA ASN A 158 -12.04 -18.46 10.33
C ASN A 158 -13.04 -17.61 9.53
N SER A 159 -14.02 -17.04 10.22
CA SER A 159 -15.11 -16.31 9.57
C SER A 159 -14.64 -14.99 8.92
N ALA A 160 -13.43 -14.54 9.27
CA ALA A 160 -12.85 -13.36 8.66
C ALA A 160 -12.10 -13.72 7.37
N GLY A 161 -12.05 -15.01 7.05
CA GLY A 161 -11.43 -15.47 5.81
C GLY A 161 -9.96 -15.81 5.95
N VAL A 162 -9.43 -15.75 7.17
CA VAL A 162 -8.03 -16.16 7.42
C VAL A 162 -7.93 -17.69 7.43
N ALA A 163 -7.04 -18.25 6.60
CA ALA A 163 -6.82 -19.71 6.52
C ALA A 163 -5.38 -20.03 6.83
N VAL A 164 -5.18 -21.08 7.62
CA VAL A 164 -3.87 -21.40 8.20
C VAL A 164 -3.45 -22.82 7.84
N ASN A 165 -2.18 -22.98 7.45
CA ASN A 165 -1.59 -24.29 7.23
C ASN A 165 -0.30 -24.43 8.04
N TYR A 166 0.08 -25.68 8.33
CA TYR A 166 1.23 -25.99 9.19
C TYR A 166 2.14 -27.03 8.51
N ASN A 167 3.44 -26.78 8.52
CA ASN A 167 4.43 -27.74 8.03
C ASN A 167 5.54 -27.87 9.04
N ALA A 168 5.92 -29.11 9.38
CA ALA A 168 7.09 -29.34 10.21
C ALA A 168 8.34 -28.72 9.59
N LEU A 169 9.17 -28.12 10.44
CA LEU A 169 10.48 -27.59 10.00
C LEU A 169 11.52 -27.92 11.06
N HIS A 170 12.77 -28.12 10.64
CA HIS A 170 13.76 -28.73 11.53
C HIS A 170 15.02 -27.91 11.78
N LEU A 171 14.85 -26.62 12.06
CA LEU A 171 15.99 -25.81 12.46
C LEU A 171 16.28 -26.07 13.93
N GLN A 172 17.56 -26.04 14.29
CA GLN A 172 18.01 -26.32 15.65
C GLN A 172 17.66 -25.17 16.58
N GLY A 173 17.35 -25.51 17.83
CA GLY A 173 17.14 -24.52 18.89
C GLY A 173 15.85 -24.76 19.66
N LEU A 174 15.93 -24.63 20.96
CA LEU A 174 14.73 -24.73 21.77
C LEU A 174 14.76 -23.63 22.83
N ARG A 175 13.69 -22.85 22.88
CA ARG A 175 13.54 -21.82 23.89
C ARG A 175 12.29 -22.13 24.70
N PRO A 176 12.46 -22.71 25.91
CA PRO A 176 11.31 -23.15 26.70
C PRO A 176 10.29 -22.05 27.08
N THR A 177 10.70 -20.79 27.08
CA THR A 177 9.78 -19.68 27.35
C THR A 177 9.20 -19.00 26.10
N GLY A 178 9.55 -19.48 24.91
CA GLY A 178 9.04 -18.89 23.67
C GLY A 178 7.65 -19.38 23.34
N VAL A 179 7.07 -18.89 22.23
CA VAL A 179 5.73 -19.32 21.88
C VAL A 179 5.71 -20.69 21.21
N PRO A 180 4.95 -21.65 21.78
CA PRO A 180 4.82 -22.97 21.16
C PRO A 180 4.13 -22.88 19.79
N SER A 181 4.49 -23.76 18.87
N SER A 181 4.50 -23.76 18.88
CA SER A 181 3.94 -23.67 17.51
CA SER A 181 3.98 -23.72 17.51
C SER A 181 2.43 -23.76 17.43
C SER A 181 2.45 -23.77 17.41
N HIS A 182 1.80 -24.63 18.22
CA HIS A 182 0.36 -24.75 18.16
C HIS A 182 -0.37 -23.58 18.83
N ILE A 183 0.32 -22.90 19.74
CA ILE A 183 -0.18 -21.62 20.26
C ILE A 183 -0.15 -20.52 19.17
N ALA A 184 0.94 -20.46 18.43
CA ALA A 184 1.03 -19.54 17.28
C ALA A 184 -0.07 -19.80 16.25
N LEU A 185 -0.37 -21.09 16.03
CA LEU A 185 -1.46 -21.46 15.12
C LEU A 185 -2.80 -20.92 15.60
N ARG A 186 -3.08 -21.03 16.90
CA ARG A 186 -4.31 -20.50 17.46
C ARG A 186 -4.35 -18.97 17.39
N ILE A 187 -3.21 -18.33 17.63
CA ILE A 187 -3.12 -16.87 17.49
C ILE A 187 -3.50 -16.43 16.09
N ALA A 188 -2.94 -17.12 15.09
CA ALA A 188 -3.26 -16.80 13.69
C ALA A 188 -4.75 -17.04 13.40
N LEU A 189 -5.29 -18.14 13.90
CA LEU A 189 -6.71 -18.49 13.67
C LEU A 189 -7.68 -17.49 14.32
N GLU A 190 -7.19 -16.76 15.33
CA GLU A 190 -7.99 -15.73 16.00
C GLU A 190 -7.84 -14.33 15.40
N SER A 191 -7.05 -14.20 14.33
CA SER A 191 -6.78 -12.88 13.75
C SER A 191 -7.77 -12.56 12.63
N THR A 192 -7.93 -11.27 12.33
CA THR A 192 -8.90 -10.81 11.34
C THR A 192 -8.32 -10.64 9.92
N SER A 193 -6.99 -10.77 9.79
CA SER A 193 -6.32 -10.71 8.49
C SER A 193 -4.95 -11.40 8.59
N PRO A 194 -4.37 -11.79 7.44
CA PRO A 194 -3.00 -12.32 7.52
C PRO A 194 -1.99 -11.30 8.08
N SER A 195 -2.15 -10.02 7.71
N SER A 195 -2.15 -10.02 7.72
CA SER A 195 -1.31 -8.95 8.25
CA SER A 195 -1.27 -8.97 8.26
C SER A 195 -1.33 -8.97 9.78
C SER A 195 -1.33 -8.91 9.79
N GLN A 196 -2.54 -9.00 10.34
CA GLN A 196 -2.71 -9.08 11.79
C GLN A 196 -2.10 -10.35 12.40
N ALA A 197 -2.30 -11.50 11.74
CA ALA A 197 -1.72 -12.77 12.20
C ALA A 197 -0.19 -12.65 12.29
N TYR A 198 0.42 -12.07 11.27
CA TYR A 198 1.87 -11.86 11.28
C TYR A 198 2.29 -11.00 12.46
N ASP A 199 1.64 -9.86 12.61
CA ASP A 199 1.92 -8.93 13.68
C ASP A 199 1.76 -9.58 15.05
N ARG A 200 0.73 -10.41 15.22
CA ARG A 200 0.45 -10.96 16.53
C ARG A 200 1.41 -12.11 16.87
N ILE A 201 1.91 -12.81 15.85
CA ILE A 201 2.92 -13.84 16.08
C ILE A 201 4.26 -13.17 16.42
N VAL A 202 4.63 -12.15 15.64
CA VAL A 202 5.87 -11.40 15.90
C VAL A 202 5.80 -10.73 17.28
N GLU A 203 4.60 -10.30 17.69
CA GLU A 203 4.39 -9.65 19.00
C GLU A 203 4.85 -10.49 20.19
N GLN A 204 4.86 -11.81 20.04
CA GLN A 204 5.23 -12.71 21.14
C GLN A 204 6.71 -12.66 21.46
N GLY A 205 7.49 -12.11 20.54
CA GLY A 205 8.91 -11.80 20.82
C GLY A 205 9.83 -13.01 20.75
N GLY A 206 9.32 -14.10 20.18
CA GLY A 206 10.22 -15.21 19.81
C GLY A 206 9.59 -16.58 19.92
N MET A 207 9.96 -17.46 19.00
CA MET A 207 9.36 -18.79 18.93
C MET A 207 10.08 -19.75 19.87
N ALA A 208 9.34 -20.76 20.33
CA ALA A 208 9.90 -21.79 21.21
C ALA A 208 10.76 -22.80 20.46
N ALA A 209 10.39 -23.10 19.23
CA ALA A 209 11.10 -24.12 18.45
C ALA A 209 10.95 -23.80 16.96
N SER A 210 11.06 -24.81 16.10
CA SER A 210 11.05 -24.57 14.66
C SER A 210 9.82 -25.19 14.01
N ALA A 211 9.24 -24.44 13.06
CA ALA A 211 8.15 -24.93 12.21
C ALA A 211 7.93 -23.94 11.06
N PHE A 212 6.93 -24.22 10.24
CA PHE A 212 6.50 -23.31 9.20
C PHE A 212 4.99 -23.14 9.30
N ILE A 213 4.55 -21.88 9.21
CA ILE A 213 3.11 -21.57 9.18
C ILE A 213 2.79 -20.74 7.95
N MET A 214 1.72 -21.09 7.24
CA MET A 214 1.26 -20.27 6.13
C MET A 214 -0.07 -19.67 6.53
N VAL A 215 -0.25 -18.39 6.25
CA VAL A 215 -1.49 -17.70 6.57
C VAL A 215 -1.93 -16.95 5.33
N GLY A 216 -3.18 -17.15 4.92
CA GLY A 216 -3.67 -16.50 3.70
C GLY A 216 -5.14 -16.16 3.76
N ASN A 217 -5.53 -15.15 2.99
CA ASN A 217 -6.93 -14.92 2.65
C ASN A 217 -7.05 -14.73 1.13
N GLY A 218 -8.16 -14.17 0.66
CA GLY A 218 -8.27 -13.92 -0.78
C GLY A 218 -7.30 -12.89 -1.37
N HIS A 219 -6.75 -12.04 -0.50
CA HIS A 219 -6.04 -10.83 -0.93
C HIS A 219 -4.53 -10.89 -0.72
N GLU A 220 -4.11 -11.54 0.37
CA GLU A 220 -2.70 -11.58 0.78
C GLU A 220 -2.38 -12.94 1.40
N ALA A 221 -1.10 -13.33 1.35
CA ALA A 221 -0.66 -14.55 2.01
C ALA A 221 0.83 -14.47 2.27
N PHE A 222 1.27 -15.14 3.33
CA PHE A 222 2.70 -15.25 3.60
C PHE A 222 2.96 -16.60 4.24
N GLY A 223 4.22 -17.03 4.16
CA GLY A 223 4.69 -18.16 4.93
C GLY A 223 5.72 -17.66 5.92
N LEU A 224 5.84 -18.34 7.06
CA LEU A 224 6.85 -18.01 8.03
C LEU A 224 7.67 -19.24 8.35
N GLU A 225 8.97 -19.18 8.08
CA GLU A 225 9.91 -20.23 8.47
C GLU A 225 10.61 -19.71 9.72
N PHE A 226 10.59 -20.46 10.81
CA PHE A 226 11.16 -19.93 12.05
C PHE A 226 11.92 -20.95 12.89
N SER A 227 12.76 -20.41 13.77
CA SER A 227 13.44 -21.10 14.87
C SER A 227 13.43 -20.09 16.02
N PRO A 228 13.97 -20.46 17.18
CA PRO A 228 14.09 -19.47 18.27
C PRO A 228 14.97 -18.25 17.92
N THR A 229 15.76 -18.32 16.85
CA THR A 229 16.69 -17.24 16.50
C THR A 229 16.51 -16.71 15.07
N SER A 230 15.35 -16.99 14.46
CA SER A 230 15.10 -16.57 13.08
C SER A 230 13.62 -16.63 12.75
N ILE A 231 13.09 -15.57 12.14
CA ILE A 231 11.70 -15.56 11.70
C ILE A 231 11.69 -14.89 10.32
N ARG A 232 11.57 -15.71 9.27
CA ARG A 232 11.67 -15.19 7.90
C ARG A 232 10.38 -15.41 7.12
N LYS A 233 10.06 -14.44 6.28
CA LYS A 233 8.77 -14.41 5.61
C LYS A 233 8.91 -14.85 4.15
N GLN A 234 8.15 -15.88 3.78
CA GLN A 234 7.99 -16.29 2.39
C GLN A 234 6.83 -15.51 1.77
N VAL A 235 7.00 -15.05 0.54
CA VAL A 235 5.97 -14.27 -0.16
C VAL A 235 5.67 -14.92 -1.50
N LEU A 236 4.60 -14.49 -2.17
CA LEU A 236 4.25 -15.04 -3.47
C LEU A 236 5.36 -14.83 -4.49
N ASP A 237 5.59 -15.84 -5.34
CA ASP A 237 6.58 -15.71 -6.41
C ASP A 237 6.01 -14.93 -7.62
N ALA A 238 6.81 -14.81 -8.68
CA ALA A 238 6.38 -14.04 -9.87
C ALA A 238 5.10 -14.58 -10.53
N ASN A 239 4.77 -15.84 -10.23
CA ASN A 239 3.58 -16.47 -10.78
C ASN A 239 2.39 -16.43 -9.83
N GLY A 240 2.56 -15.76 -8.69
CA GLY A 240 1.49 -15.63 -7.70
C GLY A 240 1.34 -16.89 -6.85
N ARG A 241 2.43 -17.64 -6.69
CA ARG A 241 2.37 -18.93 -5.99
C ARG A 241 3.33 -19.02 -4.80
N MET A 242 2.97 -19.86 -3.83
N MET A 242 2.98 -19.86 -3.81
CA MET A 242 3.85 -20.28 -2.76
CA MET A 242 3.90 -20.23 -2.73
C MET A 242 3.75 -21.78 -2.66
C MET A 242 3.77 -21.73 -2.50
N VAL A 243 4.89 -22.44 -2.47
CA VAL A 243 4.90 -23.89 -2.20
C VAL A 243 5.85 -24.12 -1.02
N HIS A 244 5.45 -24.98 -0.09
CA HIS A 244 6.34 -25.34 1.01
C HIS A 244 6.19 -26.81 1.39
N THR A 245 7.32 -27.42 1.74
CA THR A 245 7.33 -28.80 2.24
C THR A 245 7.93 -28.80 3.63
N ASN A 246 9.04 -29.50 3.86
CA ASN A 246 9.60 -29.60 5.20
C ASN A 246 11.08 -29.21 5.32
N HIS A 247 11.54 -28.33 4.43
CA HIS A 247 12.94 -27.84 4.48
C HIS A 247 12.94 -26.35 4.21
N CYS A 248 14.02 -25.69 4.64
CA CYS A 248 14.13 -24.23 4.53
C CYS A 248 14.35 -23.78 3.09
N LEU A 249 13.54 -22.83 2.66
CA LEU A 249 13.65 -22.19 1.34
C LEU A 249 14.26 -20.79 1.42
N LEU A 250 14.26 -20.21 2.61
CA LEU A 250 14.64 -18.81 2.80
C LEU A 250 16.08 -18.67 3.30
N GLN A 251 16.60 -17.45 3.24
CA GLN A 251 17.99 -17.17 3.57
C GLN A 251 18.21 -16.88 5.04
N HIS A 252 18.18 -17.94 5.85
CA HIS A 252 18.50 -17.81 7.26
C HIS A 252 20.00 -17.62 7.39
N GLY A 253 20.45 -17.03 8.49
CA GLY A 253 21.90 -16.86 8.71
C GLY A 253 22.63 -18.20 8.72
N LYS A 254 23.93 -18.20 8.43
CA LYS A 254 24.74 -19.43 8.44
C LYS A 254 24.86 -20.07 9.84
N ASN A 255 24.54 -19.30 10.88
CA ASN A 255 24.46 -19.82 12.25
C ASN A 255 23.28 -20.76 12.48
N GLU A 256 22.26 -20.68 11.62
CA GLU A 256 21.11 -21.57 11.73
C GLU A 256 21.49 -22.93 11.15
N LYS A 257 20.98 -24.00 11.75
CA LYS A 257 21.38 -25.36 11.37
C LYS A 257 20.12 -26.18 11.14
N GLU A 258 20.00 -26.74 9.93
CA GLU A 258 18.86 -27.57 9.59
C GLU A 258 19.18 -29.04 9.89
N LEU A 259 18.27 -29.70 10.59
CA LEU A 259 18.56 -31.02 11.14
C LEU A 259 17.94 -32.16 10.31
N ASP A 260 18.45 -32.33 9.10
CA ASP A 260 18.17 -33.52 8.28
C ASP A 260 16.69 -33.82 7.96
N PRO A 261 16.03 -32.94 7.17
CA PRO A 261 14.76 -33.35 6.60
C PRO A 261 15.04 -34.53 5.65
N LEU A 262 14.00 -35.28 5.29
CA LEU A 262 14.19 -36.39 4.34
C LEU A 262 14.46 -35.87 2.94
N PRO A 263 15.20 -36.65 2.13
CA PRO A 263 15.41 -36.25 0.72
C PRO A 263 14.10 -35.90 0.01
N ASP A 264 13.01 -36.62 0.34
CA ASP A 264 11.74 -36.37 -0.35
C ASP A 264 11.14 -34.99 -0.10
N SER A 265 11.57 -34.30 0.95
CA SER A 265 11.14 -32.90 1.13
C SER A 265 11.47 -32.06 -0.11
N TRP A 266 12.67 -32.25 -0.67
CA TRP A 266 13.09 -31.55 -1.90
C TRP A 266 12.33 -32.08 -3.11
N ASN A 267 12.19 -33.40 -3.20
CA ASN A 267 11.49 -34.01 -4.32
C ASN A 267 10.04 -33.50 -4.42
N ARG A 268 9.33 -33.49 -3.28
CA ARG A 268 7.92 -33.02 -3.23
C ARG A 268 7.79 -31.53 -3.59
N HIS A 269 8.74 -30.72 -3.12
CA HIS A 269 8.72 -29.29 -3.44
C HIS A 269 8.86 -29.07 -4.96
N GLN A 270 9.89 -29.67 -5.55
CA GLN A 270 10.14 -29.62 -7.01
C GLN A 270 8.94 -30.16 -7.80
N ARG A 271 8.37 -31.26 -7.32
CA ARG A 271 7.22 -31.87 -7.97
C ARG A 271 5.98 -30.97 -7.95
N MET A 272 5.68 -30.37 -6.80
CA MET A 272 4.52 -29.47 -6.71
C MET A 272 4.69 -28.21 -7.59
N GLU A 273 5.89 -27.65 -7.60
CA GLU A 273 6.18 -26.48 -8.46
C GLU A 273 5.97 -26.86 -9.95
N PHE A 274 6.44 -28.05 -10.32
CA PHE A 274 6.22 -28.58 -11.68
C PHE A 274 4.74 -28.75 -12.01
N LEU A 275 3.97 -29.33 -11.07
CA LEU A 275 2.54 -29.53 -11.31
C LEU A 275 1.80 -28.19 -11.44
N LEU A 276 2.17 -27.22 -10.60
CA LEU A 276 1.62 -25.86 -10.71
C LEU A 276 1.98 -25.15 -12.02
N ASP A 277 3.15 -25.46 -12.59
CA ASP A 277 3.51 -24.95 -13.93
C ASP A 277 2.45 -25.31 -14.98
N GLY A 278 1.91 -26.53 -14.90
CA GLY A 278 0.92 -27.02 -15.87
C GLY A 278 -0.53 -26.94 -15.40
N PHE A 279 -0.72 -26.34 -14.22
CA PHE A 279 -2.03 -26.19 -13.59
C PHE A 279 -2.89 -25.17 -14.33
N ASP A 280 -4.11 -25.56 -14.70
CA ASP A 280 -5.02 -24.69 -15.48
C ASP A 280 -5.85 -23.70 -14.65
N GLY A 281 -5.72 -23.75 -13.32
CA GLY A 281 -6.42 -22.81 -12.46
C GLY A 281 -7.73 -23.26 -11.83
N THR A 282 -8.31 -24.33 -12.35
CA THR A 282 -9.62 -24.77 -11.89
C THR A 282 -9.56 -25.44 -10.52
N LYS A 283 -10.63 -25.28 -9.74
CA LYS A 283 -10.78 -25.96 -8.45
C LYS A 283 -10.60 -27.46 -8.59
N GLN A 284 -11.15 -28.03 -9.68
CA GLN A 284 -11.05 -29.46 -9.93
C GLN A 284 -9.60 -29.93 -10.10
N ALA A 285 -8.84 -29.21 -10.93
CA ALA A 285 -7.40 -29.51 -11.11
C ALA A 285 -6.59 -29.27 -9.85
N PHE A 286 -6.95 -28.24 -9.09
CA PHE A 286 -6.26 -27.97 -7.82
C PHE A 286 -6.39 -29.15 -6.86
N ALA A 287 -7.62 -29.67 -6.72
CA ALA A 287 -7.88 -30.81 -5.82
C ALA A 287 -7.05 -32.03 -6.21
N GLN A 288 -6.87 -32.24 -7.52
CA GLN A 288 -6.16 -33.41 -8.03
C GLN A 288 -4.66 -33.38 -7.77
N LEU A 289 -4.08 -32.19 -7.62
CA LEU A 289 -2.65 -32.04 -7.33
C LEU A 289 -2.27 -32.83 -6.08
N TRP A 290 -3.18 -32.85 -5.11
CA TRP A 290 -2.94 -33.43 -3.78
C TRP A 290 -2.96 -34.96 -3.80
N ALA A 291 -3.39 -35.52 -4.91
CA ALA A 291 -3.41 -36.98 -5.09
C ALA A 291 -2.20 -37.49 -5.86
N ASP A 292 -1.21 -36.63 -6.10
CA ASP A 292 -0.05 -37.01 -6.90
C ASP A 292 0.77 -38.12 -6.23
N GLU A 293 1.13 -39.14 -7.01
CA GLU A 293 1.88 -40.27 -6.47
C GLU A 293 3.27 -40.48 -7.09
N ASP A 294 3.83 -39.44 -7.71
CA ASP A 294 5.20 -39.53 -8.20
C ASP A 294 6.16 -39.72 -7.02
N ASN A 295 7.10 -40.65 -7.17
CA ASN A 295 8.01 -41.05 -6.08
C ASN A 295 7.31 -41.77 -4.91
N TYR A 296 6.13 -42.36 -5.17
CA TYR A 296 5.44 -43.24 -4.22
C TYR A 296 6.45 -44.23 -3.60
N PRO A 297 6.36 -44.50 -2.28
CA PRO A 297 5.37 -44.06 -1.31
C PRO A 297 5.67 -42.67 -0.70
N PHE A 298 6.81 -42.08 -1.03
CA PHE A 298 7.23 -40.78 -0.46
C PHE A 298 6.62 -39.60 -1.21
N SER A 299 5.49 -39.86 -1.86
CA SER A 299 4.86 -38.88 -2.74
C SER A 299 4.09 -37.77 -2.01
N ILE A 300 3.71 -36.72 -2.74
CA ILE A 300 2.84 -35.69 -2.21
C ILE A 300 1.63 -36.29 -1.46
N CYS A 301 1.01 -37.28 -2.09
CA CYS A 301 0.00 -38.11 -1.44
C CYS A 301 0.76 -39.30 -0.86
N ARG A 302 1.14 -39.17 0.40
CA ARG A 302 2.08 -40.08 1.02
C ARG A 302 1.42 -41.39 1.43
N ALA A 303 2.15 -42.51 1.31
CA ALA A 303 1.60 -43.83 1.62
C ALA A 303 2.43 -44.56 2.65
N TYR A 304 1.75 -45.31 3.53
CA TYR A 304 2.41 -46.26 4.43
C TYR A 304 2.88 -47.50 3.66
N GLU A 305 4.16 -47.86 3.85
CA GLU A 305 4.71 -49.07 3.28
C GLU A 305 5.74 -49.58 4.29
N GLU A 306 5.42 -50.69 4.94
CA GLU A 306 6.24 -51.19 6.03
C GLU A 306 7.66 -51.46 5.53
N GLY A 307 8.64 -50.90 6.23
CA GLY A 307 10.04 -51.06 5.84
C GLY A 307 10.56 -49.96 4.91
N LYS A 308 9.67 -49.04 4.49
CA LYS A 308 10.08 -47.92 3.63
C LYS A 308 9.55 -46.58 4.12
N SER A 309 8.25 -46.54 4.41
CA SER A 309 7.57 -45.30 4.75
C SER A 309 6.63 -45.54 5.92
N ARG A 310 6.97 -44.95 7.07
CA ARG A 310 6.20 -45.19 8.30
C ARG A 310 4.90 -44.40 8.34
N GLY A 311 4.84 -43.30 7.60
CA GLY A 311 3.68 -42.41 7.67
C GLY A 311 2.91 -42.35 6.36
N ALA A 312 1.82 -41.59 6.37
CA ALA A 312 0.93 -41.47 5.21
C ALA A 312 0.22 -40.14 5.29
N THR A 313 -0.31 -39.67 4.16
CA THR A 313 -1.17 -38.47 4.20
C THR A 313 -2.45 -38.81 4.94
N LEU A 314 -2.73 -38.06 6.01
CA LEU A 314 -3.83 -38.36 6.91
C LEU A 314 -5.04 -37.46 6.68
N PHE A 315 -4.80 -36.26 6.13
CA PHE A 315 -5.88 -35.41 5.63
C PHE A 315 -5.38 -34.40 4.61
N ASN A 316 -6.31 -33.89 3.81
CA ASN A 316 -6.08 -32.86 2.84
C ASN A 316 -7.13 -31.79 3.11
N ILE A 317 -6.72 -30.52 3.04
CA ILE A 317 -7.67 -29.41 3.16
C ILE A 317 -7.41 -28.43 2.03
N ILE A 318 -8.50 -27.93 1.44
CA ILE A 318 -8.41 -26.92 0.38
C ILE A 318 -9.31 -25.74 0.75
N TYR A 319 -8.74 -24.54 0.80
CA TYR A 319 -9.52 -23.34 1.07
C TYR A 319 -9.89 -22.66 -0.24
N ASP A 320 -11.19 -22.54 -0.49
CA ASP A 320 -11.72 -21.79 -1.63
C ASP A 320 -11.97 -20.38 -1.09
N HIS A 321 -10.99 -19.51 -1.26
CA HIS A 321 -11.05 -18.16 -0.70
C HIS A 321 -12.23 -17.33 -1.21
N ALA A 322 -12.57 -17.48 -2.49
CA ALA A 322 -13.68 -16.72 -3.08
C ALA A 322 -15.02 -17.00 -2.38
N ARG A 323 -15.22 -18.25 -1.96
CA ARG A 323 -16.51 -18.68 -1.37
C ARG A 323 -16.46 -18.86 0.15
N ARG A 324 -15.29 -18.68 0.74
N ARG A 324 -15.28 -18.67 0.74
CA ARG A 324 -15.04 -18.93 2.17
CA ARG A 324 -15.03 -18.94 2.17
C ARG A 324 -15.52 -20.35 2.59
C ARG A 324 -15.53 -20.35 2.57
N GLU A 325 -15.07 -21.35 1.83
CA GLU A 325 -15.40 -22.75 2.09
C GLU A 325 -14.11 -23.56 2.18
N ALA A 326 -14.08 -24.54 3.08
CA ALA A 326 -12.90 -25.40 3.22
C ALA A 326 -13.32 -26.83 2.95
N THR A 327 -12.74 -27.45 1.93
CA THR A 327 -13.09 -28.84 1.61
C THR A 327 -12.05 -29.73 2.26
N VAL A 328 -12.52 -30.66 3.08
CA VAL A 328 -11.65 -31.58 3.79
C VAL A 328 -11.82 -33.00 3.25
N ARG A 329 -10.70 -33.66 2.95
N ARG A 329 -10.70 -33.67 2.98
CA ARG A 329 -10.69 -35.08 2.63
CA ARG A 329 -10.69 -35.08 2.63
C ARG A 329 -9.88 -35.79 3.72
C ARG A 329 -9.88 -35.82 3.68
N LEU A 330 -10.53 -36.73 4.41
CA LEU A 330 -9.84 -37.53 5.43
C LEU A 330 -9.12 -38.70 4.74
N GLY A 331 -7.92 -39.01 5.19
CA GLY A 331 -7.11 -40.06 4.57
C GLY A 331 -6.34 -39.55 3.37
N ARG A 332 -6.04 -40.44 2.44
CA ARG A 332 -5.27 -40.11 1.24
C ARG A 332 -6.20 -39.59 0.14
N PRO A 333 -5.88 -38.42 -0.45
CA PRO A 333 -6.68 -37.86 -1.56
C PRO A 333 -6.92 -38.78 -2.76
N THR A 334 -6.07 -39.78 -2.96
CA THR A 334 -6.27 -40.79 -3.99
C THR A 334 -7.55 -41.61 -3.76
N ASN A 335 -7.93 -41.75 -2.48
CA ASN A 335 -9.09 -42.56 -2.10
C ASN A 335 -9.55 -42.17 -0.68
N PRO A 336 -10.22 -41.01 -0.54
CA PRO A 336 -10.48 -40.46 0.78
C PRO A 336 -11.43 -41.33 1.61
N ASP A 337 -11.22 -41.35 2.92
CA ASP A 337 -12.11 -42.03 3.87
C ASP A 337 -13.44 -41.32 4.00
N GLU A 338 -13.38 -39.99 3.91
CA GLU A 338 -14.59 -39.17 3.86
C GLU A 338 -14.25 -37.80 3.28
N MET A 339 -15.28 -37.07 2.89
CA MET A 339 -15.10 -35.74 2.34
C MET A 339 -16.27 -34.87 2.75
N PHE A 340 -15.97 -33.65 3.16
CA PHE A 340 -17.01 -32.70 3.55
C PHE A 340 -16.50 -31.28 3.35
N VAL A 341 -17.44 -30.34 3.31
CA VAL A 341 -17.12 -28.92 3.13
C VAL A 341 -17.54 -28.15 4.38
N MET A 342 -16.61 -27.38 4.95
CA MET A 342 -16.91 -26.52 6.10
C MET A 342 -17.28 -25.12 5.62
N ARG A 343 -18.35 -24.57 6.19
CA ARG A 343 -18.85 -23.23 5.88
C ARG A 343 -19.34 -22.57 7.16
N PHE A 344 -19.24 -21.24 7.19
CA PHE A 344 -19.76 -20.45 8.30
C PHE A 344 -21.20 -20.04 8.07
N ASP A 345 -22.03 -20.26 9.08
CA ASP A 345 -23.44 -19.87 8.99
C ASP A 345 -23.69 -18.55 9.71
N GLU A 346 -24.92 -18.05 9.66
CA GLU A 346 -25.18 -16.72 10.18
C GLU A 346 -25.01 -16.60 11.71
N GLU A 347 -25.19 -17.71 12.43
CA GLU A 347 -24.86 -17.76 13.86
C GLU A 347 -23.36 -17.67 14.16
N ASP A 348 -22.54 -18.30 13.32
CA ASP A 348 -21.09 -18.15 13.41
C ASP A 348 -20.69 -16.68 13.25
N GLU A 349 -21.37 -15.98 12.34
CA GLU A 349 -21.05 -14.60 12.04
C GLU A 349 -21.56 -13.67 13.16
N ARG A 350 -22.70 -14.04 13.74
CA ARG A 350 -23.29 -13.30 14.86
C ARG A 350 -22.34 -13.27 16.07
N SER A 351 -21.73 -14.41 16.39
CA SER A 351 -20.73 -14.48 17.45
C SER A 351 -19.54 -13.56 17.18
N ALA A 352 -19.04 -13.58 15.94
CA ALA A 352 -17.88 -12.77 15.54
C ALA A 352 -18.13 -11.27 15.62
N LEU A 353 -19.40 -10.88 15.51
CA LEU A 353 -19.81 -9.48 15.57
C LEU A 353 -20.16 -9.08 16.98
N ASN A 354 -20.28 -10.06 17.87
CA ASN A 354 -20.74 -9.84 19.25
C ASN A 354 -22.17 -9.26 19.25
N ALA A 355 -23.04 -9.85 18.43
CA ALA A 355 -24.39 -9.31 18.22
C ALA A 355 -25.48 -10.17 18.88
N MET B 1 33.72 17.90 18.48
CA MET B 1 33.52 16.45 18.72
C MET B 1 34.43 15.68 17.77
N LEU B 2 35.12 14.68 18.29
CA LEU B 2 35.94 13.81 17.44
C LEU B 2 35.08 13.19 16.33
N HIS B 3 35.53 13.34 15.09
CA HIS B 3 34.84 12.74 13.95
C HIS B 3 35.77 11.75 13.25
N ILE B 4 35.39 10.47 13.26
CA ILE B 4 36.22 9.42 12.70
C ILE B 4 35.61 8.90 11.42
N LEU B 5 36.36 8.98 10.33
CA LEU B 5 35.94 8.39 9.08
C LEU B 5 36.50 6.97 9.02
N CYS B 6 35.60 5.99 8.99
CA CYS B 6 35.95 4.56 9.04
C CYS B 6 35.71 3.94 7.68
N GLN B 7 36.74 3.26 7.17
CA GLN B 7 36.72 2.73 5.81
C GLN B 7 37.30 1.31 5.82
N GLY B 8 36.88 0.49 4.87
CA GLY B 8 37.55 -0.80 4.60
C GLY B 8 36.74 -2.01 5.06
N THR B 9 37.44 -3.09 5.37
CA THR B 9 36.80 -4.32 5.89
C THR B 9 36.21 -4.04 7.30
N PRO B 10 35.33 -4.94 7.81
CA PRO B 10 34.79 -4.74 9.17
C PRO B 10 35.88 -4.58 10.22
N PHE B 11 36.93 -5.41 10.19
CA PHE B 11 38.02 -5.26 11.16
C PHE B 11 38.71 -3.89 11.00
N GLU B 12 39.00 -3.51 9.76
CA GLU B 12 39.65 -2.22 9.47
C GLU B 12 38.82 -1.02 9.93
N ILE B 13 37.50 -1.10 9.74
CA ILE B 13 36.57 -0.09 10.21
C ILE B 13 36.64 0.06 11.74
N GLY B 14 36.68 -1.08 12.43
CA GLY B 14 36.76 -1.10 13.87
C GLY B 14 38.12 -0.56 14.33
N TYR B 15 39.19 -0.98 13.65
CA TYR B 15 40.52 -0.47 14.01
C TYR B 15 40.62 1.07 13.94
N GLU B 16 40.05 1.66 12.88
N GLU B 16 40.05 1.65 12.87
CA GLU B 16 40.05 3.12 12.73
CA GLU B 16 40.03 3.11 12.72
C GLU B 16 39.35 3.79 13.92
C GLU B 16 39.37 3.77 13.93
N HIS B 17 38.20 3.26 14.29
CA HIS B 17 37.41 3.73 15.45
C HIS B 17 38.23 3.60 16.75
N GLY B 18 38.75 2.40 17.02
CA GLY B 18 39.50 2.13 18.25
C GLY B 18 40.76 2.96 18.37
N SER B 19 41.52 3.06 17.26
CA SER B 19 42.78 3.79 17.28
C SER B 19 42.58 5.31 17.41
N ALA B 20 41.64 5.86 16.64
CA ALA B 20 41.40 7.31 16.68
C ALA B 20 40.82 7.76 18.01
N ALA B 21 40.00 6.90 18.61
CA ALA B 21 39.29 7.24 19.85
C ALA B 21 39.92 6.56 21.07
N LYS B 22 41.15 6.07 20.95
CA LYS B 22 41.78 5.28 22.02
C LYS B 22 41.61 5.89 23.43
N ALA B 23 41.99 7.15 23.60
CA ALA B 23 41.87 7.84 24.90
C ALA B 23 40.44 7.98 25.41
N VAL B 24 39.52 8.18 24.49
CA VAL B 24 38.11 8.36 24.80
C VAL B 24 37.50 7.02 25.25
N ILE B 25 37.87 5.94 24.55
CA ILE B 25 37.42 4.59 24.90
C ILE B 25 37.91 4.18 26.30
N ALA B 26 39.15 4.52 26.64
CA ALA B 26 39.69 4.29 27.99
C ALA B 26 38.83 4.97 29.07
N ARG B 27 38.48 6.25 28.86
CA ARG B 27 37.59 6.97 29.78
C ARG B 27 36.21 6.32 29.92
N SER B 28 35.64 5.91 28.79
CA SER B 28 34.33 5.26 28.76
C SER B 28 34.32 3.92 29.49
N ILE B 29 35.39 3.15 29.33
CA ILE B 29 35.50 1.87 30.02
C ILE B 29 35.59 2.09 31.54
N ASP B 30 36.44 3.04 31.94
CA ASP B 30 36.62 3.36 33.36
C ASP B 30 35.32 3.85 33.99
N PHE B 31 34.61 4.71 33.26
CA PHE B 31 33.30 5.20 33.74
C PHE B 31 32.30 4.05 33.91
N ALA B 32 32.20 3.19 32.90
CA ALA B 32 31.22 2.09 32.91
C ALA B 32 31.50 1.11 34.04
N VAL B 33 32.77 0.76 34.21
CA VAL B 33 33.17 -0.21 35.22
C VAL B 33 32.89 0.34 36.62
N ASP B 34 33.24 1.60 36.85
N ASP B 34 33.23 1.60 36.84
CA ASP B 34 32.97 2.26 38.11
CA ASP B 34 32.97 2.26 38.13
C ASP B 34 31.47 2.30 38.41
C ASP B 34 31.48 2.39 38.43
N LEU B 35 30.69 2.69 37.40
CA LEU B 35 29.23 2.80 37.51
C LEU B 35 28.60 1.47 37.90
N ILE B 36 28.96 0.41 37.18
CA ILE B 36 28.33 -0.90 37.38
C ILE B 36 28.82 -1.59 38.65
N ARG B 37 30.14 -1.68 38.84
CA ARG B 37 30.68 -2.31 40.06
C ARG B 37 30.15 -1.67 41.35
N GLY B 38 29.88 -0.37 41.30
CA GLY B 38 29.32 0.36 42.44
C GLY B 38 27.88 -0.01 42.80
N LYS B 39 27.12 -0.49 41.82
CA LYS B 39 25.68 -0.70 42.00
C LYS B 39 25.23 -2.15 41.84
N THR B 40 26.03 -2.96 41.16
CA THR B 40 25.65 -4.33 40.84
C THR B 40 25.57 -5.25 42.06
N LYS B 41 24.68 -6.22 41.98
CA LYS B 41 24.57 -7.28 42.98
C LYS B 41 25.38 -8.52 42.55
N LYS B 42 25.85 -8.50 41.30
CA LYS B 42 26.57 -9.63 40.71
C LYS B 42 28.03 -9.66 41.15
N THR B 43 28.59 -10.87 41.24
CA THR B 43 30.01 -11.00 41.54
C THR B 43 30.77 -10.71 40.26
N ASP B 44 32.08 -10.49 40.39
CA ASP B 44 32.91 -10.20 39.22
C ASP B 44 32.98 -11.43 38.31
N GLU B 45 32.93 -12.62 38.89
CA GLU B 45 32.91 -13.85 38.12
C GLU B 45 31.61 -13.95 37.29
N GLU B 46 30.48 -13.55 37.88
CA GLU B 46 29.21 -13.53 37.15
C GLU B 46 29.27 -12.51 36.01
N LEU B 47 29.81 -11.33 36.29
CA LEU B 47 29.95 -10.30 35.25
C LEU B 47 30.83 -10.79 34.09
N LYS B 48 31.94 -11.45 34.43
CA LYS B 48 32.86 -11.98 33.43
C LYS B 48 32.16 -13.02 32.53
N GLN B 49 31.32 -13.85 33.15
CA GLN B 49 30.58 -14.87 32.43
C GLN B 49 29.54 -14.25 31.50
N VAL B 50 28.79 -13.26 32.00
CA VAL B 50 27.84 -12.51 31.14
C VAL B 50 28.51 -11.91 29.89
N LEU B 51 29.66 -11.27 30.08
CA LEU B 51 30.41 -10.73 28.94
C LEU B 51 30.87 -11.81 27.96
N SER B 52 31.30 -12.94 28.50
CA SER B 52 31.71 -14.08 27.67
C SER B 52 30.52 -14.57 26.82
N GLN B 53 29.37 -14.73 27.48
CA GLN B 53 28.15 -15.17 26.80
C GLN B 53 27.78 -14.20 25.68
N LEU B 54 27.73 -12.91 26.01
CA LEU B 54 27.33 -11.88 25.04
C LEU B 54 28.28 -11.82 23.84
N GLY B 55 29.57 -11.96 24.11
CA GLY B 55 30.58 -12.02 23.06
C GLY B 55 30.37 -13.19 22.12
N ARG B 56 30.11 -14.39 22.68
CA ARG B 56 29.91 -15.59 21.87
C ARG B 56 28.66 -15.49 20.98
N VAL B 57 27.62 -14.85 21.48
CA VAL B 57 26.37 -14.64 20.73
C VAL B 57 26.63 -13.70 19.55
N ILE B 58 27.32 -12.59 19.80
CA ILE B 58 27.62 -11.65 18.71
C ILE B 58 28.54 -12.31 17.66
N GLU B 59 29.58 -12.99 18.12
CA GLU B 59 30.47 -13.74 17.22
C GLU B 59 29.73 -14.74 16.33
N GLU B 60 28.80 -15.49 16.94
CA GLU B 60 28.08 -16.53 16.22
C GLU B 60 27.02 -15.98 15.27
N ARG B 61 26.27 -14.99 15.74
CA ARG B 61 25.12 -14.47 15.00
C ARG B 61 25.44 -13.33 14.01
N TRP B 62 26.37 -12.45 14.40
CA TRP B 62 26.71 -11.29 13.55
C TRP B 62 28.22 -11.17 13.39
N PRO B 63 28.83 -12.11 12.66
CA PRO B 63 30.28 -12.14 12.59
C PRO B 63 30.93 -10.86 12.07
N LYS B 64 30.26 -10.13 11.17
CA LYS B 64 30.81 -8.87 10.68
C LYS B 64 30.87 -7.80 11.79
N TYR B 65 29.87 -7.77 12.64
CA TYR B 65 29.86 -6.85 13.76
C TYR B 65 30.90 -7.26 14.80
N TYR B 66 31.04 -8.57 15.02
CA TYR B 66 32.06 -9.06 15.93
C TYR B 66 33.47 -8.70 15.44
N GLU B 67 33.70 -8.82 14.13
CA GLU B 67 35.00 -8.43 13.58
C GLU B 67 35.32 -6.94 13.77
N GLU B 68 34.31 -6.09 13.57
CA GLU B 68 34.42 -4.66 13.86
C GLU B 68 34.76 -4.45 15.34
N ILE B 69 34.07 -5.17 16.23
CA ILE B 69 34.37 -5.08 17.67
C ILE B 69 35.82 -5.50 17.98
N ARG B 70 36.27 -6.58 17.35
CA ARG B 70 37.67 -7.01 17.48
C ARG B 70 38.63 -5.93 17.03
N GLY B 71 38.31 -5.27 15.92
CA GLY B 71 39.13 -4.16 15.38
C GLY B 71 39.22 -3.01 16.36
N ILE B 72 38.07 -2.67 16.96
CA ILE B 72 38.02 -1.58 17.95
C ILE B 72 38.94 -1.93 19.13
N ALA B 73 38.84 -3.16 19.60
CA ALA B 73 39.68 -3.62 20.71
C ALA B 73 41.17 -3.54 20.37
N LYS B 74 41.55 -3.96 19.16
CA LYS B 74 42.94 -3.86 18.77
C LYS B 74 43.41 -2.40 18.67
N GLY B 75 42.60 -1.56 18.05
CA GLY B 75 42.94 -0.14 17.87
C GLY B 75 43.08 0.60 19.20
N ALA B 76 42.19 0.26 20.13
CA ALA B 76 42.15 0.94 21.42
C ALA B 76 43.04 0.25 22.46
N GLU B 77 43.67 -0.86 22.06
CA GLU B 77 44.54 -1.68 22.94
C GLU B 77 43.78 -2.12 24.21
N ARG B 78 42.55 -2.61 23.99
CA ARG B 78 41.73 -3.13 25.09
C ARG B 78 41.36 -4.59 24.79
N ASP B 79 40.87 -5.29 25.81
CA ASP B 79 40.35 -6.64 25.62
C ASP B 79 39.05 -6.57 24.83
N VAL B 80 38.82 -7.58 23.98
CA VAL B 80 37.55 -7.67 23.24
C VAL B 80 36.37 -7.62 24.22
N SER B 81 36.50 -8.28 25.38
CA SER B 81 35.41 -8.30 26.36
C SER B 81 35.01 -6.89 26.80
N GLU B 82 36.00 -5.99 26.89
CA GLU B 82 35.72 -4.60 27.29
C GLU B 82 34.91 -3.85 26.24
N ILE B 83 35.16 -4.13 24.97
CA ILE B 83 34.39 -3.50 23.91
C ILE B 83 32.98 -4.08 23.81
N VAL B 84 32.87 -5.39 23.99
CA VAL B 84 31.57 -6.05 24.12
C VAL B 84 30.76 -5.36 25.23
N MET B 85 31.39 -5.14 26.37
N MET B 85 31.38 -5.14 26.38
CA MET B 85 30.75 -4.44 27.50
CA MET B 85 30.73 -4.43 27.49
C MET B 85 30.16 -3.08 27.11
C MET B 85 30.13 -3.10 27.06
N LEU B 86 30.95 -2.28 26.39
CA LEU B 86 30.48 -0.97 25.93
C LEU B 86 29.27 -1.09 25.01
N ASN B 87 29.26 -2.14 24.19
CA ASN B 87 28.16 -2.35 23.24
C ASN B 87 26.89 -3.00 23.80
N THR B 88 26.94 -3.40 25.07
CA THR B 88 25.84 -4.15 25.65
C THR B 88 25.37 -3.65 27.02
N ARG B 89 25.48 -2.35 27.28
CA ARG B 89 25.05 -1.82 28.57
C ARG B 89 23.64 -2.28 28.98
N THR B 90 22.69 -2.27 28.05
CA THR B 90 21.29 -2.65 28.39
C THR B 90 21.19 -4.09 28.87
N GLU B 91 22.06 -4.94 28.35
CA GLU B 91 22.09 -6.34 28.71
C GLU B 91 22.99 -6.58 29.93
N PHE B 92 24.20 -6.01 29.88
CA PHE B 92 25.22 -6.20 30.92
C PHE B 92 24.83 -5.52 32.24
N ALA B 93 24.28 -4.31 32.13
CA ALA B 93 23.83 -3.58 33.33
C ALA B 93 22.33 -3.71 33.55
N TYR B 94 21.75 -4.81 33.07
CA TYR B 94 20.33 -5.08 33.30
C TYR B 94 19.92 -4.98 34.78
N GLY B 95 18.85 -4.23 35.05
CA GLY B 95 18.30 -4.13 36.40
C GLY B 95 18.85 -3.00 37.25
N LEU B 96 19.95 -2.39 36.81
CA LEU B 96 20.58 -1.33 37.60
C LEU B 96 19.97 0.03 37.32
N LYS B 97 19.10 0.48 38.22
CA LYS B 97 18.38 1.74 37.97
C LYS B 97 19.33 2.93 37.74
N ALA B 98 20.45 2.95 38.46
CA ALA B 98 21.46 4.01 38.32
C ALA B 98 22.16 4.04 36.97
N ALA B 99 22.18 2.92 36.25
CA ALA B 99 22.77 2.91 34.92
C ALA B 99 21.83 3.39 33.81
N ARG B 100 20.61 3.82 34.14
CA ARG B 100 19.60 4.14 33.11
C ARG B 100 19.86 5.49 32.41
N ASP B 101 19.74 5.48 31.09
CA ASP B 101 19.67 6.72 30.30
C ASP B 101 18.21 7.10 30.08
N GLY B 102 17.99 8.25 29.44
CA GLY B 102 16.64 8.75 29.17
C GLY B 102 16.62 9.37 27.79
N ALA B 103 15.42 9.69 27.30
CA ALA B 103 15.27 10.28 25.96
C ALA B 103 13.85 10.79 25.74
N THR B 104 13.73 11.80 24.89
CA THR B 104 12.46 12.27 24.33
C THR B 104 12.63 12.29 22.80
N THR B 105 11.69 11.70 22.09
CA THR B 105 11.84 11.49 20.64
C THR B 105 10.55 11.87 19.96
N ALA B 106 10.64 12.49 18.78
CA ALA B 106 9.43 12.83 18.01
C ALA B 106 9.65 12.76 16.49
N TYR B 107 8.57 12.40 15.79
CA TYR B 107 8.52 12.45 14.34
C TYR B 107 7.25 13.22 13.96
N CYS B 108 7.37 14.11 12.99
CA CYS B 108 6.23 14.88 12.47
C CYS B 108 6.22 14.88 10.96
N GLN B 109 5.13 14.39 10.36
CA GLN B 109 4.89 14.57 8.92
C GLN B 109 4.54 16.03 8.67
N LEU B 110 5.11 16.61 7.62
CA LEU B 110 4.85 18.01 7.28
C LEU B 110 4.88 18.15 5.77
N PRO B 111 4.16 19.16 5.24
CA PRO B 111 4.01 19.29 3.79
C PRO B 111 5.32 19.75 3.14
N ASN B 112 6.19 20.39 3.92
CA ASN B 112 7.51 20.83 3.47
C ASN B 112 8.56 19.76 3.64
N GLY B 113 8.18 18.62 4.22
CA GLY B 113 9.15 17.56 4.54
C GLY B 113 9.07 17.19 6.01
N ALA B 114 9.16 15.89 6.29
CA ALA B 114 9.07 15.42 7.67
C ALA B 114 10.25 15.86 8.53
N LEU B 115 9.98 16.03 9.82
CA LEU B 115 11.02 16.34 10.79
C LEU B 115 11.04 15.27 11.89
N GLN B 116 12.22 14.91 12.36
CA GLN B 116 12.37 13.85 13.35
C GLN B 116 13.53 14.23 14.25
N GLY B 117 13.45 13.90 15.54
CA GLY B 117 14.59 14.22 16.40
C GLY B 117 14.49 13.62 17.78
N GLN B 118 15.53 13.81 18.56
CA GLN B 118 15.49 13.42 19.96
C GLN B 118 16.50 14.18 20.79
N ASN B 119 16.22 14.22 22.07
CA ASN B 119 17.24 14.46 23.08
C ASN B 119 17.64 13.13 23.69
N TRP B 120 18.91 12.99 24.04
CA TRP B 120 19.42 11.81 24.74
C TRP B 120 20.05 12.27 26.06
N ASP B 121 19.61 11.62 27.14
CA ASP B 121 19.91 12.07 28.51
C ASP B 121 20.72 11.01 29.29
N PHE B 122 21.80 11.45 29.92
CA PHE B 122 22.66 10.55 30.71
C PHE B 122 23.56 11.38 31.64
N PHE B 123 24.54 10.74 32.27
CA PHE B 123 25.44 11.45 33.20
C PHE B 123 26.27 12.50 32.45
N SER B 124 26.33 13.71 33.02
CA SER B 124 27.09 14.81 32.42
C SER B 124 28.56 14.48 32.21
N ALA B 125 29.15 13.72 33.14
CA ALA B 125 30.55 13.30 33.05
C ALA B 125 30.88 12.49 31.77
N THR B 126 29.86 11.94 31.10
CA THR B 126 30.06 11.15 29.86
C THR B 126 29.95 11.96 28.56
N LYS B 127 29.53 13.22 28.67
CA LYS B 127 29.33 14.03 27.47
C LYS B 127 30.61 14.15 26.64
N GLU B 128 31.75 14.25 27.34
CA GLU B 128 33.07 14.33 26.69
C GLU B 128 33.46 13.04 25.96
N ASN B 129 32.68 11.98 26.15
CA ASN B 129 32.95 10.70 25.50
C ASN B 129 32.11 10.43 24.26
N LEU B 130 31.23 11.38 23.92
CA LEU B 130 30.47 11.26 22.67
C LEU B 130 31.37 11.62 21.50
N ILE B 131 31.30 10.80 20.46
CA ILE B 131 32.05 11.02 19.22
C ILE B 131 31.09 10.79 18.07
N ARG B 132 31.52 11.13 16.86
CA ARG B 132 30.74 10.71 15.70
C ARG B 132 31.57 9.98 14.67
N LEU B 133 30.91 9.04 14.02
CA LEU B 133 31.54 8.23 12.99
C LEU B 133 30.85 8.45 11.67
N THR B 134 31.66 8.47 10.61
CA THR B 134 31.15 8.24 9.27
C THR B 134 31.70 6.88 8.86
N ILE B 135 30.81 5.94 8.56
CA ILE B 135 31.21 4.60 8.13
C ILE B 135 30.86 4.38 6.66
N ARG B 136 31.89 4.12 5.86
CA ARG B 136 31.72 3.85 4.44
C ARG B 136 32.04 2.40 4.19
N GLN B 137 31.04 1.66 3.70
CA GLN B 137 31.18 0.25 3.35
C GLN B 137 30.65 0.07 1.95
N ALA B 138 31.49 -0.44 1.07
CA ALA B 138 31.16 -0.49 -0.35
C ALA B 138 29.84 -1.23 -0.59
N GLY B 139 28.92 -0.54 -1.27
CA GLY B 139 27.63 -1.13 -1.62
C GLY B 139 26.58 -1.13 -0.52
N LEU B 140 26.91 -0.54 0.63
CA LEU B 140 25.94 -0.33 1.71
C LEU B 140 25.76 1.16 1.92
N PRO B 141 24.62 1.58 2.50
CA PRO B 141 24.50 3.01 2.78
C PRO B 141 25.63 3.52 3.66
N THR B 142 26.10 4.73 3.36
CA THR B 142 27.06 5.38 4.23
C THR B 142 26.31 5.85 5.47
N ILE B 143 26.93 5.61 6.63
CA ILE B 143 26.30 5.91 7.89
C ILE B 143 27.00 7.07 8.59
N LYS B 144 26.22 7.99 9.15
CA LYS B 144 26.77 9.06 9.99
C LYS B 144 25.99 9.03 11.28
N PHE B 145 26.67 8.73 12.39
CA PHE B 145 25.96 8.65 13.69
C PHE B 145 26.77 9.12 14.87
N ILE B 146 26.04 9.52 15.91
CA ILE B 146 26.60 9.98 17.19
C ILE B 146 26.63 8.77 18.09
N THR B 147 27.76 8.54 18.73
CA THR B 147 27.88 7.37 19.58
C THR B 147 28.75 7.71 20.81
N GLU B 148 28.60 6.91 21.87
CA GLU B 148 29.59 6.89 22.95
C GLU B 148 30.78 6.12 22.38
N ALA B 149 32.00 6.60 22.62
CA ALA B 149 33.18 5.96 22.01
C ALA B 149 33.23 4.45 22.26
N GLY B 150 33.45 3.69 21.19
CA GLY B 150 33.58 2.22 21.24
C GLY B 150 32.32 1.46 20.85
N ILE B 151 31.20 2.17 20.71
CA ILE B 151 29.91 1.53 20.38
C ILE B 151 29.64 1.58 18.87
N ILE B 152 29.21 0.45 18.29
CA ILE B 152 29.07 0.30 16.83
C ILE B 152 27.72 0.70 16.24
N GLY B 153 26.76 1.05 17.07
CA GLY B 153 25.46 1.48 16.56
C GLY B 153 24.79 2.31 17.62
N LYS B 154 24.36 3.51 17.26
CA LYS B 154 23.59 4.32 18.20
C LYS B 154 22.54 5.17 17.45
N VAL B 155 22.78 6.48 17.34
CA VAL B 155 21.74 7.41 16.89
C VAL B 155 22.28 8.22 15.71
N GLY B 156 21.63 8.09 14.56
CA GLY B 156 22.11 8.83 13.38
C GLY B 156 21.32 8.44 12.16
N PHE B 157 21.92 8.63 10.99
CA PHE B 157 21.21 8.39 9.75
C PHE B 157 22.14 7.90 8.65
N ASN B 158 21.55 7.55 7.52
CA ASN B 158 22.36 7.02 6.41
C ASN B 158 22.03 7.65 5.07
N SER B 159 22.79 7.27 4.04
CA SER B 159 22.69 7.93 2.75
C SER B 159 21.41 7.54 2.00
N ALA B 160 20.73 6.50 2.48
CA ALA B 160 19.41 6.14 1.94
C ALA B 160 18.28 6.92 2.61
N GLY B 161 18.62 7.80 3.53
CA GLY B 161 17.64 8.64 4.24
C GLY B 161 16.99 7.99 5.46
N VAL B 162 17.44 6.79 5.83
CA VAL B 162 16.96 6.15 7.07
C VAL B 162 17.57 6.83 8.32
N ALA B 163 16.72 7.29 9.25
CA ALA B 163 17.18 7.96 10.46
C ALA B 163 16.68 7.20 11.67
N VAL B 164 17.57 7.04 12.65
CA VAL B 164 17.29 6.16 13.78
C VAL B 164 17.38 6.94 15.10
N ASN B 165 16.41 6.72 15.97
CA ASN B 165 16.44 7.26 17.34
C ASN B 165 16.27 6.13 18.38
N TYR B 166 16.77 6.37 19.61
CA TYR B 166 16.80 5.35 20.65
C TYR B 166 16.28 5.92 21.96
N ASN B 167 15.38 5.19 22.63
CA ASN B 167 14.86 5.59 23.96
C ASN B 167 14.97 4.39 24.90
N ALA B 168 15.48 4.61 26.10
CA ALA B 168 15.43 3.56 27.13
C ALA B 168 13.98 3.14 27.44
N LEU B 169 13.79 1.85 27.70
CA LEU B 169 12.47 1.33 28.07
C LEU B 169 12.72 0.22 29.08
N HIS B 170 11.82 0.08 30.07
CA HIS B 170 12.15 -0.74 31.24
C HIS B 170 11.22 -1.92 31.50
N LEU B 171 10.87 -2.65 30.44
CA LEU B 171 10.12 -3.90 30.61
C LEU B 171 11.05 -4.98 31.15
N GLN B 172 10.51 -5.88 31.96
CA GLN B 172 11.26 -6.94 32.62
C GLN B 172 11.71 -8.00 31.62
N GLY B 173 12.91 -8.55 31.83
CA GLY B 173 13.37 -9.72 31.10
C GLY B 173 14.73 -9.55 30.46
N LEU B 174 15.54 -10.60 30.54
CA LEU B 174 16.87 -10.59 29.93
C LEU B 174 17.13 -11.95 29.29
N ARG B 175 17.41 -11.91 27.99
CA ARG B 175 17.72 -13.11 27.20
C ARG B 175 19.04 -12.87 26.46
N PRO B 176 20.18 -13.30 27.05
CA PRO B 176 21.46 -12.97 26.43
C PRO B 176 21.65 -13.57 25.04
N THR B 177 20.84 -14.56 24.66
CA THR B 177 20.94 -15.19 23.33
C THR B 177 20.16 -14.40 22.27
N GLY B 178 19.43 -13.37 22.69
CA GLY B 178 18.67 -12.51 21.77
C GLY B 178 19.51 -11.38 21.20
N VAL B 179 18.87 -10.48 20.48
CA VAL B 179 19.57 -9.34 19.86
C VAL B 179 19.80 -8.20 20.85
N PRO B 180 21.08 -7.82 21.09
CA PRO B 180 21.37 -6.65 21.92
C PRO B 180 20.80 -5.35 21.31
N SER B 181 20.36 -4.42 22.14
CA SER B 181 19.72 -3.21 21.63
C SER B 181 20.59 -2.40 20.66
N HIS B 182 21.89 -2.27 20.93
CA HIS B 182 22.73 -1.48 20.05
C HIS B 182 23.15 -2.21 18.76
N ILE B 183 23.07 -3.55 18.78
CA ILE B 183 23.16 -4.34 17.52
C ILE B 183 21.93 -4.04 16.62
N ALA B 184 20.75 -4.01 17.21
CA ALA B 184 19.54 -3.66 16.46
C ALA B 184 19.64 -2.26 15.88
N LEU B 185 20.20 -1.31 16.64
CA LEU B 185 20.46 0.04 16.10
C LEU B 185 21.37 0.00 14.85
N ARG B 186 22.44 -0.78 14.91
CA ARG B 186 23.33 -0.90 13.76
C ARG B 186 22.62 -1.58 12.58
N ILE B 187 21.82 -2.61 12.85
CA ILE B 187 21.02 -3.23 11.78
C ILE B 187 20.14 -2.19 11.07
N ALA B 188 19.46 -1.35 11.84
CA ALA B 188 18.61 -0.29 11.28
C ALA B 188 19.43 0.73 10.48
N LEU B 189 20.56 1.14 11.04
CA LEU B 189 21.45 2.13 10.37
C LEU B 189 22.01 1.62 9.03
N GLU B 190 22.08 0.31 8.85
CA GLU B 190 22.55 -0.29 7.58
C GLU B 190 21.44 -0.58 6.57
N SER B 191 20.18 -0.31 6.96
CA SER B 191 19.05 -0.64 6.09
C SER B 191 18.74 0.47 5.06
N THR B 192 18.13 0.11 3.94
CA THR B 192 17.79 1.08 2.86
C THR B 192 16.41 1.73 2.98
N SER B 193 15.57 1.27 3.90
CA SER B 193 14.27 1.88 4.18
C SER B 193 13.83 1.53 5.60
N PRO B 194 12.90 2.33 6.19
CA PRO B 194 12.38 1.91 7.49
C PRO B 194 11.68 0.53 7.44
N SER B 195 11.01 0.25 6.31
N SER B 195 11.01 0.22 6.33
CA SER B 195 10.39 -1.07 6.05
CA SER B 195 10.38 -1.11 6.19
C SER B 195 11.41 -2.19 6.21
C SER B 195 11.42 -2.23 6.21
N GLN B 196 12.57 -2.00 5.59
CA GLN B 196 13.65 -2.97 5.62
C GLN B 196 14.24 -3.09 7.04
N ALA B 197 14.41 -1.95 7.72
CA ALA B 197 14.91 -1.97 9.09
C ALA B 197 14.00 -2.80 9.99
N TYR B 198 12.68 -2.58 9.86
CA TYR B 198 11.70 -3.34 10.64
C TYR B 198 11.88 -4.83 10.38
N ASP B 199 11.87 -5.22 9.10
CA ASP B 199 11.99 -6.61 8.69
C ASP B 199 13.25 -7.23 9.27
N ARG B 200 14.38 -6.52 9.19
CA ARG B 200 15.65 -7.10 9.58
C ARG B 200 15.77 -7.26 11.09
N ILE B 201 15.13 -6.37 11.84
CA ILE B 201 15.13 -6.53 13.30
C ILE B 201 14.23 -7.71 13.72
N VAL B 202 13.01 -7.75 13.21
N VAL B 202 13.02 -7.73 13.20
CA VAL B 202 12.08 -8.84 13.60
CA VAL B 202 12.06 -8.80 13.52
C VAL B 202 12.50 -10.21 13.05
C VAL B 202 12.58 -10.17 13.09
N GLU B 203 13.28 -10.22 11.96
CA GLU B 203 13.82 -11.49 11.41
C GLU B 203 14.80 -12.18 12.37
N GLN B 204 15.34 -11.42 13.33
CA GLN B 204 16.28 -11.94 14.34
C GLN B 204 15.60 -12.84 15.39
N GLY B 205 14.27 -12.78 15.47
CA GLY B 205 13.53 -13.74 16.29
C GLY B 205 13.60 -13.52 17.80
N GLY B 206 13.97 -12.32 18.21
CA GLY B 206 13.75 -11.97 19.64
C GLY B 206 14.83 -11.08 20.21
N MET B 207 14.41 -10.09 20.98
CA MET B 207 15.32 -9.08 21.54
C MET B 207 15.93 -9.57 22.87
N ALA B 208 17.11 -9.06 23.23
CA ALA B 208 17.81 -9.50 24.44
C ALA B 208 17.30 -8.80 25.70
N ALA B 209 16.82 -7.57 25.56
CA ALA B 209 16.37 -6.80 26.71
C ALA B 209 15.36 -5.76 26.21
N SER B 210 14.96 -4.82 27.05
CA SER B 210 13.95 -3.84 26.69
C SER B 210 14.57 -2.52 26.22
N ALA B 211 13.98 -1.93 25.18
CA ALA B 211 14.25 -0.56 24.75
C ALA B 211 13.18 -0.15 23.75
N PHE B 212 13.34 1.04 23.19
CA PHE B 212 12.50 1.54 22.10
C PHE B 212 13.38 2.08 21.00
N ILE B 213 13.06 1.73 19.75
CA ILE B 213 13.77 2.26 18.60
C ILE B 213 12.77 2.90 17.65
N MET B 214 13.11 4.08 17.12
CA MET B 214 12.30 4.70 16.09
C MET B 214 13.11 4.76 14.81
N VAL B 215 12.49 4.41 13.69
CA VAL B 215 13.12 4.45 12.38
C VAL B 215 12.21 5.21 11.42
N GLY B 216 12.76 6.21 10.74
CA GLY B 216 11.96 6.98 9.80
C GLY B 216 12.73 7.50 8.61
N ASN B 217 11.99 7.81 7.54
CA ASN B 217 12.55 8.59 6.44
C ASN B 217 11.54 9.67 6.07
N GLY B 218 11.61 10.25 4.88
CA GLY B 218 10.63 11.31 4.55
C GLY B 218 9.22 10.81 4.32
N HIS B 219 9.06 9.49 4.16
CA HIS B 219 7.81 8.90 3.66
C HIS B 219 7.07 8.09 4.72
N GLU B 220 7.82 7.48 5.63
CA GLU B 220 7.26 6.53 6.59
C GLU B 220 8.09 6.50 7.86
N ALA B 221 7.46 6.14 8.98
CA ALA B 221 8.17 5.95 10.22
C ALA B 221 7.45 4.92 11.09
N PHE B 222 8.19 4.26 11.97
CA PHE B 222 7.59 3.40 12.99
C PHE B 222 8.44 3.45 14.26
N GLY B 223 7.83 3.05 15.37
CA GLY B 223 8.54 2.86 16.64
C GLY B 223 8.36 1.40 17.03
N LEU B 224 9.33 0.86 17.76
CA LEU B 224 9.20 -0.49 18.30
C LEU B 224 9.47 -0.44 19.79
N GLU B 225 8.45 -0.80 20.58
CA GLU B 225 8.60 -1.02 22.02
C GLU B 225 8.81 -2.51 22.23
N PHE B 226 9.90 -2.90 22.87
CA PHE B 226 10.19 -4.33 22.99
C PHE B 226 10.73 -4.78 24.36
N SER B 227 10.53 -6.07 24.62
CA SER B 227 11.23 -6.83 25.66
C SER B 227 11.55 -8.21 25.02
N PRO B 228 12.24 -9.11 25.77
CA PRO B 228 12.43 -10.46 25.24
C PRO B 228 11.13 -11.25 24.97
N THR B 229 10.01 -10.77 25.47
CA THR B 229 8.72 -11.49 25.32
C THR B 229 7.60 -10.63 24.72
N SER B 230 7.97 -9.50 24.12
CA SER B 230 6.98 -8.59 23.52
C SER B 230 7.60 -7.65 22.50
N ILE B 231 6.96 -7.53 21.33
CA ILE B 231 7.38 -6.53 20.33
C ILE B 231 6.11 -5.86 19.82
N ARG B 232 5.98 -4.55 20.04
CA ARG B 232 4.80 -3.80 19.60
C ARG B 232 5.23 -2.63 18.73
N LYS B 233 4.50 -2.39 17.64
CA LYS B 233 4.84 -1.34 16.71
C LYS B 233 3.99 -0.09 16.97
N GLN B 234 4.67 1.04 17.13
CA GLN B 234 4.04 2.36 17.18
C GLN B 234 3.99 2.94 15.77
N VAL B 235 2.84 3.52 15.42
CA VAL B 235 2.66 4.12 14.09
C VAL B 235 2.22 5.58 14.23
N LEU B 236 2.28 6.32 13.13
CA LEU B 236 1.86 7.73 13.16
C LEU B 236 0.41 7.86 13.64
N ASP B 237 0.15 8.89 14.44
CA ASP B 237 -1.22 9.19 14.89
C ASP B 237 -2.00 9.96 13.83
N ALA B 238 -3.24 10.35 14.16
CA ALA B 238 -4.12 11.03 13.20
C ALA B 238 -3.54 12.34 12.67
N ASN B 239 -2.69 12.97 13.48
CA ASN B 239 -2.00 14.20 13.08
C ASN B 239 -0.64 13.98 12.39
N GLY B 240 -0.32 12.73 12.08
CA GLY B 240 0.95 12.40 11.42
C GLY B 240 2.16 12.50 12.34
N ARG B 241 1.95 12.31 13.64
CA ARG B 241 3.00 12.48 14.64
C ARG B 241 3.22 11.20 15.45
N MET B 242 4.46 11.02 15.89
N MET B 242 4.44 11.08 15.97
CA MET B 242 4.80 10.02 16.91
CA MET B 242 4.82 10.01 16.88
C MET B 242 5.63 10.74 17.96
C MET B 242 5.72 10.60 17.95
N VAL B 243 5.35 10.44 19.23
CA VAL B 243 6.19 10.94 20.34
C VAL B 243 6.51 9.77 21.26
N HIS B 244 7.74 9.70 21.76
CA HIS B 244 8.07 8.65 22.73
C HIS B 244 9.04 9.16 23.77
N THR B 245 8.83 8.71 25.00
CA THR B 245 9.74 9.01 26.09
C THR B 245 10.33 7.71 26.66
N ASN B 246 10.13 7.42 27.95
CA ASN B 246 10.76 6.25 28.55
C ASN B 246 9.78 5.32 29.26
N HIS B 247 8.55 5.32 28.76
CA HIS B 247 7.54 4.41 29.28
C HIS B 247 6.68 3.83 28.15
N CYS B 248 6.02 2.71 28.43
CA CYS B 248 5.25 2.02 27.39
C CYS B 248 3.99 2.79 27.06
N LEU B 249 3.79 3.05 25.76
CA LEU B 249 2.55 3.69 25.27
C LEU B 249 1.59 2.66 24.69
N LEU B 250 2.12 1.49 24.34
CA LEU B 250 1.33 0.49 23.64
C LEU B 250 0.84 -0.60 24.60
N GLN B 251 -0.19 -1.32 24.19
CA GLN B 251 -0.77 -2.36 25.04
C GLN B 251 0.06 -3.63 24.87
N HIS B 252 0.84 -3.96 25.88
CA HIS B 252 1.62 -5.19 25.87
C HIS B 252 0.82 -6.30 26.58
N GLY B 253 1.25 -7.56 26.41
CA GLY B 253 0.57 -8.69 27.03
C GLY B 253 0.50 -8.63 28.54
N LYS B 254 -0.36 -9.47 29.12
CA LYS B 254 -0.64 -9.45 30.56
C LYS B 254 0.61 -9.67 31.42
N ASN B 255 1.49 -10.55 30.97
CA ASN B 255 2.67 -10.94 31.70
C ASN B 255 3.78 -9.88 31.71
N GLU B 256 3.67 -8.87 30.86
CA GLU B 256 4.72 -7.84 30.75
C GLU B 256 4.66 -6.89 31.95
N LYS B 257 5.83 -6.54 32.47
CA LYS B 257 5.94 -5.74 33.67
C LYS B 257 6.94 -4.62 33.44
N GLU B 258 6.49 -3.39 33.65
CA GLU B 258 7.32 -2.22 33.50
C GLU B 258 7.96 -1.87 34.85
N LEU B 259 9.29 -1.76 34.89
CA LEU B 259 10.00 -1.64 36.16
C LEU B 259 10.36 -0.20 36.57
N ASP B 260 9.47 0.44 37.31
CA ASP B 260 9.79 1.71 37.98
C ASP B 260 10.29 2.79 37.03
N PRO B 261 9.51 3.12 35.97
CA PRO B 261 10.00 4.18 35.13
C PRO B 261 9.84 5.55 35.80
N LEU B 262 10.60 6.53 35.31
CA LEU B 262 10.57 7.92 35.82
C LEU B 262 9.17 8.51 35.72
N PRO B 263 8.64 9.10 36.82
CA PRO B 263 7.34 9.79 36.66
C PRO B 263 7.37 10.85 35.57
N ASP B 264 8.51 11.53 35.40
CA ASP B 264 8.60 12.62 34.43
C ASP B 264 8.52 12.11 32.98
N SER B 265 8.64 10.80 32.79
CA SER B 265 8.46 10.22 31.45
C SER B 265 7.05 10.53 30.93
N TRP B 266 6.07 10.50 31.83
CA TRP B 266 4.67 10.88 31.52
C TRP B 266 4.55 12.39 31.24
N ASN B 267 5.09 13.23 32.12
CA ASN B 267 5.06 14.71 31.92
C ASN B 267 5.66 15.12 30.57
N ARG B 268 6.82 14.56 30.25
CA ARG B 268 7.54 14.89 29.04
C ARG B 268 6.78 14.48 27.78
N HIS B 269 6.15 13.29 27.82
CA HIS B 269 5.34 12.84 26.69
C HIS B 269 4.15 13.78 26.48
N GLN B 270 3.45 14.12 27.57
N GLN B 270 3.45 14.11 27.57
CA GLN B 270 2.29 15.02 27.50
CA GLN B 270 2.29 15.03 27.53
C GLN B 270 2.70 16.43 27.05
C GLN B 270 2.74 16.40 26.99
N ARG B 271 3.88 16.87 27.48
CA ARG B 271 4.41 18.18 27.13
C ARG B 271 4.75 18.26 25.64
N MET B 272 5.42 17.24 25.11
CA MET B 272 5.81 17.25 23.70
C MET B 272 4.58 17.20 22.80
N GLU B 273 3.59 16.39 23.17
CA GLU B 273 2.33 16.35 22.42
C GLU B 273 1.65 17.72 22.40
N PHE B 274 1.66 18.39 23.55
CA PHE B 274 1.09 19.73 23.69
C PHE B 274 1.86 20.72 22.81
N LEU B 275 3.19 20.65 22.84
CA LEU B 275 4.04 21.55 22.04
C LEU B 275 3.82 21.35 20.55
N LEU B 276 3.71 20.09 20.12
CA LEU B 276 3.47 19.79 18.70
C LEU B 276 2.08 20.22 18.24
N ASP B 277 1.13 20.27 19.18
CA ASP B 277 -0.19 20.79 18.87
C ASP B 277 -0.17 22.28 18.48
N GLY B 278 0.73 23.05 19.08
CA GLY B 278 0.81 24.49 18.85
C GLY B 278 1.87 24.89 17.84
N PHE B 279 2.69 23.92 17.49
CA PHE B 279 3.82 24.01 16.57
C PHE B 279 3.43 24.51 15.15
N ASP B 280 4.13 25.54 14.65
CA ASP B 280 3.79 26.15 13.35
C ASP B 280 4.30 25.38 12.11
N GLY B 281 5.09 24.33 12.32
CA GLY B 281 5.61 23.54 11.21
C GLY B 281 7.01 23.89 10.75
N THR B 282 7.52 25.05 11.17
CA THR B 282 8.85 25.49 10.71
C THR B 282 9.98 24.70 11.36
N LYS B 283 11.06 24.55 10.60
CA LYS B 283 12.27 23.91 11.10
C LYS B 283 12.82 24.65 12.33
N GLN B 284 12.74 25.98 12.30
CA GLN B 284 13.17 26.80 13.44
C GLN B 284 12.38 26.51 14.71
N ALA B 285 11.04 26.45 14.59
CA ALA B 285 10.18 26.16 15.75
C ALA B 285 10.40 24.74 16.25
N PHE B 286 10.64 23.82 15.32
CA PHE B 286 10.90 22.42 15.70
C PHE B 286 12.15 22.33 16.54
N ALA B 287 13.19 23.06 16.15
CA ALA B 287 14.44 23.03 16.91
C ALA B 287 14.23 23.54 18.34
N GLN B 288 13.39 24.55 18.51
CA GLN B 288 13.17 25.16 19.83
C GLN B 288 12.42 24.26 20.82
N LEU B 289 11.67 23.31 20.31
CA LEU B 289 10.94 22.35 21.15
C LEU B 289 11.89 21.62 22.09
N TRP B 290 13.09 21.32 21.59
CA TRP B 290 14.06 20.49 22.30
C TRP B 290 14.75 21.24 23.44
N ALA B 291 14.57 22.56 23.48
CA ALA B 291 15.10 23.40 24.57
C ALA B 291 14.06 23.61 25.66
N ASP B 292 12.93 22.90 25.59
CA ASP B 292 11.84 23.17 26.55
C ASP B 292 12.24 22.81 27.97
N GLU B 293 11.96 23.72 28.92
CA GLU B 293 12.31 23.51 30.33
C GLU B 293 11.12 23.44 31.28
N ASP B 294 9.92 23.16 30.77
CA ASP B 294 8.79 22.90 31.66
C ASP B 294 9.10 21.70 32.55
N ASN B 295 8.82 21.84 33.85
CA ASN B 295 9.11 20.79 34.85
C ASN B 295 10.62 20.57 35.10
N TYR B 296 11.41 21.60 34.82
CA TYR B 296 12.83 21.62 35.13
C TYR B 296 13.06 21.19 36.60
N PRO B 297 14.09 20.37 36.88
CA PRO B 297 15.15 19.86 35.99
C PRO B 297 14.79 18.60 35.18
N PHE B 298 13.58 18.08 35.39
CA PHE B 298 13.17 16.82 34.72
C PHE B 298 12.57 17.11 33.35
N SER B 299 12.98 18.22 32.75
CA SER B 299 12.36 18.71 31.52
C SER B 299 12.83 17.96 30.28
N ILE B 300 12.13 18.19 29.17
CA ILE B 300 12.55 17.67 27.87
C ILE B 300 14.03 18.00 27.62
N CYS B 301 14.42 19.24 27.90
CA CYS B 301 15.83 19.63 27.94
C CYS B 301 16.28 19.42 29.38
N ARG B 302 16.84 18.24 29.65
CA ARG B 302 17.03 17.78 31.04
C ARG B 302 18.29 18.40 31.63
N ALA B 303 18.27 18.67 32.94
CA ALA B 303 19.42 19.24 33.64
C ALA B 303 19.79 18.44 34.87
N TYR B 304 21.08 18.45 35.19
CA TYR B 304 21.56 17.89 36.43
C TYR B 304 21.16 18.84 37.58
N GLU B 305 20.71 18.24 38.67
CA GLU B 305 20.45 18.99 39.91
C GLU B 305 20.73 18.08 41.11
N GLU B 306 21.72 18.47 41.90
CA GLU B 306 22.18 17.71 43.08
C GLU B 306 21.00 17.28 43.94
N GLY B 307 20.76 15.97 44.01
CA GLY B 307 19.71 15.41 44.86
C GLY B 307 18.34 15.25 44.22
N LYS B 308 18.23 15.61 42.94
CA LYS B 308 16.96 15.57 42.21
C LYS B 308 17.07 14.86 40.87
N SER B 309 18.03 15.30 40.07
CA SER B 309 18.21 14.74 38.74
C SER B 309 19.68 14.32 38.53
N ARG B 310 19.87 13.03 38.29
CA ARG B 310 21.18 12.42 38.06
C ARG B 310 21.78 12.82 36.71
N GLY B 311 20.90 13.05 35.73
CA GLY B 311 21.33 13.22 34.35
C GLY B 311 20.91 14.52 33.70
N ALA B 312 21.40 14.74 32.49
CA ALA B 312 21.12 15.94 31.71
C ALA B 312 21.05 15.54 30.26
N THR B 313 20.43 16.38 29.44
CA THR B 313 20.48 16.18 27.99
C THR B 313 21.91 16.39 27.53
N LEU B 314 22.46 15.39 26.84
CA LEU B 314 23.86 15.39 26.45
C LEU B 314 24.02 15.68 24.96
N PHE B 315 22.98 15.40 24.18
CA PHE B 315 22.91 15.88 22.80
C PHE B 315 21.48 15.89 22.30
N ASN B 316 21.27 16.69 21.25
CA ASN B 316 20.03 16.76 20.50
C ASN B 316 20.39 16.51 19.04
N ILE B 317 19.55 15.76 18.34
CA ILE B 317 19.73 15.58 16.90
C ILE B 317 18.40 15.86 16.20
N ILE B 318 18.45 16.52 15.04
CA ILE B 318 17.25 16.77 14.24
C ILE B 318 17.52 16.37 12.81
N TYR B 319 16.65 15.52 12.27
CA TYR B 319 16.74 15.08 10.87
C TYR B 319 15.78 15.89 10.04
N ASP B 320 16.33 16.65 9.09
CA ASP B 320 15.57 17.34 8.07
C ASP B 320 15.47 16.38 6.88
N HIS B 321 14.39 15.61 6.85
CA HIS B 321 14.22 14.58 5.83
C HIS B 321 14.19 15.13 4.40
N ALA B 322 13.64 16.33 4.21
CA ALA B 322 13.57 16.93 2.87
C ALA B 322 14.94 17.14 2.25
N ARG B 323 15.92 17.48 3.09
CA ARG B 323 17.27 17.85 2.59
C ARG B 323 18.33 16.79 2.91
N ARG B 324 17.92 15.71 3.57
N ARG B 324 17.93 15.72 3.59
CA ARG B 324 18.83 14.66 4.08
CA ARG B 324 18.86 14.66 4.03
C ARG B 324 20.02 15.25 4.86
C ARG B 324 20.03 15.25 4.87
N GLU B 325 19.69 16.01 5.90
CA GLU B 325 20.69 16.70 6.74
C GLU B 325 20.32 16.44 8.18
N ALA B 326 21.31 16.25 9.03
CA ALA B 326 21.05 16.05 10.45
C ALA B 326 21.81 17.12 11.23
N THR B 327 21.10 17.88 12.05
CA THR B 327 21.73 18.95 12.80
C THR B 327 21.91 18.42 14.21
N VAL B 328 23.14 18.49 14.71
CA VAL B 328 23.46 17.99 16.05
C VAL B 328 23.84 19.17 16.95
N ARG B 329 23.31 19.15 18.17
CA ARG B 329 23.69 20.12 19.17
C ARG B 329 24.25 19.32 20.34
N LEU B 330 25.49 19.56 20.70
CA LEU B 330 26.11 18.84 21.82
C LEU B 330 25.76 19.59 23.09
N GLY B 331 25.44 18.86 24.14
CA GLY B 331 25.01 19.45 25.41
C GLY B 331 23.52 19.77 25.41
N ARG B 332 23.12 20.68 26.28
CA ARG B 332 21.72 21.10 26.39
C ARG B 332 21.33 22.09 25.27
N PRO B 333 20.24 21.82 24.53
CA PRO B 333 19.79 22.71 23.45
C PRO B 333 19.51 24.16 23.87
N THR B 334 19.30 24.42 25.16
CA THR B 334 19.21 25.80 25.67
C THR B 334 20.48 26.63 25.40
N ASN B 335 21.64 25.97 25.51
CA ASN B 335 22.93 26.59 25.20
C ASN B 335 23.95 25.51 24.82
N PRO B 336 23.94 25.08 23.56
CA PRO B 336 24.80 23.98 23.12
C PRO B 336 26.31 24.30 23.26
N ASP B 337 27.08 23.28 23.63
CA ASP B 337 28.55 23.37 23.62
C ASP B 337 29.08 23.55 22.19
N GLU B 338 28.43 22.90 21.25
CA GLU B 338 28.74 23.08 19.84
C GLU B 338 27.55 22.62 19.02
N MET B 339 27.57 22.98 17.74
CA MET B 339 26.49 22.66 16.82
C MET B 339 27.11 22.42 15.44
N PHE B 340 26.61 21.40 14.74
CA PHE B 340 27.09 21.10 13.39
C PHE B 340 26.04 20.35 12.59
N VAL B 341 26.17 20.38 11.26
CA VAL B 341 25.25 19.65 10.39
C VAL B 341 26.01 18.52 9.70
N MET B 342 25.43 17.32 9.74
CA MET B 342 25.98 16.18 9.00
C MET B 342 25.22 16.05 7.70
N ARG B 343 25.94 15.85 6.61
CA ARG B 343 25.32 15.66 5.30
C ARG B 343 26.20 14.76 4.47
N PHE B 344 25.60 14.14 3.46
CA PHE B 344 26.31 13.18 2.63
C PHE B 344 26.79 13.84 1.35
N ASP B 345 28.08 13.69 1.04
CA ASP B 345 28.66 14.30 -0.15
C ASP B 345 28.79 13.26 -1.28
N GLU B 346 29.40 13.65 -2.40
N GLU B 346 29.41 13.71 -2.38
CA GLU B 346 29.51 12.76 -3.56
CA GLU B 346 29.67 12.88 -3.58
C GLU B 346 30.37 11.51 -3.31
C GLU B 346 30.29 11.54 -3.22
N GLU B 347 31.34 11.60 -2.40
CA GLU B 347 32.11 10.42 -2.00
C GLU B 347 31.33 9.45 -1.12
N ASP B 348 30.50 9.98 -0.22
CA ASP B 348 29.60 9.15 0.58
C ASP B 348 28.65 8.38 -0.32
N GLU B 349 28.18 9.04 -1.39
CA GLU B 349 27.24 8.42 -2.31
C GLU B 349 27.94 7.38 -3.20
N ARG B 350 29.17 7.71 -3.63
CA ARG B 350 29.99 6.77 -4.41
C ARG B 350 30.23 5.46 -3.65
N SER B 351 30.57 5.55 -2.37
CA SER B 351 30.74 4.35 -1.55
C SER B 351 29.44 3.52 -1.51
N ALA B 352 28.32 4.21 -1.34
CA ALA B 352 27.03 3.55 -1.21
C ALA B 352 26.61 2.81 -2.46
N LEU B 353 27.11 3.28 -3.62
CA LEU B 353 26.86 2.64 -4.92
C LEU B 353 27.97 1.69 -5.34
N ASN B 354 29.03 1.60 -4.52
CA ASN B 354 30.29 0.97 -4.93
C ASN B 354 30.76 1.47 -6.31
N ALA B 355 30.70 2.79 -6.49
CA ALA B 355 30.99 3.38 -7.79
C ALA B 355 32.43 3.89 -7.87
N ARG B 356 32.89 4.03 -9.11
CA ARG B 356 34.19 4.56 -9.50
C ARG B 356 35.34 3.60 -9.18
N MET C 1 20.18 33.87 -16.37
CA MET C 1 18.73 33.76 -16.70
C MET C 1 17.93 34.64 -15.77
N LEU C 2 17.01 35.41 -16.34
CA LEU C 2 16.10 36.21 -15.54
C LEU C 2 15.34 35.36 -14.51
N HIS C 3 15.39 35.79 -13.25
CA HIS C 3 14.62 35.16 -12.18
C HIS C 3 13.65 36.18 -11.60
N ILE C 4 12.39 35.78 -11.44
CA ILE C 4 11.39 36.63 -10.83
C ILE C 4 10.76 35.93 -9.64
N LEU C 5 10.90 36.54 -8.47
CA LEU C 5 10.20 36.12 -7.26
C LEU C 5 8.80 36.73 -7.22
N CYS C 6 7.77 35.87 -7.24
CA CYS C 6 6.37 36.30 -7.28
C CYS C 6 5.63 35.80 -6.03
N GLN C 7 4.96 36.72 -5.33
CA GLN C 7 4.32 36.38 -4.07
C GLN C 7 3.06 37.23 -3.91
N GLY C 8 2.00 36.64 -3.36
CA GLY C 8 0.78 37.38 -3.04
C GLY C 8 -0.44 36.71 -3.63
N THR C 9 -1.41 37.52 -4.05
CA THR C 9 -2.61 37.03 -4.71
C THR C 9 -2.26 36.57 -6.12
N PRO C 10 -3.14 35.76 -6.75
CA PRO C 10 -2.89 35.35 -8.14
C PRO C 10 -2.62 36.55 -9.08
N PHE C 11 -3.37 37.65 -8.93
CA PHE C 11 -3.17 38.82 -9.79
C PHE C 11 -1.79 39.46 -9.55
N GLU C 12 -1.41 39.64 -8.29
CA GLU C 12 -0.11 40.19 -7.91
C GLU C 12 1.05 39.32 -8.41
N ILE C 13 0.88 38.00 -8.30
CA ILE C 13 1.84 37.02 -8.82
C ILE C 13 2.04 37.18 -10.33
N GLY C 14 0.93 37.28 -11.07
CA GLY C 14 0.96 37.50 -12.50
C GLY C 14 1.55 38.85 -12.87
N TYR C 15 1.16 39.88 -12.14
CA TYR C 15 1.67 41.24 -12.42
C TYR C 15 3.19 41.31 -12.30
N GLU C 16 3.75 40.69 -11.27
CA GLU C 16 5.22 40.68 -11.08
C GLU C 16 5.94 39.99 -12.25
N HIS C 17 5.40 38.85 -12.65
CA HIS C 17 5.89 38.08 -13.79
C HIS C 17 5.84 38.95 -15.06
N GLY C 18 4.67 39.48 -15.38
CA GLY C 18 4.49 40.28 -16.58
C GLY C 18 5.35 41.53 -16.65
N SER C 19 5.48 42.23 -15.52
N SER C 19 5.45 42.25 -15.53
CA SER C 19 6.23 43.49 -15.46
CA SER C 19 6.26 43.48 -15.49
C SER C 19 7.76 43.32 -15.51
C SER C 19 7.74 43.18 -15.70
N ALA C 20 8.29 42.28 -14.87
CA ALA C 20 9.74 42.00 -14.91
C ALA C 20 10.18 41.32 -16.21
N ALA C 21 9.25 40.62 -16.85
CA ALA C 21 9.55 39.92 -18.10
C ALA C 21 8.92 40.60 -19.31
N LYS C 22 8.51 41.86 -19.16
CA LYS C 22 7.80 42.60 -20.21
C LYS C 22 8.45 42.47 -21.60
N ALA C 23 9.76 42.76 -21.70
CA ALA C 23 10.43 42.72 -22.99
C ALA C 23 10.52 41.30 -23.56
N VAL C 24 10.66 40.31 -22.67
CA VAL C 24 10.79 38.91 -23.08
C VAL C 24 9.43 38.39 -23.58
N ILE C 25 8.37 38.76 -22.88
CA ILE C 25 7.01 38.41 -23.29
C ILE C 25 6.66 38.96 -24.68
N ALA C 26 7.06 40.20 -24.96
CA ALA C 26 6.92 40.81 -26.29
C ALA C 26 7.58 39.98 -27.40
N ARG C 27 8.83 39.54 -27.15
CA ARG C 27 9.55 38.66 -28.11
C ARG C 27 8.84 37.32 -28.33
N SER C 28 8.35 36.74 -27.23
CA SER C 28 7.65 35.45 -27.27
C SER C 28 6.35 35.52 -28.04
N ILE C 29 5.61 36.61 -27.86
CA ILE C 29 4.36 36.81 -28.58
C ILE C 29 4.65 36.94 -30.07
N ASP C 30 5.66 37.75 -30.41
CA ASP C 30 6.04 37.97 -31.80
C ASP C 30 6.50 36.69 -32.47
N PHE C 31 7.28 35.88 -31.75
CA PHE C 31 7.68 34.58 -32.28
C PHE C 31 6.49 33.65 -32.52
N ALA C 32 5.58 33.58 -31.54
CA ALA C 32 4.41 32.70 -31.59
C ALA C 32 3.47 33.05 -32.74
N VAL C 33 3.17 34.34 -32.86
CA VAL C 33 2.29 34.84 -33.91
C VAL C 33 2.88 34.53 -35.29
N ASP C 34 4.17 34.83 -35.47
N ASP C 34 4.17 34.84 -35.48
CA ASP C 34 4.86 34.58 -36.73
CA ASP C 34 4.87 34.58 -36.73
C ASP C 34 4.88 33.09 -37.11
C ASP C 34 4.87 33.08 -37.11
N LEU C 35 5.05 32.24 -36.11
CA LEU C 35 5.06 30.77 -36.29
C LEU C 35 3.71 30.26 -36.77
N ILE C 36 2.63 30.67 -36.09
CA ILE C 36 1.28 30.22 -36.39
C ILE C 36 0.73 30.83 -37.68
N ARG C 37 0.80 32.16 -37.80
CA ARG C 37 0.37 32.85 -39.02
C ARG C 37 1.10 32.34 -40.26
N GLY C 38 2.31 31.81 -40.08
CA GLY C 38 3.09 31.25 -41.17
C GLY C 38 2.63 29.89 -41.68
N LYS C 39 1.89 29.16 -40.84
CA LYS C 39 1.55 27.76 -41.12
C LYS C 39 0.06 27.41 -41.09
N THR C 40 -0.76 28.27 -40.48
CA THR C 40 -2.18 27.97 -40.28
C THR C 40 -3.01 28.05 -41.57
N LYS C 41 -4.11 27.29 -41.60
CA LYS C 41 -5.08 27.37 -42.67
C LYS C 41 -6.25 28.29 -42.28
N LYS C 42 -6.37 28.57 -40.98
CA LYS C 42 -7.44 29.41 -40.44
C LYS C 42 -7.24 30.89 -40.75
N THR C 43 -8.35 31.61 -40.88
CA THR C 43 -8.33 33.07 -41.04
C THR C 43 -7.99 33.73 -39.70
N ASP C 44 -7.63 35.02 -39.75
CA ASP C 44 -7.33 35.76 -38.53
C ASP C 44 -8.54 35.88 -37.61
N GLU C 45 -9.73 35.93 -38.20
CA GLU C 45 -10.99 35.95 -37.47
C GLU C 45 -11.28 34.63 -36.74
N GLU C 46 -11.01 33.52 -37.41
CA GLU C 46 -11.20 32.18 -36.82
C GLU C 46 -10.23 31.93 -35.66
N LEU C 47 -9.00 32.39 -35.80
CA LEU C 47 -8.00 32.28 -34.73
C LEU C 47 -8.40 33.09 -33.51
N LYS C 48 -8.92 34.30 -33.76
CA LYS C 48 -9.43 35.18 -32.70
C LYS C 48 -10.52 34.50 -31.88
N GLN C 49 -11.42 33.79 -32.58
CA GLN C 49 -12.50 33.08 -31.91
C GLN C 49 -12.00 31.86 -31.12
N VAL C 50 -11.00 31.16 -31.65
CA VAL C 50 -10.35 30.06 -30.91
C VAL C 50 -9.78 30.53 -29.57
N LEU C 51 -9.03 31.64 -29.60
CA LEU C 51 -8.45 32.23 -28.40
C LEU C 51 -9.50 32.73 -27.43
N SER C 52 -10.60 33.26 -27.97
CA SER C 52 -11.71 33.77 -27.17
C SER C 52 -12.33 32.64 -26.37
N GLN C 53 -12.61 31.51 -27.03
CA GLN C 53 -13.13 30.33 -26.37
C GLN C 53 -12.15 29.80 -25.31
N LEU C 54 -10.88 29.66 -25.68
CA LEU C 54 -9.86 29.21 -24.73
C LEU C 54 -9.82 30.08 -23.49
N GLY C 55 -9.90 31.40 -23.70
CA GLY C 55 -9.97 32.36 -22.58
C GLY C 55 -11.17 32.14 -21.68
N ARG C 56 -12.34 31.95 -22.30
CA ARG C 56 -13.58 31.68 -21.56
C ARG C 56 -13.51 30.39 -20.72
N VAL C 57 -12.94 29.34 -21.29
CA VAL C 57 -12.77 28.06 -20.60
C VAL C 57 -11.89 28.20 -19.35
N ILE C 58 -10.73 28.83 -19.49
CA ILE C 58 -9.83 29.03 -18.35
C ILE C 58 -10.49 29.89 -17.27
N GLU C 59 -11.14 30.97 -17.70
CA GLU C 59 -11.83 31.87 -16.79
C GLU C 59 -12.91 31.18 -15.95
N GLU C 60 -13.71 30.33 -16.60
CA GLU C 60 -14.81 29.62 -15.93
C GLU C 60 -14.27 28.49 -15.03
N ARG C 61 -13.34 27.72 -15.55
CA ARG C 61 -12.89 26.48 -14.89
C ARG C 61 -11.79 26.69 -13.84
N TRP C 62 -10.84 27.57 -14.12
CA TRP C 62 -9.73 27.84 -13.19
C TRP C 62 -9.55 29.34 -12.96
N PRO C 63 -10.49 29.97 -12.21
CA PRO C 63 -10.45 31.43 -12.06
C PRO C 63 -9.17 31.97 -11.45
N LYS C 64 -8.53 31.20 -10.56
CA LYS C 64 -7.24 31.63 -9.98
C LYS C 64 -6.14 31.73 -11.03
N TYR C 65 -6.12 30.76 -11.95
CA TYR C 65 -5.13 30.78 -13.02
C TYR C 65 -5.45 31.90 -13.99
N TYR C 66 -6.73 32.12 -14.28
CA TYR C 66 -7.12 33.23 -15.14
C TYR C 66 -6.74 34.59 -14.55
N GLU C 67 -6.94 34.77 -13.25
N GLU C 67 -6.95 34.75 -13.24
CA GLU C 67 -6.53 36.02 -12.59
CA GLU C 67 -6.54 35.96 -12.52
C GLU C 67 -5.02 36.26 -12.67
C GLU C 67 -5.04 36.23 -12.70
N GLU C 68 -4.24 35.17 -12.60
CA GLU C 68 -2.78 35.27 -12.77
C GLU C 68 -2.46 35.67 -14.21
N ILE C 69 -3.16 35.07 -15.18
CA ILE C 69 -3.01 35.43 -16.59
C ILE C 69 -3.35 36.89 -16.83
N ARG C 70 -4.41 37.39 -16.19
CA ARG C 70 -4.78 38.80 -16.25
C ARG C 70 -3.70 39.73 -15.67
N GLY C 71 -3.08 39.27 -14.59
CA GLY C 71 -1.96 39.99 -13.96
C GLY C 71 -0.79 40.10 -14.91
N ILE C 72 -0.44 38.98 -15.55
CA ILE C 72 0.64 38.96 -16.55
C ILE C 72 0.34 39.95 -17.68
N ALA C 73 -0.90 39.95 -18.16
CA ALA C 73 -1.30 40.86 -19.23
C ALA C 73 -1.10 42.33 -18.83
N LYS C 74 -1.51 42.68 -17.62
CA LYS C 74 -1.38 44.06 -17.15
C LYS C 74 0.08 44.44 -16.97
N GLY C 75 0.84 43.54 -16.36
CA GLY C 75 2.26 43.76 -16.11
C GLY C 75 3.03 43.94 -17.39
N ALA C 76 2.76 43.08 -18.38
CA ALA C 76 3.48 43.11 -19.64
C ALA C 76 2.88 44.09 -20.65
N GLU C 77 1.80 44.76 -20.25
CA GLU C 77 1.07 45.72 -21.10
C GLU C 77 0.61 45.08 -22.42
N ARG C 78 0.05 43.88 -22.30
CA ARG C 78 -0.47 43.13 -23.43
C ARG C 78 -1.96 42.82 -23.24
N ASP C 79 -2.61 42.32 -24.30
CA ASP C 79 -3.99 41.86 -24.19
C ASP C 79 -4.02 40.50 -23.49
N VAL C 80 -5.05 40.28 -22.67
CA VAL C 80 -5.26 38.97 -22.02
C VAL C 80 -5.20 37.84 -23.05
N SER C 81 -5.85 38.04 -24.20
CA SER C 81 -5.85 37.05 -25.29
C SER C 81 -4.44 36.62 -25.73
N GLU C 82 -3.49 37.55 -25.70
CA GLU C 82 -2.11 37.23 -26.06
C GLU C 82 -1.42 36.33 -25.04
N ILE C 83 -1.72 36.53 -23.77
CA ILE C 83 -1.18 35.69 -22.70
C ILE C 83 -1.87 34.33 -22.74
N VAL C 84 -3.16 34.32 -23.02
CA VAL C 84 -3.87 33.05 -23.18
C VAL C 84 -3.20 32.23 -24.29
N MET C 85 -2.91 32.88 -25.42
CA MET C 85 -2.21 32.25 -26.55
C MET C 85 -0.91 31.55 -26.13
N LEU C 86 -0.09 32.27 -25.37
CA LEU C 86 1.18 31.73 -24.87
C LEU C 86 0.97 30.48 -24.02
N ASN C 87 -0.11 30.48 -23.24
CA ASN C 87 -0.37 29.37 -22.33
C ASN C 87 -1.10 28.18 -22.97
N THR C 88 -1.47 28.31 -24.24
CA THR C 88 -2.24 27.27 -24.90
C THR C 88 -1.69 26.84 -26.26
N ARG C 89 -0.36 26.85 -26.41
CA ARG C 89 0.24 26.48 -27.70
C ARG C 89 -0.21 25.11 -28.22
N THR C 90 -0.31 24.11 -27.34
CA THR C 90 -0.72 22.77 -27.77
C THR C 90 -2.16 22.77 -28.32
N GLU C 91 -3.01 23.61 -27.76
CA GLU C 91 -4.41 23.71 -28.16
C GLU C 91 -4.57 24.68 -29.34
N PHE C 92 -3.97 25.87 -29.21
CA PHE C 92 -4.06 26.91 -30.23
C PHE C 92 -3.31 26.55 -31.53
N ALA C 93 -2.16 25.89 -31.41
CA ALA C 93 -1.37 25.49 -32.57
C ALA C 93 -1.54 24.01 -32.93
N TYR C 94 -2.68 23.44 -32.55
CA TYR C 94 -2.99 22.03 -32.83
C TYR C 94 -2.93 21.74 -34.33
N GLY C 95 -2.25 20.65 -34.67
CA GLY C 95 -2.17 20.19 -36.07
C GLY C 95 -1.13 20.91 -36.91
N LEU C 96 -0.44 21.88 -36.32
CA LEU C 96 0.64 22.60 -37.01
C LEU C 96 1.98 21.96 -36.63
N LYS C 97 2.50 21.14 -37.54
CA LYS C 97 3.73 20.36 -37.28
C LYS C 97 4.94 21.23 -36.92
N ALA C 98 5.03 22.41 -37.52
CA ALA C 98 6.15 23.33 -37.25
C ALA C 98 6.21 23.81 -35.81
N ALA C 99 5.07 23.83 -35.12
CA ALA C 99 5.00 24.31 -33.74
C ALA C 99 5.35 23.26 -32.69
N ARG C 100 5.82 22.08 -33.14
CA ARG C 100 6.11 20.97 -32.22
C ARG C 100 7.43 21.14 -31.50
N ASP C 101 7.42 20.87 -30.20
CA ASP C 101 8.65 20.80 -29.41
C ASP C 101 9.02 19.34 -29.20
N GLY C 102 10.17 19.10 -28.56
CA GLY C 102 10.62 17.74 -28.28
C GLY C 102 11.19 17.63 -26.88
N ALA C 103 11.43 16.39 -26.44
CA ALA C 103 11.97 16.15 -25.10
C ALA C 103 12.44 14.72 -24.92
N THR C 104 13.43 14.56 -24.03
CA THR C 104 13.86 13.27 -23.49
C THR C 104 13.83 13.40 -21.97
N THR C 105 13.17 12.45 -21.29
CA THR C 105 12.92 12.54 -19.85
C THR C 105 13.23 11.19 -19.18
N ALA C 106 13.76 11.22 -17.96
CA ALA C 106 14.04 9.98 -17.22
C ALA C 106 13.88 10.13 -15.73
N TYR C 107 13.54 9.02 -15.10
CA TYR C 107 13.52 8.92 -13.64
C TYR C 107 14.20 7.59 -13.29
N CYS C 108 15.07 7.62 -12.29
N CYS C 108 15.10 7.64 -12.31
CA CYS C 108 15.70 6.41 -11.77
CA CYS C 108 15.89 6.48 -11.91
C CYS C 108 15.59 6.36 -10.26
C CYS C 108 15.90 6.40 -10.38
N GLN C 109 15.08 5.25 -9.74
N GLN C 109 15.22 5.39 -9.82
CA GLN C 109 15.21 4.93 -8.33
CA GLN C 109 15.26 5.14 -8.38
C GLN C 109 16.66 4.57 -8.05
C GLN C 109 16.58 4.50 -7.97
N LEU C 110 17.19 5.03 -6.91
CA LEU C 110 18.55 4.66 -6.50
C LEU C 110 18.60 4.56 -4.97
N PRO C 111 19.53 3.74 -4.43
CA PRO C 111 19.55 3.50 -2.99
C PRO C 111 19.93 4.74 -2.18
N ASN C 112 20.58 5.70 -2.82
CA ASN C 112 20.98 6.92 -2.14
C ASN C 112 20.21 8.13 -2.62
N GLY C 113 19.02 7.89 -3.18
CA GLY C 113 18.15 8.97 -3.61
C GLY C 113 17.90 8.96 -5.11
N ALA C 114 16.63 9.05 -5.49
CA ALA C 114 16.24 9.06 -6.90
C ALA C 114 16.72 10.30 -7.67
N LEU C 115 16.94 10.11 -8.97
CA LEU C 115 17.33 11.21 -9.85
C LEU C 115 16.33 11.28 -11.01
N GLN C 116 16.04 12.48 -11.47
CA GLN C 116 15.01 12.71 -12.47
C GLN C 116 15.50 13.88 -13.31
N GLY C 117 15.18 13.89 -14.60
CA GLY C 117 15.53 15.07 -15.36
C GLY C 117 14.98 15.04 -16.77
N GLN C 118 15.20 16.12 -17.51
CA GLN C 118 14.90 16.11 -18.94
C GLN C 118 15.74 17.11 -19.71
N ASN C 119 15.84 16.87 -21.02
CA ASN C 119 16.16 17.91 -21.98
C ASN C 119 14.85 18.39 -22.61
N TRP C 120 14.77 19.69 -22.90
CA TRP C 120 13.65 20.25 -23.64
C TRP C 120 14.18 20.91 -24.91
N ASP C 121 13.57 20.53 -26.05
CA ASP C 121 14.05 20.87 -27.39
C ASP C 121 13.03 21.71 -28.17
N PHE C 122 13.51 22.80 -28.79
CA PHE C 122 12.66 23.70 -29.56
C PHE C 122 13.56 24.62 -30.39
N PHE C 123 12.97 25.62 -31.04
CA PHE C 123 13.73 26.56 -31.88
C PHE C 123 14.78 27.33 -31.08
N SER C 124 16.02 27.30 -31.55
CA SER C 124 17.14 28.02 -30.91
C SER C 124 16.83 29.49 -30.62
N ALA C 125 16.09 30.13 -31.51
CA ALA C 125 15.77 31.56 -31.36
C ALA C 125 14.96 31.87 -30.10
N THR C 126 14.31 30.85 -29.54
CA THR C 126 13.46 31.00 -28.33
C THR C 126 14.21 30.79 -27.02
N LYS C 127 15.46 30.36 -27.10
CA LYS C 127 16.26 30.11 -25.87
C LYS C 127 16.35 31.34 -24.97
N GLU C 128 16.51 32.52 -25.58
CA GLU C 128 16.61 33.79 -24.86
C GLU C 128 15.29 34.19 -24.19
N ASN C 129 14.23 33.43 -24.43
CA ASN C 129 12.94 33.72 -23.84
C ASN C 129 12.60 32.86 -22.65
N LEU C 130 13.48 31.91 -22.33
CA LEU C 130 13.33 31.11 -21.13
C LEU C 130 13.65 31.98 -19.91
N ILE C 131 12.83 31.85 -18.87
CA ILE C 131 13.02 32.55 -17.60
C ILE C 131 12.76 31.59 -16.45
N ARG C 132 13.11 31.99 -15.23
CA ARG C 132 12.73 31.17 -14.10
C ARG C 132 11.93 31.93 -13.09
N LEU C 133 10.96 31.24 -12.51
CA LEU C 133 10.07 31.85 -11.54
C LEU C 133 10.14 31.12 -10.21
N THR C 134 10.01 31.88 -9.13
CA THR C 134 9.71 31.35 -7.83
C THR C 134 8.35 31.90 -7.47
N ILE C 135 7.38 31.00 -7.24
CA ILE C 135 6.03 31.44 -6.90
C ILE C 135 5.66 31.02 -5.48
N ARG C 136 5.44 32.02 -4.62
CA ARG C 136 4.97 31.79 -3.26
C ARG C 136 3.48 32.14 -3.12
N GLN C 137 2.71 31.13 -2.72
CA GLN C 137 1.28 31.30 -2.45
C GLN C 137 0.97 30.68 -1.11
N ALA C 138 0.38 31.47 -0.21
CA ALA C 138 0.14 31.03 1.16
C ALA C 138 -0.66 29.73 1.16
N GLY C 139 -0.15 28.70 1.83
CA GLY C 139 -0.87 27.44 2.01
C GLY C 139 -0.64 26.43 0.91
N LEU C 140 0.12 26.83 -0.10
CA LEU C 140 0.50 25.94 -1.19
C LEU C 140 2.01 25.76 -1.22
N PRO C 141 2.49 24.65 -1.81
CA PRO C 141 3.95 24.46 -1.95
C PRO C 141 4.54 25.63 -2.74
N THR C 142 5.73 26.07 -2.35
CA THR C 142 6.42 27.09 -3.14
C THR C 142 6.96 26.41 -4.39
N ILE C 143 6.78 27.06 -5.52
CA ILE C 143 7.17 26.49 -6.81
C ILE C 143 8.41 27.19 -7.36
N LYS C 144 9.36 26.42 -7.86
CA LYS C 144 10.50 26.96 -8.61
C LYS C 144 10.57 26.24 -9.95
N PHE C 145 10.39 26.99 -11.04
CA PHE C 145 10.32 26.37 -12.36
C PHE C 145 10.90 27.21 -13.48
N ILE C 146 11.21 26.53 -14.58
CA ILE C 146 11.72 27.14 -15.81
C ILE C 146 10.55 27.19 -16.78
N THR C 147 10.37 28.35 -17.41
CA THR C 147 9.23 28.57 -18.27
C THR C 147 9.63 29.45 -19.45
N GLU C 148 8.83 29.41 -20.51
CA GLU C 148 8.90 30.43 -21.56
C GLU C 148 8.15 31.62 -20.97
N ALA C 149 8.72 32.82 -21.08
CA ALA C 149 8.14 33.99 -20.41
C ALA C 149 6.63 34.15 -20.72
N GLY C 150 5.83 34.35 -19.68
CA GLY C 150 4.38 34.53 -19.83
C GLY C 150 3.56 33.29 -19.56
N ILE C 151 4.22 32.14 -19.44
CA ILE C 151 3.51 30.86 -19.23
C ILE C 151 3.51 30.51 -17.73
N ILE C 152 2.34 30.12 -17.21
CA ILE C 152 2.12 29.93 -15.77
C ILE C 152 2.48 28.53 -15.23
N GLY C 153 2.77 27.60 -16.12
CA GLY C 153 3.13 26.25 -15.68
C GLY C 153 4.01 25.60 -16.71
N LYS C 154 5.16 25.08 -16.29
CA LYS C 154 6.00 24.32 -17.21
C LYS C 154 6.80 23.24 -16.48
N VAL C 155 8.10 23.43 -16.36
CA VAL C 155 9.00 22.37 -15.89
C VAL C 155 9.75 22.84 -14.64
N GLY C 156 9.58 22.11 -13.56
CA GLY C 156 10.23 22.50 -12.29
C GLY C 156 9.79 21.68 -11.12
N PHE C 157 10.02 22.20 -9.92
CA PHE C 157 9.70 21.46 -8.71
C PHE C 157 9.17 22.36 -7.61
N ASN C 158 8.72 21.75 -6.53
CA ASN C 158 8.12 22.50 -5.44
C ASN C 158 8.65 22.10 -4.08
N SER C 159 8.27 22.85 -3.05
CA SER C 159 8.89 22.67 -1.74
C SER C 159 8.43 21.37 -1.06
N ALA C 160 7.39 20.76 -1.61
CA ALA C 160 6.91 19.46 -1.13
C ALA C 160 7.69 18.29 -1.76
N GLY C 161 8.60 18.62 -2.68
CA GLY C 161 9.45 17.61 -3.32
C GLY C 161 8.89 17.05 -4.61
N VAL C 162 7.77 17.60 -5.08
CA VAL C 162 7.18 17.17 -6.36
C VAL C 162 7.94 17.81 -7.52
N ALA C 163 8.42 16.99 -8.46
CA ALA C 163 9.15 17.45 -9.64
C ALA C 163 8.42 17.02 -10.90
N VAL C 164 8.32 17.95 -11.85
CA VAL C 164 7.49 17.80 -13.04
C VAL C 164 8.33 17.93 -14.31
N ASN C 165 8.10 17.02 -15.24
CA ASN C 165 8.69 17.09 -16.57
C ASN C 165 7.59 16.99 -17.65
N TYR C 166 7.87 17.56 -18.82
CA TYR C 166 6.90 17.65 -19.90
C TYR C 166 7.51 17.13 -21.20
N ASN C 167 6.77 16.28 -21.91
CA ASN C 167 7.17 15.81 -23.25
C ASN C 167 6.03 15.97 -24.25
N ALA C 168 6.33 16.52 -25.42
CA ALA C 168 5.33 16.58 -26.49
C ALA C 168 4.87 15.17 -26.89
N LEU C 169 3.59 15.03 -27.19
CA LEU C 169 3.02 13.76 -27.68
C LEU C 169 1.97 14.09 -28.73
N HIS C 170 1.86 13.24 -29.74
CA HIS C 170 1.10 13.60 -30.94
C HIS C 170 -0.07 12.68 -31.25
N LEU C 171 -0.90 12.41 -30.24
CA LEU C 171 -2.16 11.71 -30.48
C LEU C 171 -3.21 12.69 -31.01
N GLN C 172 -4.03 12.21 -31.94
CA GLN C 172 -5.06 13.00 -32.59
C GLN C 172 -6.18 13.36 -31.62
N GLY C 173 -6.71 14.57 -31.76
CA GLY C 173 -7.91 15.00 -31.04
C GLY C 173 -7.74 16.35 -30.37
N LEU C 174 -8.78 17.17 -30.48
CA LEU C 174 -8.79 18.46 -29.79
C LEU C 174 -10.14 18.72 -29.14
N ARG C 175 -10.10 19.00 -27.83
CA ARG C 175 -11.30 19.35 -27.07
C ARG C 175 -11.06 20.69 -26.38
N PRO C 176 -11.53 21.78 -26.98
CA PRO C 176 -11.24 23.11 -26.42
C PRO C 176 -11.79 23.36 -25.02
N THR C 177 -12.76 22.55 -24.58
CA THR C 177 -13.31 22.67 -23.23
C THR C 177 -12.54 21.85 -22.18
N GLY C 178 -11.60 21.01 -22.64
CA GLY C 178 -10.76 20.21 -21.75
C GLY C 178 -9.63 20.98 -21.08
N VAL C 179 -8.81 20.27 -20.30
CA VAL C 179 -7.66 20.87 -19.60
C VAL C 179 -6.50 21.11 -20.56
N PRO C 180 -6.07 22.38 -20.71
CA PRO C 180 -4.85 22.69 -21.46
C PRO C 180 -3.63 22.05 -20.83
N SER C 181 -2.68 21.59 -21.65
CA SER C 181 -1.51 20.88 -21.14
C SER C 181 -0.72 21.68 -20.10
N HIS C 182 -0.57 22.98 -20.34
CA HIS C 182 0.19 23.80 -19.40
C HIS C 182 -0.58 24.18 -18.13
N ILE C 183 -1.91 24.14 -18.19
CA ILE C 183 -2.73 24.21 -16.97
C ILE C 183 -2.54 22.94 -16.12
N ALA C 184 -2.46 21.79 -16.79
CA ALA C 184 -2.19 20.53 -16.10
C ALA C 184 -0.80 20.55 -15.43
N LEU C 185 0.19 21.15 -16.09
CA LEU C 185 1.52 21.28 -15.49
C LEU C 185 1.48 22.11 -14.20
N ARG C 186 0.75 23.22 -14.23
CA ARG C 186 0.61 24.05 -13.03
C ARG C 186 -0.14 23.32 -11.91
N ILE C 187 -1.18 22.56 -12.27
CA ILE C 187 -1.87 21.72 -11.28
C ILE C 187 -0.91 20.76 -10.57
N ALA C 188 -0.07 20.08 -11.35
CA ALA C 188 0.94 19.17 -10.79
C ALA C 188 1.93 19.94 -9.90
N LEU C 189 2.37 21.11 -10.37
CA LEU C 189 3.37 21.90 -9.62
C LEU C 189 2.84 22.44 -8.28
N GLU C 190 1.51 22.49 -8.14
CA GLU C 190 0.86 22.95 -6.89
C GLU C 190 0.46 21.78 -5.96
N SER C 191 0.74 20.55 -6.39
CA SER C 191 0.39 19.35 -5.61
C SER C 191 1.44 18.98 -4.57
N THR C 192 1.01 18.28 -3.51
CA THR C 192 1.93 17.92 -2.43
C THR C 192 2.58 16.52 -2.57
N SER C 193 2.15 15.75 -3.57
CA SER C 193 2.71 14.44 -3.87
C SER C 193 2.38 14.09 -5.31
N PRO C 194 3.16 13.17 -5.93
CA PRO C 194 2.79 12.69 -7.26
C PRO C 194 1.39 12.03 -7.31
N SER C 195 1.02 11.31 -6.25
N SER C 195 1.01 11.31 -6.26
CA SER C 195 -0.31 10.70 -6.13
CA SER C 195 -0.32 10.69 -6.18
C SER C 195 -1.40 11.77 -6.22
C SER C 195 -1.42 11.76 -6.22
N GLN C 196 -1.21 12.86 -5.49
CA GLN C 196 -2.14 13.98 -5.50
C GLN C 196 -2.16 14.70 -6.86
N ALA C 197 -0.99 14.86 -7.49
CA ALA C 197 -0.91 15.42 -8.85
C ALA C 197 -1.75 14.61 -9.83
N TYR C 198 -1.56 13.29 -9.80
CA TYR C 198 -2.34 12.38 -10.65
C TYR C 198 -3.83 12.58 -10.40
N ASP C 199 -4.24 12.48 -9.14
CA ASP C 199 -5.63 12.64 -8.76
C ASP C 199 -6.22 13.95 -9.25
N ARG C 200 -5.49 15.05 -9.04
CA ARG C 200 -6.00 16.37 -9.38
C ARG C 200 -6.10 16.61 -10.89
N ILE C 201 -5.23 15.99 -11.66
CA ILE C 201 -5.33 16.07 -13.12
C ILE C 201 -6.52 15.23 -13.62
N VAL C 202 -6.62 13.98 -13.18
CA VAL C 202 -7.74 13.14 -13.64
C VAL C 202 -9.11 13.67 -13.16
N GLU C 203 -9.13 14.35 -12.01
CA GLU C 203 -10.35 14.97 -11.45
C GLU C 203 -10.99 16.01 -12.39
N GLN C 204 -10.19 16.56 -13.29
CA GLN C 204 -10.66 17.59 -14.24
C GLN C 204 -11.57 17.04 -15.33
N GLY C 205 -11.56 15.71 -15.52
CA GLY C 205 -12.53 15.05 -16.39
C GLY C 205 -12.22 15.04 -17.88
N GLY C 206 -10.97 15.33 -18.27
CA GLY C 206 -10.57 15.19 -19.65
C GLY C 206 -9.63 16.26 -20.17
N MET C 207 -8.65 15.82 -20.95
CA MET C 207 -7.60 16.72 -21.46
C MET C 207 -8.05 17.38 -22.77
N ALA C 208 -7.46 18.55 -23.06
CA ALA C 208 -7.80 19.30 -24.27
C ALA C 208 -7.10 18.77 -25.51
N ALA C 209 -5.87 18.29 -25.34
CA ALA C 209 -5.07 17.76 -26.46
C ALA C 209 -4.10 16.70 -25.93
N SER C 210 -3.07 16.40 -26.72
CA SER C 210 -2.13 15.33 -26.41
C SER C 210 -0.79 15.86 -25.91
N ALA C 211 -0.27 15.22 -24.88
CA ALA C 211 1.07 15.50 -24.35
C ALA C 211 1.42 14.37 -23.38
N PHE C 212 2.63 14.45 -22.81
CA PHE C 212 3.08 13.56 -21.76
C PHE C 212 3.57 14.38 -20.57
N ILE C 213 3.18 13.98 -19.37
CA ILE C 213 3.65 14.63 -18.15
C ILE C 213 4.25 13.58 -17.23
N MET C 214 5.42 13.87 -16.65
CA MET C 214 6.00 13.01 -15.63
C MET C 214 6.00 13.75 -14.29
N VAL C 215 5.58 13.07 -13.23
CA VAL C 215 5.56 13.65 -11.87
C VAL C 215 6.27 12.68 -10.94
N GLY C 216 7.22 13.18 -10.17
CA GLY C 216 7.99 12.33 -9.26
C GLY C 216 8.44 13.03 -8.00
N ASN C 217 8.67 12.22 -6.97
CA ASN C 217 9.40 12.67 -5.79
C ASN C 217 10.44 11.60 -5.43
N GLY C 218 10.94 11.61 -4.21
CA GLY C 218 11.95 10.61 -3.85
C GLY C 218 11.40 9.19 -3.69
N HIS C 219 10.08 9.06 -3.62
CA HIS C 219 9.44 7.81 -3.21
C HIS C 219 8.70 7.11 -4.36
N GLU C 220 8.13 7.91 -5.26
CA GLU C 220 7.25 7.40 -6.31
C GLU C 220 7.30 8.32 -7.51
N ALA C 221 7.01 7.75 -8.69
CA ALA C 221 6.88 8.55 -9.90
C ALA C 221 5.85 7.92 -10.81
N PHE C 222 5.26 8.73 -11.67
CA PHE C 222 4.41 8.19 -12.74
C PHE C 222 4.51 9.09 -13.97
N GLY C 223 4.17 8.52 -15.12
CA GLY C 223 4.03 9.29 -16.34
C GLY C 223 2.60 9.18 -16.82
N LEU C 224 2.15 10.19 -17.57
CA LEU C 224 0.79 10.19 -18.09
C LEU C 224 0.87 10.49 -19.57
N GLU C 225 0.50 9.51 -20.40
CA GLU C 225 0.32 9.72 -21.84
C GLU C 225 -1.15 9.99 -22.08
N PHE C 226 -1.48 11.12 -22.71
CA PHE C 226 -2.89 11.46 -22.88
C PHE C 226 -3.26 12.07 -24.22
N SER C 227 -4.57 11.97 -24.50
CA SER C 227 -5.26 12.67 -25.57
C SER C 227 -6.65 13.04 -24.99
N PRO C 228 -7.51 13.73 -25.77
CA PRO C 228 -8.88 13.93 -25.27
C PRO C 228 -9.69 12.66 -25.02
N THR C 229 -9.27 11.53 -25.57
CA THR C 229 -10.00 10.25 -25.43
C THR C 229 -9.19 9.12 -24.79
N SER C 230 -8.05 9.45 -24.19
CA SER C 230 -7.20 8.43 -23.57
C SER C 230 -6.29 9.03 -22.51
N ILE C 231 -6.24 8.37 -21.35
CA ILE C 231 -5.32 8.74 -20.28
C ILE C 231 -4.70 7.44 -19.76
N ARG C 232 -3.40 7.25 -19.98
CA ARG C 232 -2.76 5.99 -19.56
C ARG C 232 -1.56 6.32 -18.69
N LYS C 233 -1.38 5.55 -17.62
CA LYS C 233 -0.31 5.79 -16.67
C LYS C 233 0.91 4.92 -16.96
N GLN C 234 2.09 5.55 -16.98
CA GLN C 234 3.37 4.86 -17.07
C GLN C 234 3.91 4.71 -15.63
N VAL C 235 4.41 3.54 -15.32
CA VAL C 235 4.96 3.25 -13.99
C VAL C 235 6.41 2.82 -14.12
N LEU C 236 7.11 2.75 -12.99
CA LEU C 236 8.51 2.34 -12.99
C LEU C 236 8.65 0.90 -13.47
N ASP C 237 9.71 0.61 -14.22
CA ASP C 237 9.96 -0.75 -14.70
C ASP C 237 10.68 -1.58 -13.63
N ALA C 238 11.10 -2.79 -13.99
CA ALA C 238 11.72 -3.74 -13.06
C ALA C 238 13.04 -3.24 -12.46
N ASN C 239 13.66 -2.27 -13.12
CA ASN C 239 14.91 -1.68 -12.62
C ASN C 239 14.69 -0.34 -11.91
N GLY C 240 13.43 0.00 -11.67
CA GLY C 240 13.06 1.26 -11.03
C GLY C 240 13.31 2.47 -11.91
N ARG C 241 13.17 2.28 -13.23
CA ARG C 241 13.41 3.35 -14.21
C ARG C 241 12.16 3.70 -15.01
N MET C 242 12.13 4.94 -15.48
CA MET C 242 11.10 5.40 -16.41
C MET C 242 11.77 6.29 -17.44
N VAL C 243 11.58 6.00 -18.73
CA VAL C 243 12.13 6.85 -19.80
C VAL C 243 10.98 7.27 -20.71
N HIS C 244 10.97 8.52 -21.13
CA HIS C 244 10.02 8.96 -22.16
C HIS C 244 10.61 9.96 -23.15
N THR C 245 10.21 9.81 -24.41
CA THR C 245 10.60 10.73 -25.47
C THR C 245 9.34 11.36 -26.07
N ASN C 246 9.13 11.25 -27.38
CA ASN C 246 8.00 11.92 -28.02
C ASN C 246 7.08 10.98 -28.80
N HIS C 247 6.97 9.73 -28.32
CA HIS C 247 6.05 8.75 -28.92
C HIS C 247 5.41 7.87 -27.85
N CYS C 248 4.25 7.31 -28.19
CA CYS C 248 3.50 6.49 -27.24
C CYS C 248 4.21 5.19 -26.93
N LEU C 249 4.38 4.95 -25.63
CA LEU C 249 4.96 3.71 -25.14
C LEU C 249 3.88 2.76 -24.61
N LEU C 250 2.70 3.30 -24.34
CA LEU C 250 1.66 2.54 -23.63
C LEU C 250 0.56 2.06 -24.59
N GLN C 251 -0.21 1.09 -24.14
CA GLN C 251 -1.26 0.47 -24.96
C GLN C 251 -2.54 1.32 -24.99
N HIS C 252 -2.60 2.28 -25.91
CA HIS C 252 -3.83 3.05 -26.10
C HIS C 252 -4.81 2.25 -26.95
N GLY C 253 -6.09 2.57 -26.86
CA GLY C 253 -7.12 1.91 -27.67
C GLY C 253 -6.80 1.98 -29.14
N LYS C 254 -7.33 1.02 -29.91
CA LYS C 254 -7.06 0.94 -31.35
C LYS C 254 -7.54 2.17 -32.12
N ASN C 255 -8.53 2.87 -31.57
CA ASN C 255 -9.05 4.11 -32.14
C ASN C 255 -8.10 5.31 -32.03
N GLU C 256 -7.09 5.21 -31.15
CA GLU C 256 -6.11 6.29 -30.96
C GLU C 256 -5.09 6.32 -32.10
N LYS C 257 -4.80 7.53 -32.59
CA LYS C 257 -3.97 7.73 -33.78
C LYS C 257 -2.81 8.67 -33.48
N GLU C 258 -1.59 8.13 -33.57
CA GLU C 258 -0.37 8.89 -33.41
C GLU C 258 -0.01 9.57 -34.74
N LEU C 259 0.16 10.88 -34.71
CA LEU C 259 0.32 11.65 -35.95
C LEU C 259 1.76 12.06 -36.27
N ASP C 260 2.41 11.29 -37.14
CA ASP C 260 3.71 11.66 -37.71
C ASP C 260 4.78 11.97 -36.63
N PRO C 261 5.02 11.04 -35.69
CA PRO C 261 6.06 11.29 -34.69
C PRO C 261 7.46 11.23 -35.32
N LEU C 262 8.44 11.85 -34.66
CA LEU C 262 9.84 11.83 -35.12
C LEU C 262 10.39 10.40 -35.09
N PRO C 263 11.00 9.93 -36.20
CA PRO C 263 11.65 8.62 -36.11
C PRO C 263 12.70 8.53 -34.98
N ASP C 264 13.43 9.63 -34.75
CA ASP C 264 14.48 9.66 -33.70
C ASP C 264 13.95 9.54 -32.28
N SER C 265 12.64 9.74 -32.11
CA SER C 265 11.99 9.50 -30.82
C SER C 265 12.26 8.07 -30.35
N TRP C 266 12.28 7.12 -31.29
CA TRP C 266 12.59 5.72 -30.97
C TRP C 266 14.07 5.55 -30.63
N ASN C 267 14.96 6.12 -31.45
CA ASN C 267 16.40 6.04 -31.23
C ASN C 267 16.76 6.57 -29.84
N ARG C 268 16.21 7.73 -29.49
CA ARG C 268 16.51 8.40 -28.23
C ARG C 268 16.00 7.61 -27.02
N HIS C 269 14.82 7.01 -27.16
CA HIS C 269 14.28 6.22 -26.04
C HIS C 269 15.19 5.02 -25.77
N GLN C 270 15.54 4.30 -26.83
CA GLN C 270 16.43 3.14 -26.75
C GLN C 270 17.83 3.52 -26.28
N ARG C 271 18.32 4.68 -26.70
CA ARG C 271 19.65 5.14 -26.27
C ARG C 271 19.68 5.46 -24.76
N MET C 272 18.68 6.20 -24.29
CA MET C 272 18.61 6.51 -22.86
C MET C 272 18.43 5.26 -21.99
N GLU C 273 17.60 4.31 -22.45
CA GLU C 273 17.48 3.02 -21.74
C GLU C 273 18.84 2.33 -21.62
N PHE C 274 19.60 2.31 -22.72
CA PHE C 274 20.96 1.77 -22.75
C PHE C 274 21.92 2.50 -21.79
N LEU C 275 21.92 3.82 -21.84
CA LEU C 275 22.78 4.62 -20.96
C LEU C 275 22.46 4.40 -19.47
N LEU C 276 21.17 4.33 -19.14
CA LEU C 276 20.76 4.02 -17.75
C LEU C 276 21.20 2.63 -17.32
N ASP C 277 21.25 1.70 -18.27
CA ASP C 277 21.70 0.34 -17.98
C ASP C 277 23.18 0.28 -17.61
N GLY C 278 23.97 1.18 -18.19
CA GLY C 278 25.41 1.21 -17.96
C GLY C 278 25.91 2.17 -16.89
N PHE C 279 25.09 3.15 -16.50
CA PHE C 279 25.60 4.21 -15.60
C PHE C 279 25.75 3.77 -14.14
N ASP C 280 26.69 4.39 -13.43
CA ASP C 280 27.06 3.92 -12.08
C ASP C 280 26.17 4.43 -10.94
N GLY C 281 25.19 5.25 -11.26
CA GLY C 281 24.25 5.76 -10.25
C GLY C 281 24.61 7.11 -9.69
N THR C 282 25.82 7.60 -9.95
CA THR C 282 26.25 8.88 -9.37
C THR C 282 25.57 10.06 -10.03
N LYS C 283 25.38 11.13 -9.28
CA LYS C 283 24.83 12.36 -9.84
C LYS C 283 25.67 12.89 -11.03
N GLN C 284 26.99 12.80 -10.90
CA GLN C 284 27.88 13.29 -11.97
C GLN C 284 27.67 12.50 -13.26
N ALA C 285 27.56 11.18 -13.14
CA ALA C 285 27.31 10.33 -14.32
C ALA C 285 25.92 10.59 -14.92
N PHE C 286 24.93 10.83 -14.05
CA PHE C 286 23.57 11.14 -14.50
C PHE C 286 23.57 12.40 -15.34
N ALA C 287 24.31 13.42 -14.86
CA ALA C 287 24.40 14.70 -15.57
C ALA C 287 25.00 14.54 -16.96
N GLN C 288 25.98 13.66 -17.10
CA GLN C 288 26.64 13.47 -18.39
C GLN C 288 25.78 12.79 -19.44
N LEU C 289 24.78 12.02 -19.00
CA LEU C 289 23.88 11.34 -19.94
C LEU C 289 23.16 12.32 -20.86
N TRP C 290 22.91 13.53 -20.35
CA TRP C 290 22.10 14.52 -21.05
C TRP C 290 22.87 15.22 -22.16
N ALA C 291 24.19 15.02 -22.18
CA ALA C 291 25.05 15.55 -23.25
C ALA C 291 25.29 14.54 -24.37
N ASP C 292 24.52 13.46 -24.39
CA ASP C 292 24.80 12.38 -25.33
C ASP C 292 24.50 12.82 -26.76
N GLU C 293 25.45 12.54 -27.66
CA GLU C 293 25.34 12.96 -29.06
C GLU C 293 25.28 11.83 -30.08
N ASP C 294 24.92 10.62 -29.64
CA ASP C 294 24.71 9.51 -30.57
C ASP C 294 23.53 9.87 -31.50
N ASN C 295 23.68 9.59 -32.79
CA ASN C 295 22.70 9.97 -33.82
C ASN C 295 22.52 11.50 -34.00
N TYR C 296 23.57 12.25 -33.68
CA TYR C 296 23.64 13.70 -33.94
C TYR C 296 23.24 13.97 -35.40
N PRO C 297 22.41 15.01 -35.66
CA PRO C 297 21.90 16.08 -34.78
C PRO C 297 20.61 15.72 -34.03
N PHE C 298 20.06 14.55 -34.31
CA PHE C 298 18.80 14.09 -33.71
C PHE C 298 19.01 13.45 -32.34
N SER C 299 20.12 13.81 -31.70
CA SER C 299 20.53 13.18 -30.44
C SER C 299 19.75 13.66 -29.21
N ILE C 300 19.93 12.93 -28.11
CA ILE C 300 19.40 13.34 -26.80
C ILE C 300 19.75 14.81 -26.52
N CYS C 301 21.03 15.15 -26.69
CA CYS C 301 21.47 16.55 -26.71
C CYS C 301 21.34 17.00 -28.17
N ARG C 302 20.17 17.56 -28.49
CA ARG C 302 19.79 17.85 -29.86
C ARG C 302 20.41 19.15 -30.37
N ALA C 303 20.69 19.18 -31.67
CA ALA C 303 21.31 20.34 -32.30
C ALA C 303 20.55 20.73 -33.55
N TYR C 304 20.53 22.03 -33.82
CA TYR C 304 20.02 22.55 -35.07
C TYR C 304 20.96 22.14 -36.22
N GLU C 305 20.38 21.75 -37.35
CA GLU C 305 21.12 21.51 -38.58
C GLU C 305 20.16 21.72 -39.75
N GLU C 306 20.46 22.72 -40.58
CA GLU C 306 19.57 23.08 -41.70
C GLU C 306 19.34 21.90 -42.61
N GLY C 307 18.07 21.56 -42.83
CA GLY C 307 17.69 20.44 -43.68
C GLY C 307 17.34 19.19 -42.90
N LYS C 308 17.84 19.10 -41.67
CA LYS C 308 17.68 17.89 -40.86
C LYS C 308 16.87 18.11 -39.59
N SER C 309 17.36 18.97 -38.69
CA SER C 309 16.68 19.27 -37.44
C SER C 309 16.45 20.77 -37.30
N ARG C 310 15.19 21.15 -37.08
CA ARG C 310 14.79 22.55 -36.91
C ARG C 310 15.09 23.07 -35.50
N GLY C 311 15.24 22.14 -34.55
CA GLY C 311 15.37 22.53 -33.14
C GLY C 311 16.61 22.00 -32.44
N ALA C 312 16.82 22.45 -31.21
CA ALA C 312 17.98 22.06 -30.43
C ALA C 312 17.56 21.97 -28.98
N THR C 313 18.37 21.30 -28.17
CA THR C 313 18.13 21.27 -26.74
C THR C 313 18.36 22.68 -26.20
N LEU C 314 17.34 23.23 -25.55
CA LEU C 314 17.41 24.59 -25.07
C LEU C 314 17.67 24.70 -23.57
N PHE C 315 17.29 23.67 -22.82
CA PHE C 315 17.77 23.54 -21.44
C PHE C 315 17.69 22.09 -20.96
N ASN C 316 18.41 21.83 -19.87
CA ASN C 316 18.39 20.56 -19.17
C ASN C 316 18.11 20.89 -17.70
N ILE C 317 17.36 20.02 -17.05
CA ILE C 317 17.14 20.11 -15.61
C ILE C 317 17.33 18.72 -14.99
N ILE C 318 17.94 18.69 -13.81
CA ILE C 318 18.13 17.46 -13.04
C ILE C 318 17.62 17.73 -11.64
N TYR C 319 16.77 16.84 -11.13
CA TYR C 319 16.27 16.89 -9.76
C TYR C 319 17.01 15.87 -8.91
N ASP C 320 17.67 16.37 -7.87
CA ASP C 320 18.36 15.54 -6.89
C ASP C 320 17.35 15.39 -5.76
N HIS C 321 16.56 14.32 -5.82
CA HIS C 321 15.48 14.13 -4.84
C HIS C 321 15.93 14.09 -3.38
N ALA C 322 17.07 13.44 -3.10
CA ALA C 322 17.55 13.32 -1.72
C ALA C 322 17.81 14.67 -1.06
N ARG C 323 18.30 15.63 -1.85
CA ARG C 323 18.72 16.95 -1.35
C ARG C 323 17.69 18.07 -1.61
N ARG C 324 16.66 17.74 -2.40
CA ARG C 324 15.62 18.68 -2.86
C ARG C 324 16.28 19.87 -3.58
N GLU C 325 17.13 19.56 -4.57
CA GLU C 325 17.88 20.58 -5.31
C GLU C 325 17.72 20.29 -6.78
N ALA C 326 17.52 21.33 -7.59
CA ALA C 326 17.44 21.15 -9.04
C ALA C 326 18.61 21.87 -9.70
N THR C 327 19.28 21.22 -10.63
CA THR C 327 20.40 21.85 -11.34
C THR C 327 19.95 22.09 -12.77
N VAL C 328 20.10 23.34 -13.23
CA VAL C 328 19.64 23.71 -14.57
C VAL C 328 20.84 24.12 -15.40
N ARG C 329 20.89 23.64 -16.64
CA ARG C 329 21.89 24.07 -17.59
C ARG C 329 21.14 24.69 -18.78
N LEU C 330 21.45 25.94 -19.08
CA LEU C 330 20.81 26.62 -20.20
C LEU C 330 21.58 26.31 -21.47
N GLY C 331 20.87 25.97 -22.53
CA GLY C 331 21.51 25.62 -23.81
C GLY C 331 21.73 24.13 -23.92
N ARG C 332 22.64 23.72 -24.79
CA ARG C 332 22.97 22.29 -24.94
C ARG C 332 23.93 21.82 -23.84
N PRO C 333 23.57 20.73 -23.14
CA PRO C 333 24.46 20.21 -22.08
C PRO C 333 25.91 19.92 -22.48
N THR C 334 26.17 19.71 -23.77
CA THR C 334 27.56 19.57 -24.23
C THR C 334 28.39 20.83 -24.01
N ASN C 335 27.71 21.99 -24.03
CA ASN C 335 28.37 23.28 -23.91
C ASN C 335 27.39 24.35 -23.41
N PRO C 336 27.00 24.28 -22.11
CA PRO C 336 25.94 25.16 -21.63
C PRO C 336 26.33 26.63 -21.61
N ASP C 337 25.34 27.49 -21.80
CA ASP C 337 25.51 28.93 -21.71
C ASP C 337 25.76 29.32 -20.26
N GLU C 338 25.09 28.61 -19.37
CA GLU C 338 25.25 28.80 -17.92
C GLU C 338 24.63 27.66 -17.16
N MET C 339 24.97 27.58 -15.87
CA MET C 339 24.41 26.54 -15.02
C MET C 339 24.12 27.18 -13.67
N PHE C 340 23.05 26.75 -13.03
CA PHE C 340 22.70 27.23 -11.69
C PHE C 340 21.89 26.17 -10.96
N VAL C 341 21.76 26.36 -9.64
N VAL C 341 21.74 26.33 -9.65
CA VAL C 341 21.00 25.46 -8.80
CA VAL C 341 20.95 25.37 -8.89
C VAL C 341 19.76 26.19 -8.28
C VAL C 341 19.85 26.08 -8.12
N MET C 342 18.69 25.43 -8.06
CA MET C 342 17.51 25.94 -7.38
C MET C 342 17.28 25.11 -6.13
N ARG C 343 17.04 25.79 -5.02
CA ARG C 343 16.68 25.09 -3.77
C ARG C 343 15.82 26.03 -2.95
N PHE C 344 15.18 25.48 -1.90
CA PHE C 344 14.20 26.23 -1.12
C PHE C 344 14.78 26.72 0.19
N ASP C 345 14.38 27.92 0.60
CA ASP C 345 14.82 28.46 1.89
C ASP C 345 13.67 28.58 2.89
N GLU C 346 13.98 29.17 4.04
CA GLU C 346 13.00 29.27 5.13
C GLU C 346 11.76 30.08 4.77
N GLU C 347 11.91 31.16 4.00
CA GLU C 347 10.75 31.92 3.54
C GLU C 347 9.87 31.13 2.55
N ASP C 348 10.51 30.31 1.72
CA ASP C 348 9.77 29.43 0.80
C ASP C 348 8.92 28.44 1.60
N GLU C 349 9.49 27.94 2.70
CA GLU C 349 8.81 26.96 3.54
C GLU C 349 7.71 27.62 4.39
N ARG C 350 8.01 28.81 4.91
CA ARG C 350 7.02 29.59 5.67
C ARG C 350 5.73 29.86 4.88
N SER C 351 5.90 30.24 3.61
CA SER C 351 4.77 30.47 2.72
C SER C 351 3.91 29.21 2.57
N ALA C 352 4.56 28.07 2.37
CA ALA C 352 3.87 26.79 2.18
C ALA C 352 3.09 26.32 3.40
N LEU C 353 3.56 26.69 4.60
CA LEU C 353 2.91 26.35 5.86
C LEU C 353 1.82 27.34 6.22
N ASN C 354 1.80 28.48 5.51
CA ASN C 354 0.98 29.63 5.87
C ASN C 354 1.24 30.04 7.34
N ALA C 355 2.52 30.12 7.71
CA ALA C 355 2.95 30.44 9.07
C ALA C 355 3.29 31.92 9.22
N MET D 1 -37.65 -14.18 -12.63
CA MET D 1 -37.08 -13.20 -13.60
C MET D 1 -36.42 -13.96 -14.73
N LEU D 2 -36.63 -13.50 -15.97
CA LEU D 2 -35.96 -14.09 -17.13
C LEU D 2 -34.44 -14.06 -16.94
N HIS D 3 -33.82 -15.23 -17.01
CA HIS D 3 -32.37 -15.35 -16.87
C HIS D 3 -31.80 -15.87 -18.18
N ILE D 4 -30.91 -15.09 -18.80
CA ILE D 4 -30.33 -15.46 -20.09
C ILE D 4 -28.82 -15.70 -19.96
N LEU D 5 -28.39 -16.90 -20.35
CA LEU D 5 -26.97 -17.21 -20.43
C LEU D 5 -26.43 -16.87 -21.82
N CYS D 6 -25.42 -16.00 -21.88
CA CYS D 6 -24.82 -15.54 -23.13
C CYS D 6 -23.35 -15.92 -23.19
N GLN D 7 -22.95 -16.60 -24.26
CA GLN D 7 -21.57 -17.06 -24.42
C GLN D 7 -21.13 -16.98 -25.88
N GLY D 8 -19.83 -16.86 -26.11
CA GLY D 8 -19.27 -16.90 -27.46
C GLY D 8 -18.65 -15.58 -27.87
N THR D 9 -18.78 -15.24 -29.15
CA THR D 9 -18.28 -13.96 -29.66
C THR D 9 -19.19 -12.81 -29.18
N PRO D 10 -18.71 -11.55 -29.27
CA PRO D 10 -19.56 -10.41 -28.91
C PRO D 10 -20.94 -10.42 -29.59
N PHE D 11 -20.96 -10.68 -30.90
CA PHE D 11 -22.20 -10.77 -31.66
C PHE D 11 -23.10 -11.90 -31.13
N GLU D 12 -22.50 -13.08 -30.90
CA GLU D 12 -23.25 -14.24 -30.41
C GLU D 12 -23.85 -13.98 -29.02
N ILE D 13 -23.08 -13.30 -28.18
CA ILE D 13 -23.53 -12.86 -26.86
C ILE D 13 -24.74 -11.94 -26.97
N GLY D 14 -24.65 -10.96 -27.87
CA GLY D 14 -25.75 -10.04 -28.12
C GLY D 14 -26.97 -10.72 -28.71
N TYR D 15 -26.74 -11.60 -29.68
CA TYR D 15 -27.84 -12.31 -30.34
C TYR D 15 -28.70 -13.10 -29.34
N GLU D 16 -28.06 -13.83 -28.44
CA GLU D 16 -28.75 -14.62 -27.44
C GLU D 16 -29.63 -13.73 -26.54
N HIS D 17 -29.07 -12.62 -26.11
CA HIS D 17 -29.77 -11.60 -25.33
C HIS D 17 -30.99 -11.07 -26.11
N GLY D 18 -30.76 -10.63 -27.34
CA GLY D 18 -31.81 -10.06 -28.17
C GLY D 18 -32.96 -11.02 -28.43
N SER D 19 -32.62 -12.25 -28.80
CA SER D 19 -33.62 -13.25 -29.16
C SER D 19 -34.44 -13.72 -27.95
N ALA D 20 -33.77 -14.05 -26.85
CA ALA D 20 -34.45 -14.56 -25.66
C ALA D 20 -35.29 -13.49 -24.95
N ALA D 21 -34.89 -12.24 -25.06
CA ALA D 21 -35.64 -11.14 -24.46
C ALA D 21 -36.39 -10.29 -25.51
N LYS D 22 -36.64 -10.85 -26.68
CA LYS D 22 -37.31 -10.15 -27.79
C LYS D 22 -38.55 -9.35 -27.36
N ALA D 23 -39.53 -10.03 -26.76
CA ALA D 23 -40.80 -9.39 -26.37
C ALA D 23 -40.61 -8.27 -25.34
N VAL D 24 -39.71 -8.46 -24.39
CA VAL D 24 -39.52 -7.49 -23.33
C VAL D 24 -38.72 -6.26 -23.80
N ILE D 25 -37.81 -6.48 -24.76
CA ILE D 25 -37.08 -5.38 -25.42
C ILE D 25 -38.05 -4.47 -26.19
N ALA D 26 -39.05 -5.09 -26.82
CA ALA D 26 -40.11 -4.37 -27.50
C ALA D 26 -40.85 -3.41 -26.56
N ARG D 27 -41.19 -3.92 -25.37
CA ARG D 27 -41.84 -3.12 -24.33
C ARG D 27 -40.96 -1.97 -23.82
N SER D 28 -39.66 -2.22 -23.64
CA SER D 28 -38.72 -1.20 -23.17
C SER D 28 -38.55 -0.07 -24.19
N ILE D 29 -38.43 -0.43 -25.47
CA ILE D 29 -38.30 0.56 -26.54
C ILE D 29 -39.55 1.43 -26.62
N ASP D 30 -40.72 0.80 -26.63
CA ASP D 30 -42.01 1.51 -26.64
C ASP D 30 -42.14 2.46 -25.45
N PHE D 31 -41.75 2.00 -24.27
CA PHE D 31 -41.79 2.84 -23.06
C PHE D 31 -40.85 4.04 -23.17
N ALA D 32 -39.63 3.79 -23.64
CA ALA D 32 -38.59 4.82 -23.73
C ALA D 32 -38.98 5.90 -24.74
N VAL D 33 -39.45 5.47 -25.92
CA VAL D 33 -39.90 6.37 -26.99
C VAL D 33 -41.10 7.22 -26.53
N ASP D 34 -42.04 6.59 -25.83
CA ASP D 34 -43.20 7.29 -25.27
C ASP D 34 -42.78 8.33 -24.22
N LEU D 35 -41.85 7.94 -23.35
CA LEU D 35 -41.37 8.83 -22.29
C LEU D 35 -40.63 10.05 -22.85
N ILE D 36 -39.76 9.83 -23.83
CA ILE D 36 -38.90 10.89 -24.37
C ILE D 36 -39.66 11.85 -25.30
N ARG D 37 -40.46 11.29 -26.21
CA ARG D 37 -41.23 12.08 -27.16
C ARG D 37 -42.24 13.01 -26.47
N GLY D 38 -42.65 12.65 -25.26
CA GLY D 38 -43.65 13.41 -24.51
C GLY D 38 -43.12 14.63 -23.78
N LYS D 39 -41.79 14.72 -23.65
CA LYS D 39 -41.17 15.77 -22.85
C LYS D 39 -40.09 16.59 -23.57
N THR D 40 -39.59 16.07 -24.69
CA THR D 40 -38.48 16.71 -25.43
C THR D 40 -38.89 17.94 -26.24
N LYS D 41 -37.93 18.81 -26.51
CA LYS D 41 -38.16 19.99 -27.35
C LYS D 41 -37.73 19.72 -28.79
N LYS D 42 -36.89 18.71 -28.98
CA LYS D 42 -36.33 18.38 -30.31
C LYS D 42 -37.35 17.73 -31.24
N THR D 43 -37.17 17.97 -32.55
CA THR D 43 -37.94 17.28 -33.58
C THR D 43 -37.41 15.85 -33.71
N ASP D 44 -38.21 14.96 -34.27
CA ASP D 44 -37.82 13.57 -34.52
C ASP D 44 -36.53 13.44 -35.33
N GLU D 45 -36.29 14.42 -36.22
CA GLU D 45 -35.07 14.49 -37.01
C GLU D 45 -33.82 14.76 -36.16
N GLU D 46 -33.97 15.63 -35.17
CA GLU D 46 -32.87 15.98 -34.27
C GLU D 46 -32.56 14.85 -33.29
N LEU D 47 -33.60 14.16 -32.83
CA LEU D 47 -33.45 12.98 -31.99
C LEU D 47 -32.77 11.84 -32.75
N LYS D 48 -33.14 11.68 -34.01
CA LYS D 48 -32.51 10.72 -34.92
C LYS D 48 -31.01 10.98 -35.04
N GLN D 49 -30.65 12.25 -35.21
CA GLN D 49 -29.26 12.66 -35.36
C GLN D 49 -28.42 12.45 -34.10
N VAL D 50 -29.00 12.75 -32.94
CA VAL D 50 -28.36 12.47 -31.65
C VAL D 50 -28.04 10.97 -31.53
N LEU D 51 -29.02 10.13 -31.86
CA LEU D 51 -28.85 8.67 -31.81
C LEU D 51 -27.80 8.16 -32.79
N SER D 52 -27.79 8.75 -33.99
CA SER D 52 -26.82 8.41 -35.02
C SER D 52 -25.39 8.68 -34.55
N GLN D 53 -25.18 9.85 -33.96
CA GLN D 53 -23.86 10.21 -33.45
C GLN D 53 -23.41 9.30 -32.31
N LEU D 54 -24.32 9.05 -31.36
CA LEU D 54 -24.02 8.14 -30.23
C LEU D 54 -23.59 6.76 -30.72
N GLY D 55 -24.25 6.27 -31.77
CA GLY D 55 -23.90 5.01 -32.41
C GLY D 55 -22.51 5.02 -33.02
N ARG D 56 -22.17 6.11 -33.70
CA ARG D 56 -20.85 6.28 -34.31
C ARG D 56 -19.72 6.26 -33.28
N VAL D 57 -19.94 6.92 -32.15
CA VAL D 57 -18.98 6.97 -31.05
C VAL D 57 -18.72 5.57 -30.47
N ILE D 58 -19.80 4.85 -30.15
CA ILE D 58 -19.67 3.51 -29.60
C ILE D 58 -18.94 2.59 -30.59
N GLU D 59 -19.33 2.65 -31.85
CA GLU D 59 -18.73 1.85 -32.93
C GLU D 59 -17.21 2.07 -33.05
N GLU D 60 -16.79 3.33 -33.00
CA GLU D 60 -15.38 3.67 -33.15
C GLU D 60 -14.58 3.37 -31.88
N ARG D 61 -15.14 3.70 -30.72
CA ARG D 61 -14.42 3.64 -29.46
C ARG D 61 -14.44 2.28 -28.79
N TRP D 62 -15.57 1.60 -28.84
CA TRP D 62 -15.72 0.27 -28.22
C TRP D 62 -16.33 -0.73 -29.20
N PRO D 63 -15.53 -1.16 -30.20
CA PRO D 63 -16.03 -2.05 -31.26
C PRO D 63 -16.64 -3.35 -30.74
N LYS D 64 -16.07 -3.91 -29.67
CA LYS D 64 -16.62 -5.15 -29.11
C LYS D 64 -18.00 -4.93 -28.50
N TYR D 65 -18.21 -3.80 -27.85
CA TYR D 65 -19.54 -3.49 -27.30
C TYR D 65 -20.55 -3.16 -28.39
N TYR D 66 -20.08 -2.52 -29.46
CA TYR D 66 -20.97 -2.21 -30.58
C TYR D 66 -21.43 -3.47 -31.32
N GLU D 67 -20.54 -4.44 -31.46
CA GLU D 67 -20.89 -5.71 -32.11
C GLU D 67 -21.90 -6.51 -31.27
N GLU D 68 -21.79 -6.42 -29.95
CA GLU D 68 -22.79 -6.97 -29.04
C GLU D 68 -24.13 -6.25 -29.22
N ILE D 69 -24.08 -4.93 -29.34
CA ILE D 69 -25.28 -4.15 -29.61
C ILE D 69 -25.94 -4.53 -30.94
N ARG D 70 -25.14 -4.75 -31.98
CA ARG D 70 -25.65 -5.22 -33.27
C ARG D 70 -26.28 -6.61 -33.13
N GLY D 71 -25.65 -7.46 -32.32
CA GLY D 71 -26.18 -8.79 -32.00
C GLY D 71 -27.54 -8.72 -31.34
N ILE D 72 -27.68 -7.83 -30.34
CA ILE D 72 -28.97 -7.60 -29.68
C ILE D 72 -30.00 -7.14 -30.70
N ALA D 73 -29.61 -6.21 -31.57
CA ALA D 73 -30.49 -5.70 -32.64
C ALA D 73 -31.01 -6.81 -33.55
N LYS D 74 -30.12 -7.67 -34.02
CA LYS D 74 -30.49 -8.76 -34.94
C LYS D 74 -31.33 -9.82 -34.25
N GLY D 75 -31.07 -10.03 -32.96
CA GLY D 75 -31.80 -11.02 -32.17
C GLY D 75 -33.20 -10.61 -31.79
N ALA D 76 -33.36 -9.33 -31.44
CA ALA D 76 -34.67 -8.78 -31.03
C ALA D 76 -35.46 -8.24 -32.24
N GLU D 77 -34.86 -8.34 -33.42
CA GLU D 77 -35.45 -7.86 -34.68
C GLU D 77 -35.75 -6.35 -34.65
N ARG D 78 -34.79 -5.57 -34.17
CA ARG D 78 -34.92 -4.11 -34.08
C ARG D 78 -33.77 -3.42 -34.81
N ASP D 79 -33.88 -2.12 -35.04
CA ASP D 79 -32.79 -1.34 -35.61
C ASP D 79 -31.72 -1.12 -34.55
N VAL D 80 -30.46 -1.14 -34.97
CA VAL D 80 -29.33 -0.90 -34.08
C VAL D 80 -29.54 0.39 -33.27
N SER D 81 -30.04 1.44 -33.94
CA SER D 81 -30.31 2.73 -33.30
C SER D 81 -31.22 2.63 -32.08
N GLU D 82 -32.19 1.72 -32.14
CA GLU D 82 -33.11 1.49 -31.03
C GLU D 82 -32.42 0.87 -29.81
N ILE D 83 -31.46 -0.03 -30.06
CA ILE D 83 -30.68 -0.62 -28.97
C ILE D 83 -29.69 0.41 -28.41
N VAL D 84 -29.08 1.20 -29.29
CA VAL D 84 -28.23 2.31 -28.85
C VAL D 84 -29.01 3.24 -27.92
N MET D 85 -30.25 3.56 -28.30
CA MET D 85 -31.14 4.37 -27.47
C MET D 85 -31.31 3.81 -26.06
N LEU D 86 -31.58 2.51 -25.96
CA LEU D 86 -31.74 1.87 -24.65
C LEU D 86 -30.48 1.98 -23.80
N ASN D 87 -29.32 1.91 -24.46
CA ASN D 87 -28.04 1.91 -23.76
C ASN D 87 -27.49 3.30 -23.43
N THR D 88 -28.20 4.34 -23.86
CA THR D 88 -27.72 5.70 -23.70
C THR D 88 -28.75 6.66 -23.11
N ARG D 89 -29.59 6.18 -22.20
CA ARG D 89 -30.66 7.04 -21.63
C ARG D 89 -30.15 8.32 -20.96
N THR D 90 -29.07 8.23 -20.18
CA THR D 90 -28.55 9.43 -19.51
C THR D 90 -28.08 10.47 -20.54
N GLU D 91 -27.61 9.98 -21.69
CA GLU D 91 -27.12 10.85 -22.76
C GLU D 91 -28.24 11.32 -23.70
N PHE D 92 -29.07 10.37 -24.13
CA PHE D 92 -30.15 10.65 -25.09
C PHE D 92 -31.30 11.44 -24.46
N ALA D 93 -31.61 11.15 -23.19
CA ALA D 93 -32.66 11.86 -22.47
C ALA D 93 -32.11 12.93 -21.53
N TYR D 94 -30.90 13.41 -21.84
CA TYR D 94 -30.28 14.49 -21.08
C TYR D 94 -31.22 15.68 -20.92
N GLY D 95 -31.41 16.11 -19.67
CA GLY D 95 -32.17 17.32 -19.36
C GLY D 95 -33.68 17.11 -19.24
N LEU D 96 -34.13 15.88 -19.42
CA LEU D 96 -35.55 15.54 -19.27
C LEU D 96 -35.78 14.97 -17.88
N LYS D 97 -36.35 15.78 -17.00
CA LYS D 97 -36.48 15.42 -15.58
C LYS D 97 -37.40 14.22 -15.35
N ALA D 98 -38.38 14.06 -16.24
CA ALA D 98 -39.28 12.90 -16.22
C ALA D 98 -38.55 11.57 -16.40
N ALA D 99 -37.43 11.58 -17.12
CA ALA D 99 -36.70 10.35 -17.41
C ALA D 99 -35.73 9.92 -16.31
N ARG D 100 -35.73 10.59 -15.17
CA ARG D 100 -34.74 10.32 -14.11
C ARG D 100 -35.09 9.11 -13.25
N ASP D 101 -34.07 8.29 -12.98
CA ASP D 101 -34.19 7.20 -12.01
C ASP D 101 -33.60 7.63 -10.66
N GLY D 102 -33.75 6.78 -9.65
CA GLY D 102 -33.22 7.06 -8.31
C GLY D 102 -32.55 5.83 -7.72
N ALA D 103 -31.82 6.02 -6.62
CA ALA D 103 -31.10 4.93 -5.96
C ALA D 103 -30.64 5.29 -4.55
N THR D 104 -30.52 4.27 -3.71
CA THR D 104 -29.85 4.38 -2.42
C THR D 104 -28.85 3.23 -2.40
N THR D 105 -27.57 3.56 -2.15
CA THR D 105 -26.49 2.57 -2.20
C THR D 105 -25.62 2.66 -0.93
N ALA D 106 -25.13 1.51 -0.46
CA ALA D 106 -24.28 1.45 0.73
C ALA D 106 -23.25 0.33 0.65
N TYR D 107 -22.08 0.60 1.24
CA TYR D 107 -21.02 -0.40 1.46
C TYR D 107 -20.61 -0.30 2.92
N CYS D 108 -20.49 -1.45 3.60
CA CYS D 108 -20.00 -1.49 4.98
C CYS D 108 -18.89 -2.53 5.11
N GLN D 109 -17.71 -2.09 5.53
CA GLN D 109 -16.65 -3.05 5.87
C GLN D 109 -16.97 -3.69 7.21
N LEU D 110 -16.79 -5.00 7.29
CA LEU D 110 -17.17 -5.77 8.47
C LEU D 110 -16.15 -6.88 8.65
N PRO D 111 -15.87 -7.28 9.92
CA PRO D 111 -14.81 -8.28 10.17
C PRO D 111 -15.14 -9.68 9.66
N ASN D 112 -16.42 -9.96 9.39
N ASN D 112 -16.43 -9.92 9.38
CA ASN D 112 -16.80 -11.25 8.81
CA ASN D 112 -16.97 -11.16 8.82
C ASN D 112 -17.16 -11.12 7.32
C ASN D 112 -16.98 -11.19 7.30
N GLY D 113 -16.65 -10.06 6.69
CA GLY D 113 -16.83 -9.86 5.25
C GLY D 113 -17.73 -8.66 4.97
N ALA D 114 -17.30 -7.81 4.03
CA ALA D 114 -18.05 -6.60 3.69
C ALA D 114 -19.41 -6.90 3.08
N LEU D 115 -20.35 -5.97 3.28
CA LEU D 115 -21.66 -6.03 2.67
C LEU D 115 -21.88 -4.77 1.83
N GLN D 116 -22.49 -4.94 0.67
CA GLN D 116 -22.68 -3.85 -0.28
C GLN D 116 -24.05 -4.07 -0.93
N GLY D 117 -24.76 -2.98 -1.24
CA GLY D 117 -26.05 -3.16 -1.90
C GLY D 117 -26.69 -1.87 -2.34
N GLN D 118 -27.82 -2.00 -3.04
CA GLN D 118 -28.62 -0.83 -3.40
C GLN D 118 -30.08 -1.20 -3.62
N ASN D 119 -30.91 -0.17 -3.52
CA ASN D 119 -32.23 -0.15 -4.13
C ASN D 119 -32.13 0.68 -5.39
N TRP D 120 -32.88 0.29 -6.42
CA TRP D 120 -32.96 1.08 -7.63
C TRP D 120 -34.42 1.42 -7.90
N ASP D 121 -34.69 2.71 -8.09
CA ASP D 121 -36.06 3.24 -8.18
C ASP D 121 -36.36 3.82 -9.56
N PHE D 122 -37.53 3.51 -10.11
CA PHE D 122 -37.95 4.00 -11.41
C PHE D 122 -39.45 3.75 -11.55
N PHE D 123 -40.02 4.03 -12.73
CA PHE D 123 -41.45 3.81 -12.98
C PHE D 123 -41.85 2.35 -12.77
N SER D 124 -42.92 2.13 -12.00
CA SER D 124 -43.45 0.79 -11.69
C SER D 124 -43.70 -0.06 -12.93
N ALA D 125 -44.18 0.58 -14.00
CA ALA D 125 -44.48 -0.07 -15.27
C ALA D 125 -43.29 -0.78 -15.93
N THR D 126 -42.07 -0.41 -15.55
CA THR D 126 -40.85 -0.98 -16.15
C THR D 126 -40.28 -2.17 -15.38
N LYS D 127 -40.81 -2.45 -14.19
CA LYS D 127 -40.35 -3.58 -13.38
C LYS D 127 -40.41 -4.90 -14.14
N GLU D 128 -41.47 -5.10 -14.92
CA GLU D 128 -41.62 -6.30 -15.75
C GLU D 128 -40.59 -6.40 -16.89
N ASN D 129 -39.80 -5.33 -17.07
CA ASN D 129 -38.76 -5.30 -18.10
C ASN D 129 -37.35 -5.61 -17.59
N LEU D 130 -37.24 -5.82 -16.28
CA LEU D 130 -35.96 -6.20 -15.67
C LEU D 130 -35.67 -7.65 -16.01
N ILE D 131 -34.46 -7.92 -16.47
CA ILE D 131 -34.02 -9.28 -16.74
C ILE D 131 -32.65 -9.45 -16.09
N ARG D 132 -32.15 -10.67 -16.08
CA ARG D 132 -30.76 -10.88 -15.69
C ARG D 132 -29.99 -11.69 -16.71
N LEU D 133 -28.70 -11.35 -16.82
CA LEU D 133 -27.81 -11.96 -17.78
C LEU D 133 -26.63 -12.61 -17.07
N THR D 134 -26.23 -13.77 -17.57
CA THR D 134 -24.91 -14.33 -17.27
C THR D 134 -24.12 -14.25 -18.58
N ILE D 135 -23.02 -13.51 -18.55
CA ILE D 135 -22.18 -13.35 -19.74
C ILE D 135 -20.81 -13.95 -19.49
N ARG D 136 -20.47 -14.94 -20.32
CA ARG D 136 -19.17 -15.62 -20.26
C ARG D 136 -18.36 -15.20 -21.48
N GLN D 137 -17.14 -14.73 -21.24
CA GLN D 137 -16.22 -14.35 -22.30
C GLN D 137 -14.86 -14.93 -21.95
N ALA D 138 -14.33 -15.79 -22.81
CA ALA D 138 -13.06 -16.48 -22.55
C ALA D 138 -11.95 -15.53 -22.11
N GLY D 139 -11.39 -15.78 -20.93
CA GLY D 139 -10.31 -14.94 -20.40
C GLY D 139 -10.71 -13.71 -19.62
N LEU D 140 -12.01 -13.39 -19.59
CA LEU D 140 -12.52 -12.28 -18.79
C LEU D 140 -13.37 -12.83 -17.66
N PRO D 141 -13.57 -12.06 -16.57
CA PRO D 141 -14.47 -12.55 -15.51
C PRO D 141 -15.87 -12.77 -16.06
N THR D 142 -16.51 -13.85 -15.62
CA THR D 142 -17.92 -14.09 -15.94
C THR D 142 -18.74 -13.08 -15.15
N ILE D 143 -19.75 -12.50 -15.81
CA ILE D 143 -20.55 -11.43 -15.22
C ILE D 143 -21.99 -11.89 -15.02
N LYS D 144 -22.57 -11.53 -13.87
CA LYS D 144 -24.00 -11.74 -13.61
C LYS D 144 -24.58 -10.41 -13.14
N PHE D 145 -25.54 -9.88 -13.89
CA PHE D 145 -26.13 -8.59 -13.54
C PHE D 145 -27.61 -8.46 -13.89
N ILE D 146 -28.27 -7.54 -13.18
CA ILE D 146 -29.68 -7.21 -13.38
C ILE D 146 -29.70 -6.00 -14.30
N THR D 147 -30.52 -6.06 -15.34
CA THR D 147 -30.54 -5.01 -16.35
C THR D 147 -31.96 -4.82 -16.88
N GLU D 148 -32.22 -3.64 -17.45
CA GLU D 148 -33.42 -3.44 -18.26
C GLU D 148 -33.12 -4.07 -19.62
N ALA D 149 -34.06 -4.84 -20.16
CA ALA D 149 -33.78 -5.63 -21.35
C ALA D 149 -33.16 -4.79 -22.48
N GLY D 150 -32.11 -5.34 -23.10
CA GLY D 150 -31.43 -4.67 -24.20
C GLY D 150 -30.21 -3.87 -23.79
N ILE D 151 -29.98 -3.72 -22.48
CA ILE D 151 -28.86 -2.93 -21.95
C ILE D 151 -27.65 -3.83 -21.60
N ILE D 152 -26.47 -3.42 -22.03
CA ILE D 152 -25.27 -4.27 -21.96
C ILE D 152 -24.46 -4.18 -20.65
N GLY D 153 -24.85 -3.26 -19.78
CA GLY D 153 -24.15 -3.08 -18.50
C GLY D 153 -25.05 -2.35 -17.53
N LYS D 154 -25.22 -2.90 -16.33
CA LYS D 154 -26.01 -2.23 -15.31
C LYS D 154 -25.50 -2.54 -13.91
N VAL D 155 -26.26 -3.32 -13.13
CA VAL D 155 -25.95 -3.54 -11.71
C VAL D 155 -25.72 -5.03 -11.46
N GLY D 156 -24.53 -5.39 -11.00
CA GLY D 156 -24.25 -6.79 -10.72
C GLY D 156 -22.83 -7.01 -10.28
N PHE D 157 -22.35 -8.23 -10.45
CA PHE D 157 -21.00 -8.59 -9.99
C PHE D 157 -20.37 -9.62 -10.90
N ASN D 158 -19.10 -9.92 -10.67
CA ASN D 158 -18.39 -10.85 -11.53
C ASN D 158 -17.61 -11.91 -10.76
N SER D 159 -17.04 -12.86 -11.49
CA SER D 159 -16.37 -14.01 -10.87
C SER D 159 -15.06 -13.63 -10.16
N ALA D 160 -14.56 -12.43 -10.45
CA ALA D 160 -13.37 -11.91 -9.75
C ALA D 160 -13.75 -11.20 -8.44
N GLY D 161 -15.05 -11.14 -8.15
CA GLY D 161 -15.55 -10.52 -6.93
C GLY D 161 -15.82 -9.03 -7.01
N VAL D 162 -15.72 -8.45 -8.20
CA VAL D 162 -16.05 -7.04 -8.38
C VAL D 162 -17.57 -6.86 -8.44
N ALA D 163 -18.12 -6.01 -7.56
CA ALA D 163 -19.55 -5.70 -7.50
C ALA D 163 -19.79 -4.23 -7.82
N VAL D 164 -20.82 -3.97 -8.62
CA VAL D 164 -21.05 -2.63 -9.16
C VAL D 164 -22.46 -2.15 -8.83
N ASN D 165 -22.57 -0.90 -8.38
CA ASN D 165 -23.86 -0.25 -8.17
C ASN D 165 -23.90 1.08 -8.92
N TYR D 166 -25.11 1.56 -9.17
CA TYR D 166 -25.34 2.73 -10.01
C TYR D 166 -26.35 3.65 -9.37
N ASN D 167 -26.02 4.93 -9.30
CA ASN D 167 -26.93 5.96 -8.82
C ASN D 167 -27.02 7.12 -9.79
N ALA D 168 -28.24 7.55 -10.07
CA ALA D 168 -28.44 8.76 -10.87
C ALA D 168 -27.81 9.98 -10.17
N LEU D 169 -27.23 10.88 -10.97
CA LEU D 169 -26.62 12.11 -10.45
C LEU D 169 -26.81 13.18 -11.51
N HIS D 170 -27.03 14.41 -11.06
CA HIS D 170 -27.53 15.45 -11.98
C HIS D 170 -26.66 16.70 -12.09
N LEU D 171 -25.40 16.48 -12.42
CA LEU D 171 -24.49 17.58 -12.76
C LEU D 171 -24.66 17.98 -14.23
N GLN D 172 -24.57 19.27 -14.50
CA GLN D 172 -24.75 19.80 -15.85
C GLN D 172 -23.61 19.42 -16.80
N GLY D 173 -23.95 19.19 -18.06
CA GLY D 173 -22.98 18.98 -19.12
C GLY D 173 -23.22 17.72 -19.92
N LEU D 174 -23.09 17.83 -21.23
CA LEU D 174 -23.20 16.66 -22.10
C LEU D 174 -22.11 16.69 -23.16
N ARG D 175 -21.37 15.59 -23.23
CA ARG D 175 -20.32 15.42 -24.24
C ARG D 175 -20.61 14.10 -24.95
N PRO D 176 -21.28 14.16 -26.12
CA PRO D 176 -21.67 12.94 -26.83
C PRO D 176 -20.50 12.06 -27.31
N THR D 177 -19.27 12.60 -27.31
CA THR D 177 -18.09 11.81 -27.67
C THR D 177 -17.42 11.18 -26.44
N GLY D 178 -17.97 11.46 -25.26
CA GLY D 178 -17.47 10.88 -24.00
C GLY D 178 -18.01 9.48 -23.75
N VAL D 179 -17.57 8.83 -22.68
CA VAL D 179 -18.09 7.49 -22.38
C VAL D 179 -19.49 7.52 -21.75
N PRO D 180 -20.45 6.82 -22.39
CA PRO D 180 -21.80 6.70 -21.82
C PRO D 180 -21.79 5.98 -20.48
N SER D 181 -22.69 6.37 -19.57
CA SER D 181 -22.68 5.83 -18.22
C SER D 181 -22.79 4.30 -18.14
N HIS D 182 -23.58 3.69 -19.03
CA HIS D 182 -23.75 2.23 -18.98
C HIS D 182 -22.63 1.47 -19.70
N ILE D 183 -21.90 2.15 -20.60
CA ILE D 183 -20.63 1.62 -21.09
C ILE D 183 -19.60 1.57 -19.96
N ALA D 184 -19.57 2.62 -19.12
CA ALA D 184 -18.69 2.62 -17.95
C ALA D 184 -19.03 1.49 -16.97
N LEU D 185 -20.33 1.22 -16.81
CA LEU D 185 -20.78 0.11 -15.97
C LEU D 185 -20.28 -1.23 -16.50
N ARG D 186 -20.39 -1.44 -17.81
CA ARG D 186 -19.90 -2.67 -18.41
C ARG D 186 -18.38 -2.80 -18.26
N ILE D 187 -17.66 -1.70 -18.47
CA ILE D 187 -16.21 -1.67 -18.28
C ILE D 187 -15.86 -2.13 -16.85
N ALA D 188 -16.58 -1.58 -15.87
CA ALA D 188 -16.35 -1.98 -14.47
C ALA D 188 -16.65 -3.47 -14.23
N LEU D 189 -17.74 -3.96 -14.82
CA LEU D 189 -18.15 -5.36 -14.66
C LEU D 189 -17.17 -6.35 -15.31
N GLU D 190 -16.36 -5.86 -16.25
CA GLU D 190 -15.36 -6.69 -16.91
C GLU D 190 -13.98 -6.62 -16.25
N SER D 191 -13.87 -5.87 -15.15
CA SER D 191 -12.59 -5.64 -14.48
C SER D 191 -12.31 -6.70 -13.42
N THR D 192 -11.03 -6.93 -13.13
CA THR D 192 -10.65 -7.97 -12.15
C THR D 192 -10.50 -7.45 -10.72
N SER D 193 -10.59 -6.13 -10.54
CA SER D 193 -10.56 -5.48 -9.22
C SER D 193 -11.18 -4.08 -9.30
N PRO D 194 -11.63 -3.53 -8.16
CA PRO D 194 -12.09 -2.14 -8.13
C PRO D 194 -11.02 -1.15 -8.60
N SER D 195 -9.77 -1.40 -8.19
N SER D 195 -9.76 -1.39 -8.20
CA SER D 195 -8.62 -0.62 -8.64
CA SER D 195 -8.64 -0.59 -8.65
C SER D 195 -8.58 -0.56 -10.16
C SER D 195 -8.52 -0.57 -10.17
N GLN D 196 -8.65 -1.74 -10.80
CA GLN D 196 -8.61 -1.84 -12.24
C GLN D 196 -9.83 -1.17 -12.89
N ALA D 197 -11.01 -1.31 -12.26
CA ALA D 197 -12.24 -0.66 -12.74
C ALA D 197 -12.08 0.87 -12.77
N TYR D 198 -11.54 1.42 -11.69
CA TYR D 198 -11.26 2.87 -11.65
C TYR D 198 -10.33 3.28 -12.79
N ASP D 199 -9.19 2.59 -12.90
CA ASP D 199 -8.19 2.87 -13.93
C ASP D 199 -8.82 2.85 -15.32
N ARG D 200 -9.63 1.84 -15.59
CA ARG D 200 -10.18 1.63 -16.92
C ARG D 200 -11.25 2.66 -17.29
N ILE D 201 -12.00 3.13 -16.30
CA ILE D 201 -12.95 4.22 -16.53
C ILE D 201 -12.21 5.53 -16.79
N VAL D 202 -11.24 5.85 -15.93
CA VAL D 202 -10.41 7.06 -16.11
C VAL D 202 -9.67 7.04 -17.45
N GLU D 203 -9.15 5.86 -17.82
CA GLU D 203 -8.45 5.66 -19.10
C GLU D 203 -9.22 6.14 -20.34
N GLN D 204 -10.55 6.19 -20.25
CA GLN D 204 -11.41 6.64 -21.36
C GLN D 204 -11.28 8.14 -21.62
N GLY D 205 -10.81 8.90 -20.63
CA GLY D 205 -10.47 10.31 -20.83
C GLY D 205 -11.64 11.27 -20.80
N GLY D 206 -12.78 10.83 -20.25
CA GLY D 206 -13.88 11.74 -20.01
C GLY D 206 -15.26 11.16 -20.21
N MET D 207 -16.15 11.50 -19.30
CA MET D 207 -17.50 10.95 -19.23
C MET D 207 -18.44 11.76 -20.12
N ALA D 208 -19.47 11.10 -20.65
CA ALA D 208 -20.42 11.75 -21.54
C ALA D 208 -21.42 12.61 -20.79
N ALA D 209 -21.82 12.16 -19.61
CA ALA D 209 -22.85 12.85 -18.84
C ALA D 209 -22.53 12.69 -17.36
N SER D 210 -23.53 12.89 -16.52
CA SER D 210 -23.36 12.76 -15.09
C SER D 210 -24.03 11.50 -14.53
N ALA D 211 -23.33 10.84 -13.60
CA ALA D 211 -23.86 9.72 -12.81
C ALA D 211 -22.93 9.42 -11.63
N PHE D 212 -23.31 8.41 -10.84
CA PHE D 212 -22.47 7.88 -9.77
C PHE D 212 -22.35 6.37 -9.92
N ILE D 213 -21.12 5.88 -9.80
CA ILE D 213 -20.87 4.44 -9.84
C ILE D 213 -20.12 4.03 -8.59
N MET D 214 -20.54 2.94 -7.97
CA MET D 214 -19.79 2.35 -6.87
C MET D 214 -19.24 0.99 -7.30
N VAL D 215 -17.98 0.76 -6.96
CA VAL D 215 -17.30 -0.50 -7.30
C VAL D 215 -16.61 -1.01 -6.03
N GLY D 216 -16.87 -2.27 -5.68
CA GLY D 216 -16.29 -2.83 -4.47
C GLY D 216 -15.99 -4.31 -4.56
N ASN D 217 -15.06 -4.76 -3.73
CA ASN D 217 -14.91 -6.19 -3.46
C ASN D 217 -14.77 -6.36 -1.96
N GLY D 218 -14.27 -7.51 -1.49
CA GLY D 218 -14.14 -7.68 -0.05
C GLY D 218 -13.08 -6.81 0.62
N HIS D 219 -12.18 -6.25 -0.19
CA HIS D 219 -10.97 -5.61 0.33
C HIS D 219 -10.97 -4.09 0.19
N GLU D 220 -11.57 -3.60 -0.89
CA GLU D 220 -11.55 -2.16 -1.23
C GLU D 220 -12.87 -1.75 -1.90
N ALA D 221 -13.19 -0.47 -1.83
CA ALA D 221 -14.38 0.07 -2.51
C ALA D 221 -14.21 1.56 -2.76
N PHE D 222 -14.79 2.05 -3.84
CA PHE D 222 -14.82 3.49 -4.10
C PHE D 222 -16.13 3.84 -4.77
N GLY D 223 -16.50 5.11 -4.64
CA GLY D 223 -17.57 5.68 -5.46
C GLY D 223 -16.97 6.73 -6.37
N LEU D 224 -17.58 6.93 -7.52
CA LEU D 224 -17.21 7.99 -8.45
C LEU D 224 -18.42 8.87 -8.72
N GLU D 225 -18.30 10.16 -8.37
CA GLU D 225 -19.26 11.17 -8.81
C GLU D 225 -18.66 11.88 -10.01
N PHE D 226 -19.37 11.92 -11.12
CA PHE D 226 -18.79 12.51 -12.33
C PHE D 226 -19.74 13.34 -13.18
N SER D 227 -19.12 14.21 -13.97
CA SER D 227 -19.76 14.95 -15.06
C SER D 227 -18.71 14.98 -16.18
N PRO D 228 -19.06 15.53 -17.37
CA PRO D 228 -18.05 15.67 -18.41
C PRO D 228 -16.82 16.49 -18.00
N THR D 229 -16.93 17.27 -16.92
CA THR D 229 -15.82 18.14 -16.49
C THR D 229 -15.38 17.90 -15.04
N SER D 230 -15.71 16.73 -14.49
CA SER D 230 -15.35 16.40 -13.10
C SER D 230 -15.46 14.91 -12.83
N ILE D 231 -14.40 14.33 -12.27
CA ILE D 231 -14.43 12.93 -11.83
C ILE D 231 -13.85 12.89 -10.42
N ARG D 232 -14.71 12.67 -9.43
CA ARG D 232 -14.28 12.71 -8.03
C ARG D 232 -14.56 11.41 -7.31
N LYS D 233 -13.61 11.00 -6.47
CA LYS D 233 -13.66 9.69 -5.84
C LYS D 233 -14.15 9.77 -4.40
N GLN D 234 -15.14 8.95 -4.07
CA GLN D 234 -15.62 8.77 -2.70
C GLN D 234 -14.90 7.56 -2.11
N VAL D 235 -14.49 7.68 -0.84
CA VAL D 235 -13.84 6.57 -0.14
C VAL D 235 -14.57 6.24 1.16
N LEU D 236 -14.21 5.11 1.76
CA LEU D 236 -14.79 4.73 3.05
C LEU D 236 -14.54 5.81 4.11
N ASP D 237 -15.53 6.00 4.98
CA ASP D 237 -15.40 6.95 6.08
C ASP D 237 -14.73 6.29 7.28
N ALA D 238 -14.68 7.01 8.40
CA ALA D 238 -14.02 6.52 9.62
C ALA D 238 -14.59 5.21 10.16
N ASN D 239 -15.85 4.92 9.85
CA ASN D 239 -16.51 3.69 10.30
C ASN D 239 -16.48 2.56 9.26
N GLY D 240 -15.72 2.76 8.18
CA GLY D 240 -15.62 1.79 7.08
C GLY D 240 -16.86 1.73 6.18
N ARG D 241 -17.59 2.84 6.08
CA ARG D 241 -18.85 2.91 5.31
C ARG D 241 -18.83 3.93 4.17
N MET D 242 -19.61 3.64 3.13
CA MET D 242 -19.94 4.64 2.10
C MET D 242 -21.45 4.59 1.90
N VAL D 243 -22.08 5.76 1.86
CA VAL D 243 -23.51 5.83 1.50
C VAL D 243 -23.67 6.83 0.35
N HIS D 244 -24.51 6.51 -0.63
CA HIS D 244 -24.82 7.45 -1.70
C HIS D 244 -26.26 7.39 -2.15
N THR D 245 -26.83 8.56 -2.44
CA THR D 245 -28.18 8.62 -2.97
C THR D 245 -28.15 9.29 -4.35
N ASN D 246 -28.82 10.43 -4.54
CA ASN D 246 -28.86 11.06 -5.86
C ASN D 246 -28.43 12.53 -5.89
N HIS D 247 -27.53 12.90 -4.97
CA HIS D 247 -26.95 14.23 -4.97
C HIS D 247 -25.46 14.19 -4.65
N CYS D 248 -24.76 15.27 -4.99
CA CYS D 248 -23.30 15.35 -4.81
C CYS D 248 -22.89 15.48 -3.36
N LEU D 249 -22.02 14.57 -2.92
CA LEU D 249 -21.46 14.60 -1.57
C LEU D 249 -20.04 15.16 -1.57
N LEU D 250 -19.41 15.18 -2.74
CA LEU D 250 -17.98 15.52 -2.84
C LEU D 250 -17.77 16.94 -3.35
N GLN D 251 -16.56 17.46 -3.14
CA GLN D 251 -16.24 18.85 -3.41
C GLN D 251 -15.87 19.09 -4.88
N HIS D 252 -16.88 19.22 -5.72
CA HIS D 252 -16.66 19.55 -7.13
C HIS D 252 -16.36 21.06 -7.22
N GLY D 253 -15.79 21.49 -8.33
CA GLY D 253 -15.48 22.92 -8.53
C GLY D 253 -16.74 23.78 -8.51
N LYS D 254 -16.58 25.06 -8.16
CA LYS D 254 -17.70 26.02 -8.14
C LYS D 254 -18.38 26.19 -9.51
N ASN D 255 -17.68 25.79 -10.56
CA ASN D 255 -18.22 25.80 -11.93
C ASN D 255 -19.19 24.65 -12.22
N GLU D 256 -19.14 23.61 -11.40
CA GLU D 256 -20.06 22.46 -11.52
C GLU D 256 -21.41 22.84 -10.93
N LYS D 257 -22.46 22.49 -11.67
CA LYS D 257 -23.82 22.87 -11.29
C LYS D 257 -24.74 21.65 -11.19
N GLU D 258 -25.32 21.46 -10.01
CA GLU D 258 -26.27 20.39 -9.76
C GLU D 258 -27.68 20.86 -10.16
N LEU D 259 -28.34 20.06 -10.99
CA LEU D 259 -29.62 20.47 -11.60
C LEU D 259 -30.87 19.86 -10.93
N ASP D 260 -31.47 20.62 -10.01
CA ASP D 260 -32.75 20.27 -9.38
C ASP D 260 -32.81 18.81 -8.89
N PRO D 261 -31.99 18.47 -7.87
CA PRO D 261 -32.05 17.12 -7.36
C PRO D 261 -33.24 16.95 -6.43
N LEU D 262 -33.69 15.70 -6.28
CA LEU D 262 -34.77 15.38 -5.35
C LEU D 262 -34.43 15.84 -3.94
N PRO D 263 -35.32 16.63 -3.30
CA PRO D 263 -35.11 16.98 -1.89
C PRO D 263 -34.93 15.76 -0.98
N ASP D 264 -35.66 14.68 -1.27
CA ASP D 264 -35.57 13.45 -0.49
C ASP D 264 -34.22 12.72 -0.61
N SER D 265 -33.40 13.11 -1.58
CA SER D 265 -32.04 12.56 -1.70
C SER D 265 -31.20 12.83 -0.44
N TRP D 266 -31.43 13.98 0.19
CA TRP D 266 -30.83 14.33 1.47
C TRP D 266 -31.42 13.52 2.62
N ASN D 267 -32.76 13.45 2.68
CA ASN D 267 -33.44 12.67 3.71
C ASN D 267 -32.99 11.21 3.72
N ARG D 268 -32.94 10.60 2.54
CA ARG D 268 -32.54 9.20 2.40
C ARG D 268 -31.09 8.95 2.79
N HIS D 269 -30.19 9.83 2.35
CA HIS D 269 -28.77 9.71 2.71
C HIS D 269 -28.60 9.81 4.23
N GLN D 270 -29.25 10.81 4.83
CA GLN D 270 -29.20 11.03 6.27
C GLN D 270 -29.78 9.84 7.03
N ARG D 271 -30.88 9.29 6.51
CA ARG D 271 -31.56 8.15 7.14
C ARG D 271 -30.69 6.89 7.10
N MET D 272 -30.08 6.61 5.95
CA MET D 272 -29.23 5.42 5.82
C MET D 272 -28.02 5.50 6.75
N GLU D 273 -27.43 6.69 6.89
CA GLU D 273 -26.30 6.87 7.82
C GLU D 273 -26.71 6.64 9.27
N PHE D 274 -27.91 7.10 9.61
CA PHE D 274 -28.49 6.87 10.94
C PHE D 274 -28.74 5.38 11.18
N LEU D 275 -29.32 4.70 10.21
CA LEU D 275 -29.62 3.28 10.31
C LEU D 275 -28.34 2.46 10.45
N LEU D 276 -27.31 2.83 9.68
CA LEU D 276 -26.03 2.12 9.72
C LEU D 276 -25.30 2.33 11.04
N ASP D 277 -25.60 3.45 11.71
CA ASP D 277 -25.04 3.74 13.02
C ASP D 277 -25.58 2.78 14.08
N GLY D 278 -26.82 2.33 13.91
CA GLY D 278 -27.45 1.38 14.84
C GLY D 278 -27.37 -0.08 14.39
N PHE D 279 -26.74 -0.28 13.23
CA PHE D 279 -26.64 -1.58 12.53
C PHE D 279 -25.68 -2.57 13.24
N ASP D 280 -26.17 -3.76 13.56
CA ASP D 280 -25.39 -4.76 14.32
C ASP D 280 -24.34 -5.55 13.53
N GLY D 281 -24.35 -5.38 12.22
CA GLY D 281 -23.37 -6.03 11.35
C GLY D 281 -23.89 -7.26 10.62
N THR D 282 -25.02 -7.81 11.08
CA THR D 282 -25.53 -9.06 10.53
C THR D 282 -26.12 -8.91 9.13
N LYS D 283 -26.04 -9.99 8.36
CA LYS D 283 -26.65 -10.06 7.04
C LYS D 283 -28.16 -9.81 7.10
N GLN D 284 -28.84 -10.42 8.07
CA GLN D 284 -30.27 -10.22 8.30
C GLN D 284 -30.64 -8.74 8.53
N ALA D 285 -29.86 -8.05 9.37
CA ALA D 285 -30.10 -6.63 9.67
C ALA D 285 -29.84 -5.75 8.47
N PHE D 286 -28.79 -6.09 7.71
CA PHE D 286 -28.45 -5.36 6.49
C PHE D 286 -29.57 -5.45 5.47
N ALA D 287 -30.12 -6.66 5.29
CA ALA D 287 -31.22 -6.86 4.36
C ALA D 287 -32.42 -6.01 4.72
N GLN D 288 -32.65 -5.85 6.03
CA GLN D 288 -33.81 -5.08 6.51
C GLN D 288 -33.69 -3.57 6.31
N LEU D 289 -32.47 -3.05 6.29
CA LEU D 289 -32.23 -1.63 6.01
C LEU D 289 -32.96 -1.14 4.75
N TRP D 290 -33.02 -2.00 3.74
CA TRP D 290 -33.52 -1.62 2.41
C TRP D 290 -35.04 -1.59 2.35
N ALA D 291 -35.68 -2.06 3.41
CA ALA D 291 -37.13 -2.05 3.51
C ALA D 291 -37.62 -0.84 4.32
N ASP D 292 -36.73 0.09 4.63
CA ASP D 292 -37.06 1.25 5.46
C ASP D 292 -38.08 2.16 4.77
N GLU D 293 -39.13 2.52 5.52
CA GLU D 293 -40.22 3.30 4.97
C GLU D 293 -40.41 4.66 5.65
N ASP D 294 -39.34 5.14 6.27
CA ASP D 294 -39.35 6.48 6.85
C ASP D 294 -39.43 7.52 5.74
N ASN D 295 -40.34 8.47 5.90
CA ASN D 295 -40.63 9.49 4.88
C ASN D 295 -41.32 8.93 3.63
N TYR D 296 -42.05 7.83 3.81
CA TYR D 296 -42.91 7.25 2.79
C TYR D 296 -43.78 8.37 2.20
N PRO D 297 -43.95 8.41 0.86
CA PRO D 297 -43.48 7.47 -0.16
C PRO D 297 -42.03 7.69 -0.68
N PHE D 298 -41.38 8.75 -0.20
CA PHE D 298 -40.05 9.13 -0.69
C PHE D 298 -38.92 8.36 0.01
N SER D 299 -39.29 7.23 0.61
CA SER D 299 -38.40 6.47 1.46
C SER D 299 -37.33 5.67 0.72
N ILE D 300 -36.37 5.15 1.50
CA ILE D 300 -35.34 4.25 0.97
C ILE D 300 -35.99 3.12 0.18
N CYS D 301 -37.02 2.51 0.78
CA CYS D 301 -37.89 1.60 0.04
C CYS D 301 -39.02 2.47 -0.53
N ARG D 302 -38.82 2.88 -1.79
CA ARG D 302 -39.66 3.90 -2.43
C ARG D 302 -40.96 3.32 -2.96
N ALA D 303 -42.02 4.13 -2.91
CA ALA D 303 -43.33 3.72 -3.41
C ALA D 303 -43.92 4.79 -4.31
N TYR D 304 -44.62 4.36 -5.35
CA TYR D 304 -45.37 5.29 -6.21
C TYR D 304 -46.55 5.86 -5.43
N GLU D 305 -46.71 7.18 -5.51
CA GLU D 305 -47.89 7.87 -5.01
C GLU D 305 -48.14 9.11 -5.87
N GLU D 306 -49.32 9.15 -6.50
CA GLU D 306 -49.67 10.24 -7.42
C GLU D 306 -49.66 11.61 -6.74
N GLY D 307 -48.97 12.57 -7.35
CA GLY D 307 -48.80 13.92 -6.80
C GLY D 307 -47.56 14.07 -5.94
N LYS D 308 -47.04 12.93 -5.47
CA LYS D 308 -45.88 12.92 -4.57
C LYS D 308 -44.67 12.26 -5.23
N SER D 309 -44.78 10.97 -5.51
CA SER D 309 -43.65 10.20 -6.02
C SER D 309 -43.97 9.51 -7.34
N ARG D 310 -43.12 9.74 -8.33
CA ARG D 310 -43.27 9.22 -9.68
C ARG D 310 -42.86 7.74 -9.78
N GLY D 311 -42.02 7.30 -8.86
CA GLY D 311 -41.42 5.98 -8.96
C GLY D 311 -41.43 5.16 -7.69
N ALA D 312 -40.94 3.93 -7.82
CA ALA D 312 -40.90 2.97 -6.74
C ALA D 312 -39.60 2.16 -6.82
N THR D 313 -39.21 1.58 -5.69
CA THR D 313 -38.09 0.62 -5.70
C THR D 313 -38.49 -0.61 -6.51
N LEU D 314 -37.72 -0.87 -7.56
CA LEU D 314 -38.04 -1.96 -8.49
C LEU D 314 -37.23 -3.24 -8.22
N PHE D 315 -36.04 -3.06 -7.63
CA PHE D 315 -35.28 -4.19 -7.10
C PHE D 315 -34.28 -3.77 -6.04
N ASN D 316 -33.85 -4.76 -5.27
CA ASN D 316 -32.80 -4.60 -4.27
C ASN D 316 -31.77 -5.68 -4.56
N ILE D 317 -30.49 -5.33 -4.40
CA ILE D 317 -29.41 -6.30 -4.52
C ILE D 317 -28.47 -6.17 -3.33
N ILE D 318 -27.99 -7.30 -2.82
CA ILE D 318 -27.03 -7.32 -1.72
C ILE D 318 -25.87 -8.25 -2.06
N TYR D 319 -24.67 -7.71 -2.02
CA TYR D 319 -23.47 -8.50 -2.29
C TYR D 319 -22.88 -8.93 -0.97
N ASP D 320 -22.78 -10.24 -0.80
CA ASP D 320 -22.11 -10.85 0.34
C ASP D 320 -20.70 -11.13 -0.13
N HIS D 321 -19.79 -10.20 0.13
CA HIS D 321 -18.45 -10.30 -0.41
C HIS D 321 -17.69 -11.53 0.10
N ALA D 322 -17.96 -11.95 1.32
CA ALA D 322 -17.25 -13.12 1.90
C ALA D 322 -17.53 -14.41 1.12
N ARG D 323 -18.76 -14.52 0.62
CA ARG D 323 -19.26 -15.76 -0.01
C ARG D 323 -19.33 -15.66 -1.54
N ARG D 324 -19.05 -14.49 -2.09
N ARG D 324 -19.04 -14.50 -2.10
CA ARG D 324 -19.23 -14.18 -3.52
CA ARG D 324 -19.23 -14.19 -3.53
C ARG D 324 -20.63 -14.57 -4.00
C ARG D 324 -20.63 -14.57 -4.00
N GLU D 325 -21.63 -14.11 -3.25
CA GLU D 325 -23.05 -14.34 -3.58
C GLU D 325 -23.77 -13.00 -3.63
N ALA D 326 -24.68 -12.86 -4.59
CA ALA D 326 -25.52 -11.67 -4.70
C ALA D 326 -27.00 -12.05 -4.54
N THR D 327 -27.61 -11.53 -3.49
CA THR D 327 -29.03 -11.80 -3.23
C THR D 327 -29.86 -10.68 -3.86
N VAL D 328 -30.78 -11.09 -4.73
CA VAL D 328 -31.64 -10.15 -5.45
C VAL D 328 -33.07 -10.34 -4.98
N ARG D 329 -33.70 -9.21 -4.65
N ARG D 329 -33.73 -9.21 -4.69
CA ARG D 329 -35.13 -9.19 -4.38
CA ARG D 329 -35.15 -9.20 -4.32
C ARG D 329 -35.74 -8.32 -5.44
C ARG D 329 -35.93 -8.27 -5.25
N LEU D 330 -36.77 -8.86 -6.10
CA LEU D 330 -37.52 -8.11 -7.11
C LEU D 330 -38.67 -7.36 -6.45
N GLY D 331 -38.91 -6.13 -6.89
CA GLY D 331 -39.98 -5.31 -6.33
C GLY D 331 -39.50 -4.55 -5.11
N ARG D 332 -40.43 -4.21 -4.22
CA ARG D 332 -40.10 -3.49 -3.00
C ARG D 332 -39.72 -4.48 -1.90
N PRO D 333 -38.55 -4.27 -1.25
CA PRO D 333 -38.06 -5.17 -0.18
C PRO D 333 -38.99 -5.33 1.03
N THR D 334 -39.95 -4.42 1.21
CA THR D 334 -41.01 -4.60 2.20
C THR D 334 -41.88 -5.84 1.93
N ASN D 335 -41.98 -6.20 0.65
CA ASN D 335 -42.78 -7.33 0.21
C ASN D 335 -42.33 -7.77 -1.19
N PRO D 336 -41.17 -8.46 -1.28
CA PRO D 336 -40.62 -8.73 -2.62
C PRO D 336 -41.45 -9.72 -3.45
N ASP D 337 -41.38 -9.58 -4.77
CA ASP D 337 -42.08 -10.46 -5.70
C ASP D 337 -41.40 -11.82 -5.76
N GLU D 338 -40.09 -11.81 -5.51
CA GLU D 338 -39.28 -13.03 -5.47
C GLU D 338 -37.89 -12.70 -4.93
N MET D 339 -37.15 -13.76 -4.59
CA MET D 339 -35.81 -13.62 -4.06
C MET D 339 -34.97 -14.79 -4.56
N PHE D 340 -33.78 -14.48 -5.07
CA PHE D 340 -32.86 -15.52 -5.49
C PHE D 340 -31.43 -15.11 -5.20
N VAL D 341 -30.54 -16.10 -5.19
CA VAL D 341 -29.12 -15.85 -4.93
C VAL D 341 -28.32 -16.21 -6.18
N MET D 342 -27.56 -15.25 -6.68
CA MET D 342 -26.69 -15.49 -7.84
C MET D 342 -25.31 -15.94 -7.33
N ARG D 343 -24.81 -17.05 -7.89
CA ARG D 343 -23.48 -17.60 -7.54
C ARG D 343 -22.78 -18.08 -8.81
N PHE D 344 -21.45 -18.12 -8.77
CA PHE D 344 -20.69 -18.60 -9.91
C PHE D 344 -20.39 -20.08 -9.78
N ASP D 345 -20.57 -20.82 -10.87
CA ASP D 345 -20.29 -22.25 -10.88
C ASP D 345 -19.00 -22.60 -11.62
N GLU D 346 -18.71 -23.90 -11.68
CA GLU D 346 -17.50 -24.42 -12.32
C GLU D 346 -17.31 -23.97 -13.77
N GLU D 347 -18.39 -24.00 -14.54
N GLU D 347 -18.39 -23.97 -14.55
CA GLU D 347 -18.39 -23.56 -15.94
CA GLU D 347 -18.30 -23.55 -15.95
C GLU D 347 -18.05 -22.06 -16.07
C GLU D 347 -18.06 -22.05 -16.08
N ASP D 348 -18.61 -21.27 -15.16
CA ASP D 348 -18.34 -19.81 -15.09
C ASP D 348 -16.86 -19.55 -14.82
N GLU D 349 -16.26 -20.34 -13.93
CA GLU D 349 -14.84 -20.24 -13.57
C GLU D 349 -13.96 -20.63 -14.76
N ARG D 350 -14.31 -21.73 -15.42
CA ARG D 350 -13.59 -22.24 -16.57
C ARG D 350 -13.46 -21.19 -17.69
N SER D 351 -14.55 -20.48 -17.96
CA SER D 351 -14.55 -19.40 -18.96
C SER D 351 -13.60 -18.27 -18.57
N ALA D 352 -13.65 -17.89 -17.29
CA ALA D 352 -12.81 -16.81 -16.75
C ALA D 352 -11.33 -17.15 -16.80
N LEU D 353 -11.01 -18.44 -16.72
CA LEU D 353 -9.63 -18.90 -16.78
C LEU D 353 -9.15 -19.20 -18.20
N ASN D 354 -10.07 -19.15 -19.16
CA ASN D 354 -9.78 -19.55 -20.53
C ASN D 354 -9.29 -21.02 -20.57
N ALA D 355 -9.98 -21.87 -19.81
CA ALA D 355 -9.64 -23.28 -19.71
C ALA D 355 -10.77 -24.13 -20.29
#